data_5KES
#
_entry.id   5KES
#
_entity_poly.entity_id   1
_entity_poly.type   'polypeptide(L)'
_entity_poly.pdbx_seq_one_letter_code
;GPLGSATLSDEAFIEQFRQELLNNQMLRSQLILQIPGLNDLVNDPLLFRERLGPLILQRRYGGYNTAMNPFGIPQDEYTR
LMANPDDPDNKKRIAELLDQQAIDEQLRNAIEYTPE
;
_entity_poly.pdbx_strand_id   A
#
# COMPACT_ATOMS: atom_id res chain seq x y z
N GLY A 1 15.76 -7.44 -22.45
CA GLY A 1 15.94 -6.26 -21.59
C GLY A 1 14.95 -6.26 -20.44
N PRO A 2 14.88 -5.18 -19.70
CA PRO A 2 13.96 -5.05 -18.54
C PRO A 2 12.54 -5.50 -18.88
N LEU A 3 11.87 -4.76 -19.76
CA LEU A 3 10.51 -5.08 -20.15
C LEU A 3 9.65 -5.37 -18.93
N GLY A 4 9.62 -4.43 -18.00
CA GLY A 4 8.84 -4.60 -16.78
C GLY A 4 7.37 -4.29 -17.03
N SER A 5 6.63 -4.05 -15.96
CA SER A 5 5.20 -3.74 -16.08
C SER A 5 4.67 -3.16 -14.77
N ALA A 6 5.50 -2.40 -14.09
CA ALA A 6 5.11 -1.80 -12.82
C ALA A 6 4.21 -0.58 -13.06
N THR A 7 2.91 -0.83 -13.17
CA THR A 7 1.96 0.25 -13.41
C THR A 7 0.53 -0.27 -13.32
N LEU A 8 0.30 -1.23 -12.43
CA LEU A 8 -1.02 -1.81 -12.27
C LEU A 8 -1.93 -0.85 -11.50
N SER A 9 -2.71 -0.07 -12.24
CA SER A 9 -3.62 0.88 -11.62
C SER A 9 -4.62 0.15 -10.73
N ASP A 10 -5.63 0.87 -10.25
CA ASP A 10 -6.65 0.27 -9.40
C ASP A 10 -7.40 -0.80 -10.17
N GLU A 11 -7.96 -0.42 -11.31
CA GLU A 11 -8.71 -1.36 -12.12
C GLU A 11 -7.78 -2.42 -12.71
N ALA A 12 -6.61 -2.00 -13.16
CA ALA A 12 -5.64 -2.93 -13.73
C ALA A 12 -5.20 -3.96 -12.70
N PHE A 13 -4.93 -3.50 -11.49
CA PHE A 13 -4.48 -4.40 -10.42
C PHE A 13 -5.66 -5.23 -9.90
N ILE A 14 -6.81 -4.60 -9.74
CA ILE A 14 -8.00 -5.29 -9.25
C ILE A 14 -8.55 -6.25 -10.31
N GLU A 15 -8.46 -5.83 -11.57
CA GLU A 15 -8.97 -6.66 -12.66
C GLU A 15 -8.11 -7.92 -12.81
N GLN A 16 -6.81 -7.76 -12.58
CA GLN A 16 -5.88 -8.90 -12.69
C GLN A 16 -5.96 -9.77 -11.44
N PHE A 17 -6.15 -9.12 -10.29
CA PHE A 17 -6.23 -9.84 -9.02
C PHE A 17 -7.39 -10.83 -9.06
N ARG A 18 -8.50 -10.42 -9.67
CA ARG A 18 -9.67 -11.28 -9.75
C ARG A 18 -9.35 -12.56 -10.52
N GLN A 19 -8.46 -12.45 -11.51
CA GLN A 19 -8.08 -13.60 -12.31
C GLN A 19 -7.20 -14.57 -11.51
N GLU A 20 -6.44 -14.04 -10.56
CA GLU A 20 -5.57 -14.88 -9.75
C GLU A 20 -6.41 -15.87 -8.93
N LEU A 21 -7.37 -15.34 -8.18
CA LEU A 21 -8.24 -16.18 -7.36
C LEU A 21 -8.94 -17.22 -8.22
N LEU A 22 -9.35 -16.82 -9.42
CA LEU A 22 -10.04 -17.72 -10.33
C LEU A 22 -9.05 -18.72 -10.94
N ASN A 23 -7.79 -18.32 -11.03
CA ASN A 23 -6.76 -19.19 -11.60
C ASN A 23 -6.20 -20.13 -10.53
N ASN A 24 -6.13 -19.65 -9.30
CA ASN A 24 -5.61 -20.44 -8.19
C ASN A 24 -6.73 -20.94 -7.29
N GLN A 25 -7.02 -22.24 -7.37
CA GLN A 25 -8.08 -22.82 -6.56
C GLN A 25 -7.70 -22.85 -5.09
N MET A 26 -6.40 -22.96 -4.82
CA MET A 26 -5.91 -23.01 -3.43
C MET A 26 -5.98 -21.63 -2.79
N LEU A 27 -5.50 -20.62 -3.49
CA LEU A 27 -5.49 -19.26 -2.97
C LEU A 27 -6.92 -18.82 -2.64
N ARG A 28 -7.81 -18.91 -3.62
CA ARG A 28 -9.19 -18.51 -3.43
C ARG A 28 -9.82 -19.25 -2.25
N SER A 29 -9.64 -20.56 -2.21
CA SER A 29 -10.21 -21.37 -1.14
C SER A 29 -9.88 -20.79 0.24
N GLN A 30 -8.69 -20.20 0.38
CA GLN A 30 -8.29 -19.62 1.64
C GLN A 30 -9.10 -18.36 1.95
N LEU A 31 -9.57 -17.69 0.89
CA LEU A 31 -10.35 -16.47 1.05
C LEU A 31 -11.83 -16.79 1.29
N ILE A 32 -12.29 -17.91 0.74
CA ILE A 32 -13.68 -18.30 0.90
C ILE A 32 -14.05 -18.42 2.38
N LEU A 33 -13.07 -18.78 3.20
CA LEU A 33 -13.30 -18.93 4.63
C LEU A 33 -13.49 -17.55 5.29
N GLN A 34 -12.70 -16.58 4.84
CA GLN A 34 -12.79 -15.23 5.39
C GLN A 34 -13.83 -14.41 4.63
N ILE A 35 -14.16 -14.85 3.42
CA ILE A 35 -15.14 -14.16 2.59
C ILE A 35 -16.00 -15.18 1.83
N PRO A 36 -16.89 -15.83 2.52
CA PRO A 36 -17.79 -16.85 1.91
C PRO A 36 -18.52 -16.34 0.66
N GLY A 37 -18.92 -15.07 0.69
CA GLY A 37 -19.62 -14.47 -0.43
C GLY A 37 -18.67 -13.97 -1.51
N LEU A 38 -17.46 -14.55 -1.56
CA LEU A 38 -16.47 -14.15 -2.55
C LEU A 38 -16.90 -14.64 -3.94
N ASN A 39 -17.32 -15.89 -4.01
CA ASN A 39 -17.75 -16.47 -5.28
C ASN A 39 -18.79 -15.59 -5.96
N ASP A 40 -19.48 -14.78 -5.15
CA ASP A 40 -20.51 -13.89 -5.66
C ASP A 40 -19.89 -12.64 -6.28
N LEU A 41 -19.07 -11.94 -5.51
CA LEU A 41 -18.42 -10.72 -5.99
C LEU A 41 -17.57 -11.03 -7.22
N VAL A 42 -16.83 -12.13 -7.17
CA VAL A 42 -15.98 -12.51 -8.29
C VAL A 42 -16.80 -12.71 -9.55
N ASN A 43 -17.97 -13.35 -9.40
CA ASN A 43 -18.84 -13.60 -10.54
C ASN A 43 -19.25 -12.29 -11.22
N ASP A 44 -19.20 -11.20 -10.46
CA ASP A 44 -19.57 -9.88 -10.99
C ASP A 44 -18.31 -9.00 -11.10
N PRO A 45 -18.07 -8.34 -12.22
CA PRO A 45 -16.86 -7.47 -12.38
C PRO A 45 -17.00 -6.12 -11.67
N LEU A 46 -18.15 -5.49 -11.84
CA LEU A 46 -18.40 -4.18 -11.22
C LEU A 46 -18.33 -4.27 -9.70
N LEU A 47 -19.05 -5.23 -9.13
CA LEU A 47 -19.08 -5.40 -7.69
C LEU A 47 -17.69 -5.75 -7.15
N PHE A 48 -17.03 -6.72 -7.79
CA PHE A 48 -15.70 -7.11 -7.35
C PHE A 48 -14.81 -5.87 -7.21
N ARG A 49 -15.09 -4.87 -8.04
CA ARG A 49 -14.32 -3.64 -8.00
C ARG A 49 -14.78 -2.75 -6.86
N GLU A 50 -16.07 -2.45 -6.83
CA GLU A 50 -16.63 -1.60 -5.78
C GLU A 50 -16.61 -2.29 -4.41
N ARG A 51 -17.26 -3.45 -4.34
CA ARG A 51 -17.35 -4.19 -3.09
C ARG A 51 -15.96 -4.51 -2.50
N LEU A 52 -15.07 -5.08 -3.32
CA LEU A 52 -13.73 -5.44 -2.83
C LEU A 52 -12.66 -4.45 -3.28
N GLY A 53 -13.06 -3.23 -3.60
CA GLY A 53 -12.09 -2.22 -4.04
C GLY A 53 -11.25 -1.76 -2.86
N PRO A 54 -11.88 -1.27 -1.82
CA PRO A 54 -11.16 -0.78 -0.59
C PRO A 54 -10.25 -1.83 0.02
N LEU A 55 -10.59 -3.11 -0.17
CA LEU A 55 -9.81 -4.19 0.39
C LEU A 55 -8.52 -4.43 -0.41
N ILE A 56 -8.67 -4.59 -1.71
CA ILE A 56 -7.52 -4.85 -2.58
C ILE A 56 -6.57 -3.66 -2.65
N LEU A 57 -7.12 -2.45 -2.61
CA LEU A 57 -6.31 -1.25 -2.68
C LEU A 57 -5.56 -0.99 -1.37
N GLN A 58 -6.12 -1.48 -0.27
CA GLN A 58 -5.50 -1.29 1.03
C GLN A 58 -4.04 -1.75 1.01
N ARG A 59 -3.78 -2.80 0.25
CA ARG A 59 -2.42 -3.33 0.16
C ARG A 59 -1.55 -2.44 -0.73
N ARG A 60 -2.02 -2.17 -1.94
CA ARG A 60 -1.28 -1.32 -2.87
C ARG A 60 -0.91 0.01 -2.23
N TYR A 61 -1.91 0.72 -1.73
CA TYR A 61 -1.68 2.02 -1.09
C TYR A 61 -1.21 1.83 0.35
N GLY A 62 -0.63 2.87 0.92
CA GLY A 62 -0.14 2.82 2.29
C GLY A 62 0.80 3.99 2.58
N GLY A 63 1.29 4.63 1.53
CA GLY A 63 2.19 5.76 1.68
C GLY A 63 2.89 6.08 0.37
N TYR A 64 2.94 7.36 0.02
CA TYR A 64 3.58 7.80 -1.21
C TYR A 64 5.01 7.27 -1.27
N ASN A 65 5.38 6.68 -2.41
CA ASN A 65 6.72 6.14 -2.58
C ASN A 65 7.74 7.27 -2.66
N THR A 66 8.97 6.98 -2.23
CA THR A 66 10.03 7.98 -2.25
C THR A 66 11.39 7.32 -2.03
N ALA A 67 12.44 7.93 -2.58
CA ALA A 67 13.79 7.40 -2.42
C ALA A 67 14.81 8.41 -2.89
N MET A 68 14.53 9.69 -2.65
CA MET A 68 15.44 10.76 -3.05
C MET A 68 16.70 10.74 -2.19
N ASN A 69 17.78 11.27 -2.73
CA ASN A 69 19.05 11.31 -2.01
C ASN A 69 19.03 12.44 -0.97
N PRO A 70 19.77 12.32 0.11
CA PRO A 70 19.82 13.36 1.17
C PRO A 70 20.58 14.60 0.71
N PHE A 71 21.44 14.43 -0.30
CA PHE A 71 22.22 15.54 -0.83
C PHE A 71 21.36 16.44 -1.70
N GLY A 72 20.11 16.03 -1.90
CA GLY A 72 19.18 16.81 -2.71
C GLY A 72 19.80 17.21 -4.06
N ILE A 73 20.03 16.20 -4.91
CA ILE A 73 20.61 16.44 -6.23
C ILE A 73 19.93 15.56 -7.28
N PRO A 74 19.87 15.99 -8.52
CA PRO A 74 19.23 15.19 -9.61
C PRO A 74 19.52 13.69 -9.46
N GLN A 75 18.47 12.88 -9.47
CA GLN A 75 18.64 11.43 -9.34
C GLN A 75 19.79 10.93 -10.21
N ASP A 76 19.98 11.59 -11.35
CA ASP A 76 21.05 11.20 -12.27
C ASP A 76 22.42 11.57 -11.70
N GLU A 77 22.45 12.65 -10.91
CA GLU A 77 23.71 13.10 -10.32
C GLU A 77 24.16 12.16 -9.20
N TYR A 78 23.27 11.93 -8.24
CA TYR A 78 23.59 11.05 -7.12
C TYR A 78 24.20 9.74 -7.59
N THR A 79 23.69 9.22 -8.71
CA THR A 79 24.18 7.96 -9.26
C THR A 79 25.63 8.08 -9.69
N ARG A 80 26.01 9.25 -10.18
CA ARG A 80 27.38 9.47 -10.64
C ARG A 80 28.35 9.50 -9.46
N LEU A 81 27.90 10.02 -8.32
CA LEU A 81 28.75 10.10 -7.14
C LEU A 81 29.09 8.70 -6.61
N MET A 82 28.06 7.98 -6.19
CA MET A 82 28.25 6.64 -5.65
C MET A 82 28.88 5.72 -6.69
N ALA A 83 28.62 6.00 -7.96
CA ALA A 83 29.17 5.17 -9.03
C ALA A 83 30.68 5.35 -9.14
N ASN A 84 31.17 6.50 -8.69
CA ASN A 84 32.60 6.78 -8.74
C ASN A 84 32.95 7.95 -7.83
N PRO A 85 32.85 7.76 -6.53
CA PRO A 85 33.17 8.83 -5.54
C PRO A 85 34.67 9.02 -5.36
N ASP A 86 35.46 8.20 -6.06
CA ASP A 86 36.91 8.28 -5.97
C ASP A 86 37.46 9.20 -7.07
N ASP A 87 36.59 9.62 -7.98
CA ASP A 87 36.99 10.50 -9.06
C ASP A 87 37.33 11.90 -8.53
N PRO A 88 38.54 12.41 -8.76
CA PRO A 88 38.92 13.77 -8.28
C PRO A 88 37.79 14.78 -8.46
N ASP A 89 36.95 14.54 -9.45
CA ASP A 89 35.84 15.43 -9.74
C ASP A 89 34.70 15.21 -8.75
N ASN A 90 34.29 13.96 -8.59
CA ASN A 90 33.20 13.63 -7.67
C ASN A 90 33.50 14.17 -6.28
N LYS A 91 34.73 14.00 -5.82
CA LYS A 91 35.11 14.47 -4.49
C LYS A 91 34.64 15.90 -4.29
N LYS A 92 34.78 16.72 -5.33
CA LYS A 92 34.35 18.12 -5.25
C LYS A 92 32.86 18.19 -4.97
N ARG A 93 32.08 17.39 -5.67
CA ARG A 93 30.63 17.37 -5.50
C ARG A 93 30.28 16.95 -4.07
N ILE A 94 30.82 15.82 -3.65
CA ILE A 94 30.55 15.31 -2.30
C ILE A 94 31.17 16.21 -1.24
N ALA A 95 32.22 16.94 -1.61
CA ALA A 95 32.90 17.82 -0.68
C ALA A 95 32.04 19.05 -0.36
N GLU A 96 31.56 19.73 -1.41
CA GLU A 96 30.75 20.92 -1.22
C GLU A 96 29.37 20.58 -0.67
N LEU A 97 28.85 19.40 -1.04
CA LEU A 97 27.54 18.98 -0.58
C LEU A 97 27.52 18.88 0.95
N LEU A 98 28.63 18.45 1.53
CA LEU A 98 28.72 18.33 2.99
C LEU A 98 28.99 19.68 3.62
N ASP A 99 29.69 20.54 2.89
CA ASP A 99 30.02 21.88 3.39
C ASP A 99 28.74 22.65 3.71
N GLN A 100 27.79 22.62 2.78
CA GLN A 100 26.53 23.32 2.97
C GLN A 100 25.88 22.92 4.29
N GLN A 101 25.89 21.62 4.58
CA GLN A 101 25.30 21.12 5.81
C GLN A 101 26.02 21.70 7.02
N ALA A 102 27.33 21.85 6.91
CA ALA A 102 28.13 22.39 8.01
C ALA A 102 27.75 23.85 8.27
N ILE A 103 27.51 24.59 7.19
CA ILE A 103 27.15 25.99 7.31
C ILE A 103 25.74 26.14 7.90
N ASP A 104 24.84 25.28 7.44
CA ASP A 104 23.46 25.32 7.94
C ASP A 104 23.40 24.82 9.38
N GLU A 105 24.34 23.95 9.74
CA GLU A 105 24.37 23.41 11.09
C GLU A 105 24.53 24.53 12.13
N GLN A 106 25.24 25.58 11.73
CA GLN A 106 25.47 26.71 12.63
C GLN A 106 24.15 27.41 12.95
N LEU A 107 23.27 27.48 11.95
CA LEU A 107 21.97 28.13 12.14
C LEU A 107 21.10 27.29 13.06
N ARG A 108 21.22 25.97 12.96
CA ARG A 108 20.43 25.07 13.79
C ARG A 108 20.64 25.39 15.27
N ASN A 109 21.88 25.24 15.73
CA ASN A 109 22.20 25.53 17.12
C ASN A 109 22.21 27.03 17.37
N ALA A 110 22.73 27.78 16.40
CA ALA A 110 22.79 29.23 16.52
C ALA A 110 23.27 29.64 17.91
N ILE A 111 24.58 29.75 18.06
CA ILE A 111 25.15 30.14 19.35
C ILE A 111 24.78 31.59 19.68
N GLU A 112 23.99 32.20 18.82
CA GLU A 112 23.55 33.58 19.02
C GLU A 112 22.45 33.64 20.07
N TYR A 113 22.84 33.91 21.32
CA TYR A 113 21.87 34.00 22.41
C TYR A 113 21.19 35.36 22.41
N THR A 114 20.95 35.91 21.22
CA THR A 114 20.30 37.20 21.09
C THR A 114 19.56 37.31 19.76
N PRO A 115 18.43 36.66 19.64
CA PRO A 115 17.62 36.68 18.39
C PRO A 115 17.44 38.09 17.83
N GLU A 116 17.06 39.02 18.70
CA GLU A 116 16.86 40.41 18.30
C GLU A 116 18.15 40.99 17.71
N GLY A 1 2.79 -11.97 -23.87
CA GLY A 1 1.56 -11.97 -23.10
C GLY A 1 0.49 -11.13 -23.79
N PRO A 2 -0.72 -11.21 -23.31
CA PRO A 2 -1.87 -10.44 -23.89
C PRO A 2 -1.79 -8.96 -23.54
N LEU A 3 -1.74 -8.65 -22.24
CA LEU A 3 -1.67 -7.27 -21.79
C LEU A 3 -0.58 -6.51 -22.57
N GLY A 4 -0.45 -5.22 -22.27
CA GLY A 4 0.54 -4.39 -22.94
C GLY A 4 0.60 -3.00 -22.33
N SER A 5 0.84 -2.94 -21.02
CA SER A 5 0.91 -1.66 -20.32
C SER A 5 1.54 -1.83 -18.94
N ALA A 6 2.79 -1.40 -18.81
CA ALA A 6 3.50 -1.51 -17.54
C ALA A 6 3.00 -0.46 -16.55
N THR A 7 1.71 -0.50 -16.24
CA THR A 7 1.12 0.45 -15.32
C THR A 7 -0.27 -0.01 -14.88
N LEU A 8 -0.30 -0.94 -13.93
CA LEU A 8 -1.57 -1.46 -13.43
C LEU A 8 -2.30 -0.40 -12.60
N SER A 9 -3.22 0.30 -13.24
CA SER A 9 -3.99 1.34 -12.56
C SER A 9 -4.68 0.74 -11.33
N ASP A 10 -5.40 1.58 -10.61
CA ASP A 10 -6.11 1.11 -9.42
C ASP A 10 -7.18 0.10 -9.83
N GLU A 11 -7.87 0.39 -10.92
CA GLU A 11 -8.92 -0.51 -11.41
C GLU A 11 -8.30 -1.71 -12.11
N ALA A 12 -7.23 -1.48 -12.87
CA ALA A 12 -6.57 -2.56 -13.59
C ALA A 12 -5.94 -3.56 -12.62
N PHE A 13 -5.30 -3.05 -11.58
CA PHE A 13 -4.65 -3.90 -10.59
C PHE A 13 -5.67 -4.83 -9.93
N ILE A 14 -6.90 -4.32 -9.75
CA ILE A 14 -7.95 -5.11 -9.13
C ILE A 14 -8.45 -6.19 -10.07
N GLU A 15 -8.44 -5.90 -11.36
CA GLU A 15 -8.91 -6.87 -12.35
C GLU A 15 -7.95 -8.05 -12.44
N GLN A 16 -6.66 -7.79 -12.25
CA GLN A 16 -5.66 -8.86 -12.30
C GLN A 16 -5.73 -9.71 -11.04
N PHE A 17 -6.07 -9.08 -9.92
CA PHE A 17 -6.17 -9.78 -8.65
C PHE A 17 -7.33 -10.78 -8.67
N ARG A 18 -8.42 -10.39 -9.32
CA ARG A 18 -9.59 -11.24 -9.41
C ARG A 18 -9.28 -12.52 -10.19
N GLN A 19 -8.43 -12.41 -11.20
CA GLN A 19 -8.06 -13.56 -12.01
C GLN A 19 -7.15 -14.51 -11.24
N GLU A 20 -6.37 -13.96 -10.31
CA GLU A 20 -5.47 -14.79 -9.53
C GLU A 20 -6.25 -15.83 -8.74
N LEU A 21 -7.23 -15.37 -7.97
CA LEU A 21 -8.05 -16.27 -7.16
C LEU A 21 -8.79 -17.26 -8.05
N LEU A 22 -9.28 -16.79 -9.18
CA LEU A 22 -10.01 -17.65 -10.11
C LEU A 22 -9.08 -18.67 -10.74
N ASN A 23 -7.79 -18.34 -10.80
CA ASN A 23 -6.79 -19.25 -11.40
C ASN A 23 -6.20 -20.17 -10.34
N ASN A 24 -6.18 -19.71 -9.08
CA ASN A 24 -5.63 -20.50 -7.97
C ASN A 24 -6.75 -21.04 -7.09
N GLN A 25 -6.97 -22.35 -7.15
CA GLN A 25 -8.01 -22.98 -6.34
C GLN A 25 -7.60 -22.98 -4.86
N MET A 26 -6.33 -23.22 -4.60
CA MET A 26 -5.84 -23.24 -3.22
C MET A 26 -5.99 -21.87 -2.55
N LEU A 27 -5.47 -20.84 -3.20
CA LEU A 27 -5.54 -19.49 -2.67
C LEU A 27 -7.01 -19.10 -2.43
N ARG A 28 -7.85 -19.34 -3.43
CA ARG A 28 -9.27 -19.02 -3.33
C ARG A 28 -9.92 -19.79 -2.19
N SER A 29 -9.69 -21.10 -2.15
CA SER A 29 -10.27 -21.94 -1.12
C SER A 29 -10.09 -21.35 0.27
N GLN A 30 -8.99 -20.63 0.46
CA GLN A 30 -8.70 -20.02 1.74
C GLN A 30 -9.60 -18.80 1.99
N LEU A 31 -10.05 -18.18 0.92
CA LEU A 31 -10.89 -16.99 1.02
C LEU A 31 -12.37 -17.35 1.14
N ILE A 32 -12.73 -18.62 0.91
CA ILE A 32 -14.14 -19.01 0.98
C ILE A 32 -14.59 -19.18 2.43
N LEU A 33 -13.91 -20.05 3.18
CA LEU A 33 -14.29 -20.28 4.57
C LEU A 33 -14.19 -18.99 5.37
N GLN A 34 -13.52 -18.01 4.79
CA GLN A 34 -13.35 -16.70 5.43
C GLN A 34 -14.34 -15.71 4.84
N ILE A 35 -14.44 -15.71 3.52
CA ILE A 35 -15.34 -14.80 2.79
C ILE A 35 -16.16 -15.59 1.77
N PRO A 36 -17.17 -16.33 2.19
CA PRO A 36 -17.99 -17.13 1.24
C PRO A 36 -18.63 -16.25 0.15
N GLY A 37 -19.00 -15.03 0.53
CA GLY A 37 -19.62 -14.11 -0.42
C GLY A 37 -18.66 -13.76 -1.56
N LEU A 38 -17.45 -14.30 -1.51
CA LEU A 38 -16.46 -14.02 -2.53
C LEU A 38 -16.91 -14.55 -3.90
N ASN A 39 -17.27 -15.83 -3.94
CA ASN A 39 -17.72 -16.46 -5.18
C ASN A 39 -18.85 -15.66 -5.83
N ASP A 40 -19.55 -14.88 -5.01
CA ASP A 40 -20.67 -14.09 -5.50
C ASP A 40 -20.18 -12.83 -6.22
N LEU A 41 -19.33 -12.07 -5.55
CA LEU A 41 -18.81 -10.84 -6.12
C LEU A 41 -17.90 -11.14 -7.31
N VAL A 42 -17.06 -12.16 -7.17
CA VAL A 42 -16.14 -12.53 -8.24
C VAL A 42 -16.90 -12.79 -9.53
N ASN A 43 -18.10 -13.36 -9.41
CA ASN A 43 -18.92 -13.67 -10.57
C ASN A 43 -19.24 -12.41 -11.38
N ASP A 44 -18.94 -11.24 -10.79
CA ASP A 44 -19.19 -9.96 -11.46
C ASP A 44 -18.01 -9.01 -11.23
N PRO A 45 -17.49 -8.39 -12.26
CA PRO A 45 -16.32 -7.44 -12.11
C PRO A 45 -16.73 -6.09 -11.54
N LEU A 46 -17.87 -5.57 -11.98
CA LEU A 46 -18.34 -4.27 -11.50
C LEU A 46 -18.46 -4.28 -9.97
N LEU A 47 -19.11 -5.30 -9.44
CA LEU A 47 -19.30 -5.41 -8.00
C LEU A 47 -17.99 -5.77 -7.31
N PHE A 48 -17.27 -6.74 -7.87
CA PHE A 48 -16.01 -7.18 -7.29
C PHE A 48 -15.05 -6.00 -7.15
N ARG A 49 -15.16 -5.03 -8.06
CA ARG A 49 -14.29 -3.87 -8.01
C ARG A 49 -14.74 -2.88 -6.93
N GLU A 50 -16.05 -2.75 -6.76
CA GLU A 50 -16.59 -1.82 -5.78
C GLU A 50 -16.50 -2.38 -4.36
N ARG A 51 -17.06 -3.57 -4.15
CA ARG A 51 -17.06 -4.19 -2.83
C ARG A 51 -15.64 -4.50 -2.34
N LEU A 52 -14.84 -5.16 -3.17
CA LEU A 52 -13.48 -5.52 -2.79
C LEU A 52 -12.45 -4.55 -3.36
N GLY A 53 -12.86 -3.30 -3.56
CA GLY A 53 -11.95 -2.29 -4.10
C GLY A 53 -11.06 -1.72 -3.00
N PRO A 54 -11.58 -0.80 -2.22
CA PRO A 54 -10.81 -0.17 -1.11
C PRO A 54 -9.91 -1.16 -0.36
N LEU A 55 -10.27 -2.44 -0.40
CA LEU A 55 -9.49 -3.47 0.30
C LEU A 55 -8.20 -3.80 -0.46
N ILE A 56 -8.33 -4.13 -1.74
CA ILE A 56 -7.17 -4.49 -2.55
C ILE A 56 -6.24 -3.30 -2.75
N LEU A 57 -6.79 -2.10 -2.77
CA LEU A 57 -5.99 -0.90 -2.97
C LEU A 57 -5.11 -0.60 -1.74
N GLN A 58 -5.53 -1.07 -0.58
CA GLN A 58 -4.77 -0.84 0.65
C GLN A 58 -3.32 -1.29 0.48
N ARG A 59 -3.11 -2.34 -0.31
CA ARG A 59 -1.76 -2.85 -0.53
C ARG A 59 -0.95 -1.89 -1.40
N ARG A 60 -1.47 -1.60 -2.59
CA ARG A 60 -0.77 -0.69 -3.51
C ARG A 60 -0.43 0.63 -2.82
N TYR A 61 -1.45 1.27 -2.26
CA TYR A 61 -1.25 2.55 -1.58
C TYR A 61 -0.62 2.33 -0.21
N GLY A 62 0.59 2.85 -0.03
CA GLY A 62 1.30 2.70 1.24
C GLY A 62 1.86 1.30 1.40
N GLY A 63 3.17 1.17 1.18
CA GLY A 63 3.83 -0.12 1.29
C GLY A 63 5.33 0.00 1.07
N TYR A 64 6.03 0.56 2.06
CA TYR A 64 7.47 0.74 1.96
C TYR A 64 7.88 1.19 0.56
N ASN A 65 6.94 1.79 -0.17
CA ASN A 65 7.21 2.26 -1.52
C ASN A 65 8.01 3.56 -1.48
N THR A 66 9.25 3.51 -1.97
CA THR A 66 10.10 4.69 -1.99
C THR A 66 11.28 4.47 -2.93
N ALA A 67 12.45 4.23 -2.35
CA ALA A 67 13.66 4.00 -3.14
C ALA A 67 13.49 2.78 -4.03
N MET A 68 13.00 1.69 -3.44
CA MET A 68 12.79 0.46 -4.19
C MET A 68 11.59 0.59 -5.12
N ASN A 69 11.81 1.17 -6.29
CA ASN A 69 10.73 1.34 -7.26
C ASN A 69 10.43 0.03 -7.97
N PRO A 70 9.21 -0.18 -8.42
CA PRO A 70 8.82 -1.44 -9.12
C PRO A 70 9.92 -1.94 -10.05
N PHE A 71 10.77 -1.03 -10.51
CA PHE A 71 11.87 -1.38 -11.41
C PHE A 71 13.21 -1.28 -10.68
N GLY A 72 13.23 -0.52 -9.59
CA GLY A 72 14.44 -0.35 -8.81
C GLY A 72 15.48 0.50 -9.56
N ILE A 73 15.13 1.77 -9.79
CA ILE A 73 16.03 2.69 -10.50
C ILE A 73 15.98 4.07 -9.83
N PRO A 74 17.06 4.83 -9.87
CA PRO A 74 17.10 6.19 -9.26
C PRO A 74 15.77 6.93 -9.44
N GLN A 75 15.21 7.40 -8.32
CA GLN A 75 13.94 8.13 -8.36
C GLN A 75 13.95 9.15 -9.49
N ASP A 76 15.10 9.77 -9.71
CA ASP A 76 15.23 10.78 -10.76
C ASP A 76 14.85 10.18 -12.11
N GLU A 77 15.15 8.90 -12.29
CA GLU A 77 14.84 8.21 -13.54
C GLU A 77 13.38 7.79 -13.58
N TYR A 78 12.95 7.07 -12.56
CA TYR A 78 11.57 6.61 -12.48
C TYR A 78 10.58 7.75 -12.78
N THR A 79 10.93 8.94 -12.31
CA THR A 79 10.06 10.10 -12.52
C THR A 79 9.96 10.45 -14.00
N ARG A 80 11.06 10.29 -14.72
CA ARG A 80 11.08 10.60 -16.15
C ARG A 80 10.18 9.65 -16.93
N LEU A 81 10.11 8.39 -16.49
CA LEU A 81 9.28 7.41 -17.17
C LEU A 81 7.79 7.70 -16.93
N MET A 82 7.41 7.82 -15.67
CA MET A 82 6.02 8.11 -15.33
C MET A 82 5.59 9.45 -15.90
N ALA A 83 6.55 10.37 -16.04
CA ALA A 83 6.25 11.69 -16.57
C ALA A 83 5.67 11.62 -17.98
N ASN A 84 6.18 10.68 -18.78
CA ASN A 84 5.69 10.52 -20.15
C ASN A 84 6.08 9.15 -20.71
N PRO A 85 5.49 8.11 -20.21
CA PRO A 85 5.78 6.72 -20.67
C PRO A 85 5.61 6.57 -22.18
N ASP A 86 4.92 7.52 -22.79
CA ASP A 86 4.68 7.49 -24.23
C ASP A 86 5.95 7.88 -24.99
N ASP A 87 6.93 8.40 -24.27
CA ASP A 87 8.19 8.81 -24.88
C ASP A 87 8.83 7.63 -25.63
N PRO A 88 8.92 7.65 -26.94
CA PRO A 88 9.53 6.53 -27.72
C PRO A 88 10.83 6.04 -27.09
N ASP A 89 11.48 6.93 -26.35
CA ASP A 89 12.74 6.58 -25.69
C ASP A 89 12.49 5.75 -24.44
N ASN A 90 11.49 6.14 -23.65
CA ASN A 90 11.16 5.42 -22.43
C ASN A 90 10.59 4.03 -22.72
N LYS A 91 9.58 3.99 -23.58
CA LYS A 91 8.96 2.71 -23.93
C LYS A 91 10.03 1.66 -24.25
N LYS A 92 11.14 2.12 -24.81
CA LYS A 92 12.22 1.21 -25.17
C LYS A 92 12.93 0.69 -23.91
N ARG A 93 13.23 1.61 -23.00
CA ARG A 93 13.90 1.24 -21.76
C ARG A 93 12.97 0.46 -20.83
N ILE A 94 11.72 0.93 -20.73
CA ILE A 94 10.74 0.28 -19.88
C ILE A 94 10.53 -1.18 -20.29
N ALA A 95 10.74 -1.45 -21.58
CA ALA A 95 10.57 -2.80 -22.09
C ALA A 95 11.71 -3.71 -21.65
N GLU A 96 12.91 -3.16 -21.62
CA GLU A 96 14.09 -3.94 -21.22
C GLU A 96 13.92 -4.48 -19.81
N LEU A 97 13.24 -3.73 -18.96
CA LEU A 97 13.02 -4.14 -17.58
C LEU A 97 12.11 -5.36 -17.51
N LEU A 98 11.20 -5.48 -18.48
CA LEU A 98 10.27 -6.61 -18.51
C LEU A 98 10.95 -7.84 -19.09
N ASP A 99 11.86 -7.62 -20.04
CA ASP A 99 12.58 -8.73 -20.67
C ASP A 99 13.36 -9.53 -19.64
N GLN A 100 14.08 -8.82 -18.77
CA GLN A 100 14.88 -9.48 -17.74
C GLN A 100 14.02 -10.47 -16.95
N GLN A 101 12.78 -10.06 -16.66
CA GLN A 101 11.87 -10.91 -15.90
C GLN A 101 11.55 -12.18 -16.68
N ALA A 102 11.41 -12.06 -18.00
CA ALA A 102 11.11 -13.20 -18.84
C ALA A 102 12.29 -14.16 -18.90
N ILE A 103 13.50 -13.60 -19.04
CA ILE A 103 14.70 -14.42 -19.11
C ILE A 103 14.90 -15.19 -17.81
N ASP A 104 14.71 -14.50 -16.69
CA ASP A 104 14.87 -15.14 -15.39
C ASP A 104 13.77 -16.15 -15.12
N GLU A 105 12.62 -15.93 -15.74
CA GLU A 105 11.48 -16.83 -15.57
C GLU A 105 11.84 -18.24 -16.06
N GLN A 106 12.69 -18.30 -17.08
CA GLN A 106 13.10 -19.58 -17.63
C GLN A 106 14.08 -20.29 -16.69
N LEU A 107 15.12 -19.57 -16.26
CA LEU A 107 16.11 -20.14 -15.36
C LEU A 107 15.44 -20.83 -14.19
N ARG A 108 14.27 -20.34 -13.80
CA ARG A 108 13.53 -20.91 -12.69
C ARG A 108 13.11 -22.34 -13.01
N ASN A 109 12.37 -22.50 -14.11
CA ASN A 109 11.90 -23.82 -14.52
C ASN A 109 13.07 -24.65 -15.06
N ALA A 110 13.92 -24.01 -15.85
CA ALA A 110 15.07 -24.70 -16.44
C ALA A 110 14.70 -26.11 -16.88
N ILE A 111 14.86 -27.07 -15.98
CA ILE A 111 14.55 -28.46 -16.29
C ILE A 111 13.04 -28.64 -16.46
N GLU A 112 12.63 -29.12 -17.64
CA GLU A 112 11.22 -29.33 -17.92
C GLU A 112 10.43 -28.05 -17.67
N TYR A 113 9.10 -28.18 -17.63
CA TYR A 113 8.24 -27.03 -17.41
C TYR A 113 6.86 -27.49 -16.95
N THR A 114 6.75 -27.83 -15.66
CA THR A 114 5.49 -28.29 -15.11
C THR A 114 5.55 -28.32 -13.58
N PRO A 115 5.75 -27.18 -12.97
CA PRO A 115 5.84 -27.07 -11.49
C PRO A 115 4.48 -27.27 -10.82
N GLU A 116 4.22 -28.49 -10.36
CA GLU A 116 2.96 -28.81 -9.72
C GLU A 116 2.86 -28.11 -8.37
N GLY A 1 0.28 -7.39 -21.89
CA GLY A 1 0.30 -5.96 -21.63
C GLY A 1 1.61 -5.33 -22.08
N PRO A 2 1.82 -4.08 -21.77
CA PRO A 2 3.06 -3.35 -22.17
C PRO A 2 4.33 -4.14 -21.83
N LEU A 3 5.48 -3.52 -22.07
CA LEU A 3 6.76 -4.17 -21.78
C LEU A 3 7.08 -4.09 -20.29
N GLY A 4 7.08 -2.87 -19.75
CA GLY A 4 7.36 -2.67 -18.33
C GLY A 4 6.46 -3.54 -17.47
N SER A 5 5.20 -3.67 -17.87
CA SER A 5 4.25 -4.48 -17.12
C SER A 5 4.27 -4.11 -15.64
N ALA A 6 3.79 -2.91 -15.33
CA ALA A 6 3.76 -2.45 -13.95
C ALA A 6 2.80 -1.25 -13.80
N THR A 7 2.31 -0.76 -14.94
CA THR A 7 1.39 0.38 -14.92
C THR A 7 -0.01 -0.07 -14.51
N LEU A 8 -0.06 -1.00 -13.56
CA LEU A 8 -1.35 -1.51 -13.08
C LEU A 8 -2.09 -0.42 -12.30
N SER A 9 -3.00 0.27 -12.97
CA SER A 9 -3.77 1.32 -12.32
C SER A 9 -4.53 0.75 -11.13
N ASP A 10 -5.29 1.59 -10.45
CA ASP A 10 -6.05 1.15 -9.30
C ASP A 10 -7.07 0.09 -9.73
N GLU A 11 -7.71 0.33 -10.86
CA GLU A 11 -8.71 -0.60 -11.37
C GLU A 11 -8.04 -1.83 -11.99
N ALA A 12 -7.03 -1.58 -12.84
CA ALA A 12 -6.32 -2.67 -13.49
C ALA A 12 -5.77 -3.67 -12.48
N PHE A 13 -5.17 -3.15 -11.41
CA PHE A 13 -4.60 -4.01 -10.38
C PHE A 13 -5.67 -4.92 -9.78
N ILE A 14 -6.87 -4.39 -9.63
CA ILE A 14 -7.97 -5.18 -9.06
C ILE A 14 -8.45 -6.24 -10.05
N GLU A 15 -8.38 -5.91 -11.34
CA GLU A 15 -8.81 -6.85 -12.36
C GLU A 15 -7.90 -8.07 -12.40
N GLN A 16 -6.62 -7.86 -12.11
CA GLN A 16 -5.66 -8.95 -12.11
C GLN A 16 -5.77 -9.77 -10.83
N PHE A 17 -6.05 -9.09 -9.72
CA PHE A 17 -6.20 -9.76 -8.44
C PHE A 17 -7.38 -10.73 -8.48
N ARG A 18 -8.44 -10.33 -9.16
CA ARG A 18 -9.64 -11.17 -9.27
C ARG A 18 -9.38 -12.37 -10.17
N GLN A 19 -8.57 -12.17 -11.20
CA GLN A 19 -8.25 -13.24 -12.14
C GLN A 19 -7.33 -14.29 -11.51
N GLU A 20 -6.50 -13.85 -10.57
CA GLU A 20 -5.57 -14.77 -9.92
C GLU A 20 -6.32 -15.81 -9.09
N LEU A 21 -7.17 -15.35 -8.18
CA LEU A 21 -7.94 -16.26 -7.34
C LEU A 21 -8.73 -17.24 -8.19
N LEU A 22 -9.09 -16.82 -9.39
CA LEU A 22 -9.85 -17.69 -10.30
C LEU A 22 -8.93 -18.71 -10.96
N ASN A 23 -7.64 -18.38 -11.05
CA ASN A 23 -6.67 -19.27 -11.67
C ASN A 23 -6.20 -20.34 -10.69
N ASN A 24 -6.22 -20.02 -9.39
CA ASN A 24 -5.80 -20.98 -8.36
C ASN A 24 -6.91 -21.17 -7.32
N GLN A 25 -7.50 -22.35 -7.33
CA GLN A 25 -8.58 -22.67 -6.39
C GLN A 25 -8.03 -22.79 -4.96
N MET A 26 -6.86 -23.40 -4.83
CA MET A 26 -6.25 -23.58 -3.52
C MET A 26 -6.07 -22.24 -2.82
N LEU A 27 -5.72 -21.21 -3.60
CA LEU A 27 -5.52 -19.89 -3.05
C LEU A 27 -6.86 -19.27 -2.64
N ARG A 28 -7.79 -19.23 -3.58
CA ARG A 28 -9.11 -18.67 -3.33
C ARG A 28 -9.80 -19.38 -2.18
N SER A 29 -9.67 -20.70 -2.13
CA SER A 29 -10.30 -21.49 -1.07
C SER A 29 -10.00 -20.91 0.31
N GLN A 30 -8.85 -20.29 0.45
CA GLN A 30 -8.46 -19.70 1.73
C GLN A 30 -9.26 -18.42 2.00
N LEU A 31 -9.68 -17.74 0.94
CA LEU A 31 -10.43 -16.50 1.08
C LEU A 31 -11.90 -16.78 1.40
N ILE A 32 -12.43 -17.87 0.86
CA ILE A 32 -13.83 -18.22 1.10
C ILE A 32 -14.10 -18.33 2.60
N LEU A 33 -13.14 -18.89 3.33
CA LEU A 33 -13.30 -19.05 4.77
C LEU A 33 -13.57 -17.70 5.43
N GLN A 34 -13.06 -16.63 4.82
CA GLN A 34 -13.26 -15.28 5.35
C GLN A 34 -14.45 -14.61 4.67
N ILE A 35 -14.50 -14.71 3.35
CA ILE A 35 -15.59 -14.11 2.57
C ILE A 35 -16.34 -15.18 1.77
N PRO A 36 -17.27 -15.86 2.38
CA PRO A 36 -18.06 -16.93 1.70
C PRO A 36 -18.71 -16.43 0.40
N GLY A 37 -19.13 -15.16 0.40
CA GLY A 37 -19.78 -14.59 -0.77
C GLY A 37 -18.77 -14.14 -1.83
N LEU A 38 -17.53 -14.60 -1.71
CA LEU A 38 -16.50 -14.24 -2.68
C LEU A 38 -16.86 -14.77 -4.06
N ASN A 39 -17.16 -16.06 -4.13
CA ASN A 39 -17.53 -16.69 -5.40
C ASN A 39 -18.68 -15.94 -6.06
N ASP A 40 -19.45 -15.22 -5.27
CA ASP A 40 -20.59 -14.47 -5.79
C ASP A 40 -20.13 -13.17 -6.46
N LEU A 41 -19.34 -12.39 -5.72
CA LEU A 41 -18.85 -11.12 -6.25
C LEU A 41 -17.90 -11.35 -7.43
N VAL A 42 -17.04 -12.36 -7.31
CA VAL A 42 -16.09 -12.66 -8.37
C VAL A 42 -16.81 -12.90 -9.70
N ASN A 43 -18.02 -13.46 -9.63
CA ASN A 43 -18.79 -13.72 -10.84
C ASN A 43 -19.13 -12.42 -11.57
N ASP A 44 -18.93 -11.29 -10.88
CA ASP A 44 -19.21 -9.97 -11.46
C ASP A 44 -18.02 -9.04 -11.26
N PRO A 45 -17.61 -8.29 -12.27
CA PRO A 45 -16.44 -7.35 -12.14
C PRO A 45 -16.80 -6.06 -11.40
N LEU A 46 -17.91 -5.44 -11.79
CA LEU A 46 -18.35 -4.19 -11.18
C LEU A 46 -18.51 -4.36 -9.67
N LEU A 47 -19.23 -5.39 -9.27
CA LEU A 47 -19.46 -5.65 -7.85
C LEU A 47 -18.14 -6.00 -7.15
N PHE A 48 -17.39 -6.92 -7.74
CA PHE A 48 -16.12 -7.33 -7.16
C PHE A 48 -15.20 -6.13 -6.96
N ARG A 49 -15.19 -5.23 -7.94
CA ARG A 49 -14.35 -4.06 -7.86
C ARG A 49 -14.83 -3.12 -6.75
N GLU A 50 -16.14 -2.88 -6.72
CA GLU A 50 -16.72 -2.00 -5.71
C GLU A 50 -16.61 -2.59 -4.30
N ARG A 51 -17.17 -3.79 -4.12
CA ARG A 51 -17.16 -4.43 -2.81
C ARG A 51 -15.73 -4.68 -2.29
N LEU A 52 -14.88 -5.28 -3.12
CA LEU A 52 -13.50 -5.59 -2.71
C LEU A 52 -12.51 -4.59 -3.29
N GLY A 53 -12.93 -3.35 -3.47
CA GLY A 53 -12.05 -2.32 -4.00
C GLY A 53 -11.16 -1.75 -2.90
N PRO A 54 -11.70 -0.91 -2.05
CA PRO A 54 -10.95 -0.30 -0.93
C PRO A 54 -10.00 -1.28 -0.23
N LEU A 55 -10.35 -2.57 -0.27
CA LEU A 55 -9.53 -3.59 0.38
C LEU A 55 -8.27 -3.88 -0.43
N ILE A 56 -8.45 -4.17 -1.72
CA ILE A 56 -7.31 -4.49 -2.58
C ILE A 56 -6.43 -3.26 -2.83
N LEU A 57 -7.04 -2.08 -2.90
CA LEU A 57 -6.29 -0.85 -3.14
C LEU A 57 -5.37 -0.52 -1.97
N GLN A 58 -5.89 -0.68 -0.75
CA GLN A 58 -5.10 -0.38 0.44
C GLN A 58 -3.77 -1.13 0.41
N ARG A 59 -3.80 -2.36 -0.08
CA ARG A 59 -2.58 -3.16 -0.16
C ARG A 59 -1.52 -2.46 -0.99
N ARG A 60 -1.84 -2.20 -2.26
CA ARG A 60 -0.91 -1.53 -3.16
C ARG A 60 -0.41 -0.22 -2.56
N TYR A 61 -1.33 0.55 -1.98
CA TYR A 61 -0.97 1.82 -1.37
C TYR A 61 -0.39 1.61 0.02
N GLY A 62 -0.15 2.70 0.74
CA GLY A 62 0.40 2.62 2.08
C GLY A 62 0.15 3.92 2.85
N GLY A 63 0.99 4.92 2.59
CA GLY A 63 0.85 6.21 3.26
C GLY A 63 0.99 6.05 4.78
N TYR A 64 1.73 6.98 5.39
CA TYR A 64 1.95 6.93 6.84
C TYR A 64 0.61 6.85 7.57
N ASN A 65 0.16 5.63 7.84
CA ASN A 65 -1.11 5.43 8.54
C ASN A 65 -0.94 5.72 10.03
N THR A 66 -2.00 5.46 10.80
CA THR A 66 -1.97 5.69 12.24
C THR A 66 -1.17 4.59 12.94
N ALA A 67 -0.82 4.84 14.19
CA ALA A 67 -0.06 3.87 14.97
C ALA A 67 -0.04 4.25 16.45
N MET A 68 -0.62 5.41 16.76
CA MET A 68 -0.66 5.89 18.13
C MET A 68 0.74 5.90 18.75
N ASN A 69 1.30 7.10 18.87
CA ASN A 69 2.64 7.24 19.44
C ASN A 69 2.63 6.81 20.91
N PRO A 70 3.75 6.33 21.42
CA PRO A 70 3.83 5.88 22.86
C PRO A 70 3.79 7.06 23.82
N PHE A 71 4.13 8.24 23.32
CA PHE A 71 4.13 9.45 24.15
C PHE A 71 2.75 10.11 24.12
N GLY A 72 1.98 9.81 23.08
CA GLY A 72 0.63 10.36 22.94
C GLY A 72 0.66 11.89 22.94
N ILE A 73 1.23 12.47 21.89
CA ILE A 73 1.31 13.93 21.77
C ILE A 73 1.02 14.36 20.33
N PRO A 74 0.46 15.53 20.11
CA PRO A 74 0.16 16.02 18.73
C PRO A 74 1.24 15.63 17.73
N GLN A 75 0.85 14.93 16.67
CA GLN A 75 1.79 14.51 15.65
C GLN A 75 2.75 15.65 15.29
N ASP A 76 2.26 16.87 15.37
CA ASP A 76 3.06 18.04 15.05
C ASP A 76 4.29 18.11 15.96
N GLU A 77 4.10 17.80 17.24
CA GLU A 77 5.19 17.83 18.20
C GLU A 77 6.10 16.63 18.01
N TYR A 78 5.51 15.44 17.94
CA TYR A 78 6.28 14.22 17.76
C TYR A 78 7.30 14.37 16.63
N THR A 79 6.93 15.12 15.60
CA THR A 79 7.82 15.33 14.46
C THR A 79 8.99 16.22 14.85
N ARG A 80 8.73 17.19 15.70
CA ARG A 80 9.78 18.12 16.14
C ARG A 80 10.84 17.40 16.95
N LEU A 81 10.42 16.70 18.00
CA LEU A 81 11.36 15.97 18.84
C LEU A 81 12.15 14.96 18.02
N MET A 82 11.45 14.14 17.25
CA MET A 82 12.10 13.13 16.42
C MET A 82 12.99 13.79 15.37
N ALA A 83 12.65 15.01 14.98
CA ALA A 83 13.42 15.73 13.98
C ALA A 83 14.74 16.23 14.56
N ASN A 84 14.80 16.33 15.89
CA ASN A 84 16.01 16.80 16.55
C ASN A 84 16.02 16.39 18.01
N PRO A 85 16.09 15.11 18.29
CA PRO A 85 16.12 14.58 19.68
C PRO A 85 17.48 14.77 20.34
N ASP A 86 18.49 15.03 19.52
CA ASP A 86 19.84 15.23 20.05
C ASP A 86 20.01 16.66 20.58
N ASP A 87 18.98 17.47 20.39
CA ASP A 87 19.02 18.85 20.85
C ASP A 87 18.71 18.91 22.35
N PRO A 88 19.23 19.88 23.06
CA PRO A 88 18.99 20.02 24.53
C PRO A 88 17.53 20.40 24.82
N ASP A 89 16.85 20.93 23.81
CA ASP A 89 15.46 21.34 23.97
C ASP A 89 14.54 20.11 23.93
N ASN A 90 14.67 19.32 22.87
CA ASN A 90 13.85 18.13 22.69
C ASN A 90 14.24 17.04 23.68
N LYS A 91 15.53 16.76 23.78
CA LYS A 91 16.02 15.73 24.69
C LYS A 91 15.39 15.89 26.07
N LYS A 92 15.48 17.09 26.63
CA LYS A 92 14.92 17.36 27.94
C LYS A 92 13.41 17.08 27.94
N ARG A 93 12.75 17.44 26.84
CA ARG A 93 11.31 17.22 26.72
C ARG A 93 10.98 15.74 26.70
N ILE A 94 11.82 14.96 26.02
CA ILE A 94 11.60 13.51 25.92
C ILE A 94 11.77 12.85 27.29
N ALA A 95 12.59 13.45 28.15
CA ALA A 95 12.83 12.89 29.47
C ALA A 95 11.63 13.12 30.38
N GLU A 96 10.94 14.24 30.19
CA GLU A 96 9.77 14.56 31.00
C GLU A 96 8.68 13.51 30.83
N LEU A 97 8.46 13.09 29.59
CA LEU A 97 7.44 12.09 29.31
C LEU A 97 7.67 10.83 30.14
N LEU A 98 8.94 10.50 30.37
CA LEU A 98 9.28 9.32 31.16
C LEU A 98 9.05 9.58 32.64
N ASP A 99 9.21 10.83 33.04
CA ASP A 99 9.03 11.20 34.44
C ASP A 99 7.60 10.91 34.90
N GLN A 100 6.63 11.22 34.05
CA GLN A 100 5.25 11.01 34.37
C GLN A 100 4.93 9.51 34.36
N GLN A 101 5.55 8.77 33.45
CA GLN A 101 5.32 7.34 33.35
C GLN A 101 5.59 6.66 34.69
N ALA A 102 6.65 7.07 35.36
CA ALA A 102 7.01 6.50 36.66
C ALA A 102 5.90 6.74 37.67
N ILE A 103 5.19 7.85 37.51
CA ILE A 103 4.10 8.20 38.42
C ILE A 103 2.83 7.43 38.06
N ASP A 104 2.60 7.24 36.77
CA ASP A 104 1.43 6.52 36.30
C ASP A 104 1.56 5.02 36.58
N GLU A 105 2.75 4.49 36.37
CA GLU A 105 2.99 3.06 36.60
C GLU A 105 2.68 2.69 38.04
N GLN A 106 3.12 3.51 38.98
CA GLN A 106 2.88 3.25 40.40
C GLN A 106 1.41 2.99 40.65
N LEU A 107 0.54 3.64 39.86
CA LEU A 107 -0.90 3.48 40.02
C LEU A 107 -1.32 2.07 39.60
N ARG A 108 -0.69 1.55 38.56
CA ARG A 108 -1.02 0.21 38.07
C ARG A 108 -0.73 -0.83 39.14
N ASN A 109 0.35 -0.62 39.89
CA ASN A 109 0.73 -1.56 40.94
C ASN A 109 -0.22 -1.45 42.13
N ALA A 110 -0.68 -0.23 42.40
CA ALA A 110 -1.60 0.01 43.50
C ALA A 110 -2.81 -0.92 43.40
N ILE A 111 -3.82 -0.65 44.22
CA ILE A 111 -5.03 -1.47 44.22
C ILE A 111 -4.69 -2.94 44.43
N GLU A 112 -4.93 -3.44 45.63
CA GLU A 112 -4.65 -4.83 45.94
C GLU A 112 -3.21 -5.18 45.57
N TYR A 113 -2.34 -5.25 46.57
CA TYR A 113 -0.94 -5.58 46.34
C TYR A 113 -0.29 -6.08 47.63
N THR A 114 -0.89 -5.73 48.75
CA THR A 114 -0.36 -6.14 50.05
C THR A 114 1.15 -5.89 50.13
N PRO A 115 1.55 -4.66 50.13
CA PRO A 115 2.99 -4.27 50.19
C PRO A 115 3.74 -5.04 51.28
N GLU A 116 3.06 -5.27 52.40
CA GLU A 116 3.67 -6.00 53.51
C GLU A 116 5.07 -5.46 53.79
N GLY A 1 1.00 -5.96 -28.99
CA GLY A 1 0.93 -5.88 -27.53
C GLY A 1 2.11 -5.08 -26.99
N PRO A 2 2.23 -5.01 -25.69
CA PRO A 2 3.33 -4.27 -25.01
C PRO A 2 4.70 -4.60 -25.61
N LEU A 3 5.75 -4.07 -24.99
CA LEU A 3 7.11 -4.32 -25.46
C LEU A 3 8.13 -3.89 -24.40
N GLY A 4 7.63 -3.48 -23.24
CA GLY A 4 8.50 -3.06 -22.15
C GLY A 4 7.73 -2.22 -21.13
N SER A 5 6.95 -1.28 -21.63
CA SER A 5 6.17 -0.42 -20.74
C SER A 5 5.04 -1.22 -20.08
N ALA A 6 4.48 -0.67 -19.01
CA ALA A 6 3.40 -1.34 -18.30
C ALA A 6 2.80 -0.43 -17.23
N THR A 7 1.53 -0.66 -16.91
CA THR A 7 0.85 0.14 -15.90
C THR A 7 -0.43 -0.56 -15.44
N LEU A 8 -0.79 -0.35 -14.18
CA LEU A 8 -2.00 -0.96 -13.62
C LEU A 8 -2.75 0.05 -12.75
N SER A 9 -3.80 0.63 -13.30
CA SER A 9 -4.59 1.60 -12.57
C SER A 9 -5.25 0.95 -11.35
N ASP A 10 -5.92 1.76 -10.54
CA ASP A 10 -6.59 1.24 -9.36
C ASP A 10 -7.57 0.13 -9.74
N GLU A 11 -8.27 0.34 -10.85
CA GLU A 11 -9.23 -0.65 -11.33
C GLU A 11 -8.52 -1.85 -11.97
N ALA A 12 -7.57 -1.56 -12.84
CA ALA A 12 -6.83 -2.61 -13.54
C ALA A 12 -6.18 -3.57 -12.53
N PHE A 13 -5.55 -3.01 -11.51
CA PHE A 13 -4.88 -3.84 -10.50
C PHE A 13 -5.88 -4.80 -9.85
N ILE A 14 -7.11 -4.33 -9.65
CA ILE A 14 -8.14 -5.15 -9.03
C ILE A 14 -8.61 -6.23 -10.00
N GLU A 15 -8.53 -5.95 -11.30
CA GLU A 15 -8.96 -6.91 -12.31
C GLU A 15 -7.97 -8.07 -12.39
N GLN A 16 -6.70 -7.76 -12.22
CA GLN A 16 -5.66 -8.80 -12.28
C GLN A 16 -5.73 -9.66 -11.03
N PHE A 17 -6.00 -9.03 -9.89
CA PHE A 17 -6.09 -9.74 -8.61
C PHE A 17 -7.25 -10.73 -8.64
N ARG A 18 -8.32 -10.35 -9.34
CA ARG A 18 -9.50 -11.21 -9.42
C ARG A 18 -9.20 -12.48 -10.22
N GLN A 19 -8.61 -12.32 -11.39
CA GLN A 19 -8.29 -13.45 -12.24
C GLN A 19 -7.38 -14.44 -11.52
N GLU A 20 -6.58 -13.95 -10.57
CA GLU A 20 -5.68 -14.81 -9.82
C GLU A 20 -6.46 -15.83 -9.00
N LEU A 21 -7.41 -15.33 -8.21
CA LEU A 21 -8.23 -16.20 -7.37
C LEU A 21 -8.89 -17.30 -8.20
N LEU A 22 -9.36 -16.92 -9.39
CA LEU A 22 -10.01 -17.89 -10.26
C LEU A 22 -9.00 -18.89 -10.82
N ASN A 23 -7.73 -18.47 -10.88
CA ASN A 23 -6.67 -19.33 -11.40
C ASN A 23 -6.10 -20.22 -10.28
N ASN A 24 -6.07 -19.68 -9.06
CA ASN A 24 -5.54 -20.43 -7.91
C ASN A 24 -6.68 -20.96 -7.05
N GLN A 25 -6.98 -22.24 -7.20
CA GLN A 25 -8.04 -22.87 -6.43
C GLN A 25 -7.67 -23.00 -4.96
N MET A 26 -6.36 -23.10 -4.68
CA MET A 26 -5.88 -23.23 -3.31
C MET A 26 -5.93 -21.90 -2.58
N LEU A 27 -5.43 -20.85 -3.23
CA LEU A 27 -5.41 -19.52 -2.61
C LEU A 27 -6.83 -19.02 -2.40
N ARG A 28 -7.65 -19.10 -3.44
CA ARG A 28 -9.04 -18.64 -3.36
C ARG A 28 -9.82 -19.43 -2.31
N SER A 29 -9.68 -20.75 -2.33
CA SER A 29 -10.38 -21.61 -1.38
C SER A 29 -10.22 -21.10 0.05
N GLN A 30 -9.06 -20.54 0.34
CA GLN A 30 -8.79 -20.02 1.69
C GLN A 30 -9.56 -18.72 1.93
N LEU A 31 -9.84 -17.99 0.85
CA LEU A 31 -10.55 -16.72 0.96
C LEU A 31 -12.06 -16.93 1.12
N ILE A 32 -12.52 -18.17 0.92
CA ILE A 32 -13.94 -18.47 1.05
C ILE A 32 -14.33 -18.61 2.52
N LEU A 33 -13.37 -19.01 3.33
CA LEU A 33 -13.62 -19.20 4.76
C LEU A 33 -13.76 -17.83 5.44
N GLN A 34 -13.04 -16.84 4.92
CA GLN A 34 -13.08 -15.50 5.49
C GLN A 34 -14.12 -14.64 4.76
N ILE A 35 -14.38 -14.98 3.50
CA ILE A 35 -15.36 -14.24 2.70
C ILE A 35 -16.12 -15.19 1.77
N PRO A 36 -17.05 -15.92 2.32
CA PRO A 36 -17.88 -16.90 1.53
C PRO A 36 -18.52 -16.26 0.30
N GLY A 37 -18.98 -15.01 0.45
CA GLY A 37 -19.63 -14.31 -0.65
C GLY A 37 -18.66 -14.00 -1.79
N LEU A 38 -17.37 -14.16 -1.52
CA LEU A 38 -16.36 -13.90 -2.53
C LEU A 38 -16.75 -14.51 -3.87
N ASN A 39 -17.10 -15.79 -3.86
CA ASN A 39 -17.49 -16.48 -5.09
C ASN A 39 -18.59 -15.72 -5.82
N ASP A 40 -19.33 -14.90 -5.09
CA ASP A 40 -20.42 -14.13 -5.68
C ASP A 40 -19.90 -12.89 -6.40
N LEU A 41 -19.08 -12.12 -5.68
CA LEU A 41 -18.52 -10.90 -6.24
C LEU A 41 -17.59 -11.20 -7.42
N VAL A 42 -16.75 -12.22 -7.25
CA VAL A 42 -15.82 -12.59 -8.32
C VAL A 42 -16.56 -12.87 -9.62
N ASN A 43 -17.78 -13.41 -9.49
CA ASN A 43 -18.58 -13.72 -10.67
C ASN A 43 -19.00 -12.45 -11.40
N ASP A 44 -18.77 -11.31 -10.78
CA ASP A 44 -19.13 -10.01 -11.37
C ASP A 44 -17.89 -9.09 -11.41
N PRO A 45 -17.67 -8.36 -12.48
CA PRO A 45 -16.48 -7.44 -12.59
C PRO A 45 -16.70 -6.10 -11.88
N LEU A 46 -17.93 -5.59 -11.94
CA LEU A 46 -18.24 -4.30 -11.32
C LEU A 46 -18.31 -4.43 -9.79
N LEU A 47 -19.06 -5.42 -9.32
CA LEU A 47 -19.20 -5.63 -7.88
C LEU A 47 -17.83 -5.91 -7.26
N PHE A 48 -17.13 -6.88 -7.82
CA PHE A 48 -15.80 -7.23 -7.31
C PHE A 48 -14.94 -5.98 -7.17
N ARG A 49 -15.18 -5.01 -8.03
CA ARG A 49 -14.42 -3.76 -8.00
C ARG A 49 -14.92 -2.85 -6.89
N GLU A 50 -16.24 -2.72 -6.78
CA GLU A 50 -16.83 -1.86 -5.76
C GLU A 50 -16.71 -2.48 -4.37
N ARG A 51 -17.25 -3.68 -4.21
CA ARG A 51 -17.22 -4.36 -2.92
C ARG A 51 -15.79 -4.51 -2.40
N LEU A 52 -14.88 -5.03 -3.24
CA LEU A 52 -13.49 -5.23 -2.84
C LEU A 52 -12.59 -4.19 -3.48
N GLY A 53 -13.09 -2.97 -3.64
CA GLY A 53 -12.31 -1.90 -4.24
C GLY A 53 -11.25 -1.39 -3.27
N PRO A 54 -11.66 -0.79 -2.20
CA PRO A 54 -10.72 -0.24 -1.17
C PRO A 54 -10.06 -1.32 -0.32
N LEU A 55 -10.48 -2.57 -0.52
CA LEU A 55 -9.90 -3.67 0.23
C LEU A 55 -8.53 -4.05 -0.34
N ILE A 56 -8.49 -4.28 -1.66
CA ILE A 56 -7.26 -4.66 -2.33
C ILE A 56 -6.29 -3.48 -2.46
N LEU A 57 -6.84 -2.27 -2.55
CA LEU A 57 -6.00 -1.08 -2.70
C LEU A 57 -5.19 -0.82 -1.43
N GLN A 58 -5.70 -1.25 -0.29
CA GLN A 58 -5.00 -1.06 0.98
C GLN A 58 -3.60 -1.65 0.89
N ARG A 59 -3.49 -2.86 0.34
CA ARG A 59 -2.20 -3.53 0.21
C ARG A 59 -1.38 -2.92 -0.91
N ARG A 60 -2.06 -2.57 -2.01
CA ARG A 60 -1.39 -1.99 -3.16
C ARG A 60 -0.56 -0.78 -2.74
N TYR A 61 -1.17 0.12 -2.00
CA TYR A 61 -0.48 1.33 -1.54
C TYR A 61 0.39 1.01 -0.33
N GLY A 62 1.58 0.48 -0.57
CA GLY A 62 2.49 0.13 0.50
C GLY A 62 3.91 -0.11 -0.03
N GLY A 63 4.76 -0.66 0.81
CA GLY A 63 6.14 -0.94 0.42
C GLY A 63 6.97 -1.36 1.62
N TYR A 64 6.38 -2.18 2.49
CA TYR A 64 7.07 -2.66 3.68
C TYR A 64 8.49 -3.13 3.32
N ASN A 65 9.47 -2.64 4.09
CA ASN A 65 10.85 -3.03 3.84
C ASN A 65 11.71 -2.74 5.08
N THR A 66 11.95 -3.78 5.87
CA THR A 66 12.75 -3.62 7.09
C THR A 66 14.16 -3.16 6.74
N ALA A 67 14.61 -2.11 7.41
CA ALA A 67 15.95 -1.57 7.17
C ALA A 67 16.31 -0.53 8.22
N MET A 68 15.42 0.44 8.41
CA MET A 68 15.64 1.49 9.39
C MET A 68 16.83 2.37 8.98
N ASN A 69 17.54 1.95 7.93
CA ASN A 69 18.70 2.72 7.46
C ASN A 69 19.60 3.10 8.64
N PRO A 70 20.50 2.24 9.04
CA PRO A 70 21.42 2.50 10.18
C PRO A 70 22.10 3.87 10.05
N PHE A 71 22.42 4.27 8.82
CA PHE A 71 23.06 5.56 8.58
C PHE A 71 22.08 6.70 8.82
N GLY A 72 20.84 6.35 9.12
CA GLY A 72 19.80 7.35 9.38
C GLY A 72 19.81 8.44 8.31
N ILE A 73 19.76 8.02 7.04
CA ILE A 73 19.74 8.97 5.91
C ILE A 73 18.44 8.84 5.13
N PRO A 74 17.95 9.91 4.53
CA PRO A 74 16.69 9.87 3.74
C PRO A 74 16.54 8.57 2.95
N GLN A 75 15.39 7.92 3.13
CA GLN A 75 15.13 6.66 2.43
C GLN A 75 15.44 6.80 0.94
N ASP A 76 15.15 7.97 0.39
CA ASP A 76 15.39 8.22 -1.03
C ASP A 76 16.89 8.20 -1.34
N GLU A 77 17.69 8.59 -0.36
CA GLU A 77 19.14 8.62 -0.54
C GLU A 77 19.74 7.23 -0.35
N TYR A 78 19.28 6.53 0.68
CA TYR A 78 19.77 5.18 0.97
C TYR A 78 19.79 4.32 -0.30
N THR A 79 18.85 4.59 -1.20
CA THR A 79 18.77 3.84 -2.45
C THR A 79 20.03 4.03 -3.28
N ARG A 80 20.60 5.22 -3.19
CA ARG A 80 21.81 5.55 -3.93
C ARG A 80 23.01 4.80 -3.35
N LEU A 81 23.01 4.60 -2.04
CA LEU A 81 24.10 3.90 -1.38
C LEU A 81 24.08 2.42 -1.74
N MET A 82 22.89 1.92 -2.08
CA MET A 82 22.74 0.50 -2.45
C MET A 82 22.65 0.33 -3.96
N ALA A 83 22.34 1.42 -4.66
CA ALA A 83 22.24 1.36 -6.12
C ALA A 83 23.58 1.03 -6.76
N ASN A 84 24.67 1.45 -6.11
CA ASN A 84 26.01 1.19 -6.63
C ASN A 84 27.05 1.33 -5.53
N PRO A 85 27.09 0.42 -4.60
CA PRO A 85 28.08 0.45 -3.48
C PRO A 85 29.46 -0.07 -3.92
N ASP A 86 29.51 -0.63 -5.13
CA ASP A 86 30.76 -1.15 -5.66
C ASP A 86 31.58 -0.05 -6.31
N ASP A 87 30.99 1.14 -6.40
CA ASP A 87 31.68 2.27 -7.01
C ASP A 87 32.69 2.86 -6.03
N PRO A 88 33.77 3.44 -6.50
CA PRO A 88 34.82 4.03 -5.61
C PRO A 88 34.27 5.21 -4.80
N ASP A 89 33.23 5.85 -5.32
CA ASP A 89 32.62 6.98 -4.63
C ASP A 89 31.74 6.50 -3.47
N ASN A 90 30.81 5.61 -3.77
CA ASN A 90 29.91 5.09 -2.76
C ASN A 90 30.67 4.30 -1.71
N LYS A 91 31.57 3.43 -2.16
CA LYS A 91 32.36 2.61 -1.24
C LYS A 91 32.95 3.48 -0.13
N LYS A 92 33.62 4.56 -0.52
CA LYS A 92 34.23 5.46 0.44
C LYS A 92 33.15 6.10 1.33
N ARG A 93 32.09 6.59 0.70
CA ARG A 93 31.01 7.23 1.44
C ARG A 93 30.62 6.38 2.65
N ILE A 94 30.18 5.16 2.38
CA ILE A 94 29.77 4.25 3.45
C ILE A 94 30.88 4.11 4.49
N ALA A 95 32.10 3.86 4.03
CA ALA A 95 33.23 3.69 4.93
C ALA A 95 33.26 4.79 5.98
N GLU A 96 32.98 6.02 5.56
CA GLU A 96 32.98 7.15 6.48
C GLU A 96 31.94 6.95 7.58
N LEU A 97 30.73 6.57 7.19
CA LEU A 97 29.66 6.35 8.15
C LEU A 97 30.08 5.32 9.20
N LEU A 98 30.81 4.30 8.76
CA LEU A 98 31.27 3.25 9.67
C LEU A 98 32.49 3.72 10.45
N ASP A 99 33.28 4.61 9.84
CA ASP A 99 34.47 5.13 10.49
C ASP A 99 34.10 5.94 11.74
N GLN A 100 33.15 6.85 11.59
CA GLN A 100 32.72 7.68 12.69
C GLN A 100 32.38 6.83 13.92
N GLN A 101 31.83 5.64 13.67
CA GLN A 101 31.46 4.75 14.77
C GLN A 101 32.65 4.52 15.70
N ALA A 102 33.83 4.44 15.12
CA ALA A 102 35.04 4.22 15.91
C ALA A 102 35.27 5.38 16.86
N ILE A 103 34.86 6.58 16.44
CA ILE A 103 35.02 7.77 17.26
C ILE A 103 33.89 7.89 18.27
N ASP A 104 32.67 7.60 17.83
CA ASP A 104 31.51 7.67 18.71
C ASP A 104 31.58 6.59 19.79
N GLU A 105 31.95 5.38 19.40
CA GLU A 105 32.04 4.27 20.35
C GLU A 105 33.03 4.61 21.47
N GLN A 106 34.24 5.01 21.10
CA GLN A 106 35.25 5.35 22.08
C GLN A 106 34.82 6.54 22.92
N LEU A 107 34.06 7.44 22.31
CA LEU A 107 33.59 8.62 23.01
C LEU A 107 32.49 8.25 24.00
N ARG A 108 31.51 7.48 23.52
CA ARG A 108 30.41 7.05 24.38
C ARG A 108 30.93 6.46 25.69
N ASN A 109 31.71 5.40 25.58
CA ASN A 109 32.26 4.74 26.76
C ASN A 109 33.28 5.66 27.44
N ALA A 110 34.08 6.35 26.64
CA ALA A 110 35.09 7.25 27.16
C ALA A 110 36.01 6.53 28.14
N ILE A 111 37.09 7.19 28.54
CA ILE A 111 38.05 6.60 29.47
C ILE A 111 38.40 5.17 29.03
N GLU A 112 39.53 5.04 28.35
CA GLU A 112 39.98 3.74 27.88
C GLU A 112 40.59 2.93 29.02
N TYR A 113 40.34 1.63 29.03
CA TYR A 113 40.88 0.76 30.07
C TYR A 113 42.33 0.43 29.78
N THR A 114 42.98 -0.28 30.71
CA THR A 114 44.37 -0.65 30.54
C THR A 114 45.24 0.58 30.32
N PRO A 115 45.32 1.45 31.30
CA PRO A 115 46.13 2.70 31.19
C PRO A 115 47.63 2.42 31.31
N GLU A 116 47.98 1.37 32.03
CA GLU A 116 49.39 1.01 32.20
C GLU A 116 50.03 0.74 30.84
N GLY A 1 12.40 -0.35 -20.94
CA GLY A 1 11.77 0.69 -20.12
C GLY A 1 11.45 0.15 -18.73
N PRO A 2 12.46 -0.11 -17.94
CA PRO A 2 12.28 -0.64 -16.55
C PRO A 2 11.26 0.18 -15.76
N LEU A 3 11.29 1.50 -15.93
CA LEU A 3 10.37 2.38 -15.22
C LEU A 3 8.94 2.17 -15.72
N GLY A 4 8.00 2.11 -14.79
CA GLY A 4 6.59 1.90 -15.15
C GLY A 4 6.34 0.46 -15.56
N SER A 5 6.40 0.20 -16.86
CA SER A 5 6.18 -1.14 -17.37
C SER A 5 4.85 -1.70 -16.85
N ALA A 6 3.84 -1.72 -17.70
CA ALA A 6 2.53 -2.23 -17.31
C ALA A 6 1.97 -1.43 -16.14
N THR A 7 1.46 -0.25 -16.44
CA THR A 7 0.88 0.61 -15.41
C THR A 7 -0.49 0.10 -14.99
N LEU A 8 -0.51 -0.80 -14.01
CA LEU A 8 -1.78 -1.37 -13.55
C LEU A 8 -2.51 -0.36 -12.65
N SER A 9 -3.44 0.38 -13.26
CA SER A 9 -4.20 1.37 -12.51
C SER A 9 -4.93 0.70 -11.35
N ASP A 10 -5.65 1.49 -10.57
CA ASP A 10 -6.38 0.95 -9.43
C ASP A 10 -7.44 -0.04 -9.91
N GLU A 11 -8.09 0.29 -11.02
CA GLU A 11 -9.11 -0.58 -11.58
C GLU A 11 -8.48 -1.79 -12.29
N ALA A 12 -7.49 -1.51 -13.13
CA ALA A 12 -6.81 -2.57 -13.87
C ALA A 12 -6.14 -3.56 -12.92
N PHE A 13 -5.48 -3.03 -11.89
CA PHE A 13 -4.79 -3.88 -10.92
C PHE A 13 -5.77 -4.83 -10.25
N ILE A 14 -6.96 -4.32 -9.92
CA ILE A 14 -7.98 -5.14 -9.27
C ILE A 14 -8.54 -6.18 -10.24
N GLU A 15 -8.57 -5.83 -11.52
CA GLU A 15 -9.09 -6.74 -12.53
C GLU A 15 -8.19 -7.97 -12.66
N GLN A 16 -6.89 -7.78 -12.43
CA GLN A 16 -5.94 -8.87 -12.52
C GLN A 16 -6.01 -9.74 -11.26
N PHE A 17 -6.25 -9.09 -10.13
CA PHE A 17 -6.35 -9.79 -8.85
C PHE A 17 -7.54 -10.74 -8.87
N ARG A 18 -8.60 -10.32 -9.54
CA ARG A 18 -9.81 -11.13 -9.66
C ARG A 18 -9.51 -12.44 -10.39
N GLN A 19 -8.90 -12.33 -11.57
CA GLN A 19 -8.57 -13.51 -12.37
C GLN A 19 -7.60 -14.44 -11.65
N GLU A 20 -6.78 -13.89 -10.76
CA GLU A 20 -5.82 -14.72 -10.02
C GLU A 20 -6.54 -15.75 -9.18
N LEU A 21 -7.49 -15.29 -8.37
CA LEU A 21 -8.25 -16.20 -7.52
C LEU A 21 -8.87 -17.33 -8.35
N LEU A 22 -9.33 -16.98 -9.53
CA LEU A 22 -9.93 -17.98 -10.42
C LEU A 22 -8.85 -18.88 -11.02
N ASN A 23 -7.64 -18.36 -11.10
CA ASN A 23 -6.52 -19.12 -11.66
C ASN A 23 -6.13 -20.27 -10.75
N ASN A 24 -6.21 -20.04 -9.44
CA ASN A 24 -5.86 -21.06 -8.46
C ASN A 24 -6.97 -21.20 -7.42
N GLN A 25 -7.68 -22.32 -7.46
CA GLN A 25 -8.77 -22.56 -6.52
C GLN A 25 -8.27 -22.60 -5.09
N MET A 26 -7.06 -23.11 -4.91
CA MET A 26 -6.48 -23.21 -3.57
C MET A 26 -6.42 -21.84 -2.92
N LEU A 27 -6.16 -20.81 -3.72
CA LEU A 27 -6.08 -19.44 -3.21
C LEU A 27 -7.48 -18.93 -2.88
N ARG A 28 -8.37 -19.00 -3.86
CA ARG A 28 -9.74 -18.53 -3.68
C ARG A 28 -10.42 -19.25 -2.52
N SER A 29 -10.38 -20.57 -2.56
CA SER A 29 -11.02 -21.38 -1.51
C SER A 29 -10.61 -20.89 -0.12
N GLN A 30 -9.38 -20.42 0.01
CA GLN A 30 -8.88 -19.94 1.29
C GLN A 30 -9.51 -18.61 1.66
N LEU A 31 -9.90 -17.84 0.65
CA LEU A 31 -10.50 -16.52 0.87
C LEU A 31 -12.00 -16.63 1.13
N ILE A 32 -12.57 -17.80 0.91
CA ILE A 32 -14.01 -17.99 1.13
C ILE A 32 -14.29 -18.12 2.63
N LEU A 33 -13.31 -18.61 3.37
CA LEU A 33 -13.47 -18.78 4.82
C LEU A 33 -13.78 -17.44 5.47
N GLN A 34 -13.05 -16.40 5.07
CA GLN A 34 -13.25 -15.07 5.64
C GLN A 34 -14.42 -14.36 4.95
N ILE A 35 -14.65 -14.69 3.67
CA ILE A 35 -15.73 -14.08 2.90
C ILE A 35 -16.52 -15.16 2.17
N PRO A 36 -17.44 -15.82 2.84
CA PRO A 36 -18.27 -16.90 2.24
C PRO A 36 -18.89 -16.51 0.89
N GLY A 37 -19.21 -15.23 0.72
CA GLY A 37 -19.84 -14.76 -0.51
C GLY A 37 -18.82 -14.20 -1.52
N LEU A 38 -17.58 -14.69 -1.47
CA LEU A 38 -16.57 -14.20 -2.40
C LEU A 38 -16.78 -14.82 -3.79
N ASN A 39 -16.93 -16.13 -3.83
CA ASN A 39 -17.15 -16.84 -5.08
C ASN A 39 -18.21 -16.14 -5.92
N ASP A 40 -19.10 -15.41 -5.24
CA ASP A 40 -20.17 -14.70 -5.93
C ASP A 40 -19.67 -13.38 -6.52
N LEU A 41 -18.77 -12.72 -5.79
CA LEU A 41 -18.25 -11.43 -6.24
C LEU A 41 -17.19 -11.59 -7.33
N VAL A 42 -16.15 -12.38 -7.05
CA VAL A 42 -15.09 -12.58 -8.03
C VAL A 42 -15.69 -13.00 -9.39
N ASN A 43 -16.89 -13.56 -9.36
CA ASN A 43 -17.56 -13.99 -10.58
C ASN A 43 -18.00 -12.79 -11.41
N ASP A 44 -17.91 -11.59 -10.83
CA ASP A 44 -18.30 -10.36 -11.52
C ASP A 44 -17.28 -9.25 -11.20
N PRO A 45 -16.79 -8.53 -12.19
CA PRO A 45 -15.77 -7.45 -11.95
C PRO A 45 -16.38 -6.17 -11.35
N LEU A 46 -17.57 -5.80 -11.80
CA LEU A 46 -18.21 -4.58 -11.30
C LEU A 46 -18.36 -4.64 -9.78
N LEU A 47 -18.90 -5.74 -9.28
CA LEU A 47 -19.10 -5.90 -7.85
C LEU A 47 -17.78 -6.21 -7.15
N PHE A 48 -17.02 -7.16 -7.71
CA PHE A 48 -15.74 -7.53 -7.12
C PHE A 48 -14.85 -6.30 -6.96
N ARG A 49 -15.01 -5.32 -7.86
CA ARG A 49 -14.21 -4.12 -7.79
C ARG A 49 -14.71 -3.20 -6.67
N GLU A 50 -16.02 -3.01 -6.61
CA GLU A 50 -16.62 -2.14 -5.61
C GLU A 50 -16.51 -2.73 -4.20
N ARG A 51 -17.03 -3.93 -4.01
CA ARG A 51 -17.01 -4.57 -2.70
C ARG A 51 -15.59 -4.76 -2.16
N LEU A 52 -14.70 -5.33 -2.98
CA LEU A 52 -13.32 -5.57 -2.53
C LEU A 52 -12.36 -4.52 -3.08
N GLY A 53 -12.88 -3.33 -3.39
CA GLY A 53 -12.02 -2.27 -3.91
C GLY A 53 -11.16 -1.67 -2.79
N PRO A 54 -11.73 -0.83 -1.98
CA PRO A 54 -11.01 -0.17 -0.85
C PRO A 54 -10.03 -1.12 -0.14
N LEU A 55 -10.31 -2.42 -0.19
CA LEU A 55 -9.46 -3.40 0.48
C LEU A 55 -8.16 -3.64 -0.31
N ILE A 56 -8.29 -3.95 -1.59
CA ILE A 56 -7.13 -4.22 -2.43
C ILE A 56 -6.22 -3.00 -2.53
N LEU A 57 -6.82 -1.81 -2.53
CA LEU A 57 -6.04 -0.58 -2.64
C LEU A 57 -5.32 -0.24 -1.33
N GLN A 58 -5.87 -0.71 -0.22
CA GLN A 58 -5.27 -0.44 1.08
C GLN A 58 -3.92 -1.11 1.18
N ARG A 59 -3.84 -2.30 0.61
CA ARG A 59 -2.61 -3.07 0.62
C ARG A 59 -1.63 -2.54 -0.44
N ARG A 60 -2.11 -2.40 -1.67
CA ARG A 60 -1.26 -1.91 -2.75
C ARG A 60 -0.60 -0.59 -2.39
N TYR A 61 -1.39 0.33 -1.82
CA TYR A 61 -0.86 1.64 -1.44
C TYR A 61 -0.06 1.52 -0.14
N GLY A 62 -0.70 1.04 0.91
CA GLY A 62 -0.03 0.89 2.20
C GLY A 62 -0.75 -0.13 3.07
N GLY A 63 -1.19 0.31 4.26
CA GLY A 63 -1.89 -0.57 5.18
C GLY A 63 -1.89 0.00 6.59
N TYR A 64 -1.88 -0.88 7.59
CA TYR A 64 -1.88 -0.44 8.98
C TYR A 64 -0.53 0.15 9.35
N ASN A 65 -0.08 -0.15 10.56
CA ASN A 65 1.21 0.37 11.04
C ASN A 65 1.19 1.89 11.08
N THR A 66 1.26 2.51 9.91
CA THR A 66 1.25 3.97 9.83
C THR A 66 -0.02 4.53 10.44
N ALA A 67 -0.46 5.69 9.94
CA ALA A 67 -1.67 6.32 10.45
C ALA A 67 -1.53 6.63 11.94
N MET A 68 -0.62 7.55 12.26
CA MET A 68 -0.39 7.93 13.65
C MET A 68 -1.60 8.69 14.21
N ASN A 69 -1.60 8.89 15.52
CA ASN A 69 -2.70 9.60 16.16
C ASN A 69 -4.03 8.90 15.93
N PRO A 70 -4.08 7.62 16.17
CA PRO A 70 -5.32 6.81 15.97
C PRO A 70 -6.38 7.16 17.02
N PHE A 71 -6.26 8.33 17.64
CA PHE A 71 -7.21 8.77 18.65
C PHE A 71 -8.20 9.76 18.05
N GLY A 72 -7.81 10.39 16.95
CA GLY A 72 -8.68 11.36 16.29
C GLY A 72 -8.66 12.70 17.00
N ILE A 73 -7.47 13.28 17.14
CA ILE A 73 -7.31 14.58 17.82
C ILE A 73 -6.30 15.45 17.06
N PRO A 74 -6.44 16.76 17.09
CA PRO A 74 -5.49 17.66 16.39
C PRO A 74 -4.05 17.18 16.53
N GLN A 75 -3.36 17.03 15.39
CA GLN A 75 -1.98 16.57 15.40
C GLN A 75 -1.18 17.28 16.49
N ASP A 76 -1.44 18.57 16.66
CA ASP A 76 -0.73 19.36 17.67
C ASP A 76 -1.04 18.85 19.07
N GLU A 77 -2.25 18.31 19.26
CA GLU A 77 -2.65 17.79 20.56
C GLU A 77 -1.93 16.49 20.88
N TYR A 78 -1.81 15.64 19.87
CA TYR A 78 -1.13 14.35 20.05
C TYR A 78 0.25 14.54 20.66
N THR A 79 0.89 15.66 20.34
CA THR A 79 2.21 15.95 20.86
C THR A 79 2.17 16.23 22.35
N ARG A 80 1.18 16.99 22.78
CA ARG A 80 1.02 17.34 24.19
C ARG A 80 0.87 16.08 25.03
N LEU A 81 -0.14 15.27 24.72
CA LEU A 81 -0.38 14.04 25.46
C LEU A 81 0.87 13.18 25.50
N MET A 82 1.46 12.93 24.33
CA MET A 82 2.66 12.11 24.25
C MET A 82 3.81 12.75 25.02
N ALA A 83 3.96 14.07 24.89
CA ALA A 83 5.03 14.78 25.57
C ALA A 83 4.80 14.80 27.08
N ASN A 84 3.53 14.74 27.48
CA ASN A 84 3.19 14.75 28.90
C ASN A 84 1.83 14.07 29.14
N PRO A 85 1.77 12.77 29.03
CA PRO A 85 0.52 12.01 29.24
C PRO A 85 0.20 11.81 30.72
N ASP A 86 0.92 12.55 31.58
CA ASP A 86 0.72 12.46 33.03
C ASP A 86 0.08 13.74 33.56
N ASP A 87 -0.22 14.69 32.67
CA ASP A 87 -0.82 15.95 33.09
C ASP A 87 -2.24 15.70 33.62
N PRO A 88 -2.71 16.48 34.58
CA PRO A 88 -4.07 16.32 35.15
C PRO A 88 -5.12 15.97 34.09
N ASP A 89 -5.30 16.86 33.12
CA ASP A 89 -6.28 16.64 32.07
C ASP A 89 -5.78 15.63 31.04
N ASN A 90 -4.48 15.65 30.78
CA ASN A 90 -3.90 14.72 29.81
C ASN A 90 -4.24 13.28 30.17
N LYS A 91 -4.03 12.91 31.43
CA LYS A 91 -4.33 11.56 31.87
C LYS A 91 -5.78 11.20 31.56
N LYS A 92 -6.69 12.04 32.04
CA LYS A 92 -8.12 11.80 31.81
C LYS A 92 -8.43 11.82 30.32
N ARG A 93 -7.88 12.79 29.60
CA ARG A 93 -8.09 12.91 28.17
C ARG A 93 -7.82 11.58 27.47
N ILE A 94 -6.71 10.95 27.82
CA ILE A 94 -6.33 9.68 27.21
C ILE A 94 -7.24 8.56 27.69
N ALA A 95 -7.79 8.72 28.90
CA ALA A 95 -8.68 7.70 29.46
C ALA A 95 -10.02 7.68 28.73
N GLU A 96 -10.60 8.85 28.54
CA GLU A 96 -11.89 8.94 27.87
C GLU A 96 -11.86 8.26 26.50
N LEU A 97 -10.77 8.46 25.76
CA LEU A 97 -10.64 7.85 24.44
C LEU A 97 -10.82 6.33 24.52
N LEU A 98 -10.39 5.74 25.63
CA LEU A 98 -10.52 4.30 25.80
C LEU A 98 -11.93 3.93 26.25
N ASP A 99 -12.52 4.79 27.08
CA ASP A 99 -13.87 4.55 27.57
C ASP A 99 -14.88 4.62 26.43
N GLN A 100 -14.69 5.57 25.53
CA GLN A 100 -15.60 5.73 24.40
C GLN A 100 -15.77 4.40 23.66
N GLN A 101 -14.71 3.59 23.65
CA GLN A 101 -14.76 2.30 22.97
C GLN A 101 -15.61 1.31 23.75
N ALA A 102 -15.32 1.17 25.04
CA ALA A 102 -16.07 0.24 25.89
C ALA A 102 -17.56 0.55 25.82
N ILE A 103 -17.90 1.83 25.77
CA ILE A 103 -19.29 2.25 25.69
C ILE A 103 -19.91 1.86 24.36
N ASP A 104 -19.14 2.03 23.29
CA ASP A 104 -19.63 1.69 21.95
C ASP A 104 -19.86 0.18 21.83
N GLU A 105 -19.10 -0.59 22.60
CA GLU A 105 -19.22 -2.04 22.56
C GLU A 105 -20.58 -2.47 23.11
N GLN A 106 -21.11 -1.72 24.06
CA GLN A 106 -22.40 -2.04 24.66
C GLN A 106 -23.50 -2.01 23.60
N LEU A 107 -23.48 -0.98 22.76
CA LEU A 107 -24.47 -0.84 21.70
C LEU A 107 -24.30 -1.95 20.66
N ARG A 108 -23.05 -2.25 20.32
CA ARG A 108 -22.77 -3.27 19.34
C ARG A 108 -23.42 -4.60 19.75
N ASN A 109 -23.20 -5.00 20.99
CA ASN A 109 -23.77 -6.25 21.49
C ASN A 109 -25.27 -6.11 21.68
N ALA A 110 -25.71 -4.94 22.12
CA ALA A 110 -27.13 -4.69 22.34
C ALA A 110 -27.95 -5.17 21.14
N ILE A 111 -27.78 -4.51 20.01
CA ILE A 111 -28.51 -4.88 18.80
C ILE A 111 -28.08 -6.26 18.32
N GLU A 112 -28.93 -7.25 18.55
CA GLU A 112 -28.63 -8.62 18.13
C GLU A 112 -29.90 -9.44 18.08
N TYR A 113 -30.41 -9.84 19.23
CA TYR A 113 -31.63 -10.64 19.30
C TYR A 113 -32.86 -9.75 19.13
N THR A 114 -33.15 -9.39 17.88
CA THR A 114 -34.31 -8.54 17.60
C THR A 114 -35.59 -9.37 17.61
N PRO A 115 -36.72 -8.78 17.95
CA PRO A 115 -38.02 -9.51 18.00
C PRO A 115 -38.14 -10.53 16.86
N GLU A 116 -38.25 -11.81 17.23
CA GLU A 116 -38.37 -12.86 16.23
C GLU A 116 -37.35 -12.67 15.10
N GLY A 1 1.92 8.28 -22.38
CA GLY A 1 3.29 8.03 -21.95
C GLY A 1 3.31 7.46 -20.54
N PRO A 2 4.46 7.39 -19.94
CA PRO A 2 4.63 6.86 -18.55
C PRO A 2 3.61 7.46 -17.58
N LEU A 3 2.94 8.51 -18.01
CA LEU A 3 1.94 9.17 -17.17
C LEU A 3 0.72 8.28 -17.02
N GLY A 4 0.76 7.11 -17.64
CA GLY A 4 -0.37 6.17 -17.56
C GLY A 4 -0.40 5.49 -16.19
N SER A 5 0.10 6.17 -15.17
CA SER A 5 0.12 5.62 -13.83
C SER A 5 0.85 4.28 -13.81
N ALA A 6 2.17 4.32 -13.75
CA ALA A 6 2.96 3.10 -13.72
C ALA A 6 2.48 2.13 -14.80
N THR A 7 1.60 1.22 -14.40
CA THR A 7 1.05 0.23 -15.34
C THR A 7 -0.34 -0.22 -14.88
N LEU A 8 -0.37 -1.18 -13.97
CA LEU A 8 -1.64 -1.69 -13.47
C LEU A 8 -2.37 -0.62 -12.66
N SER A 9 -3.28 0.08 -13.33
CA SER A 9 -4.05 1.14 -12.67
C SER A 9 -4.81 0.56 -11.48
N ASP A 10 -5.52 1.43 -10.77
CA ASP A 10 -6.30 0.98 -9.62
C ASP A 10 -7.32 -0.06 -10.04
N GLU A 11 -7.97 0.19 -11.17
CA GLU A 11 -8.97 -0.74 -11.69
C GLU A 11 -8.31 -1.97 -12.32
N ALA A 12 -7.30 -1.72 -13.16
CA ALA A 12 -6.60 -2.81 -13.83
C ALA A 12 -6.04 -3.80 -12.82
N PHE A 13 -5.40 -3.29 -11.78
CA PHE A 13 -4.83 -4.15 -10.75
C PHE A 13 -5.90 -5.03 -10.13
N ILE A 14 -7.07 -4.45 -9.88
CA ILE A 14 -8.17 -5.19 -9.27
C ILE A 14 -8.73 -6.20 -10.27
N GLU A 15 -8.66 -5.88 -11.55
CA GLU A 15 -9.15 -6.78 -12.59
C GLU A 15 -8.26 -8.01 -12.71
N GLN A 16 -6.97 -7.81 -12.53
CA GLN A 16 -6.02 -8.93 -12.61
C GLN A 16 -6.05 -9.75 -11.32
N PHE A 17 -6.14 -9.05 -10.18
CA PHE A 17 -6.17 -9.72 -8.89
C PHE A 17 -7.34 -10.71 -8.84
N ARG A 18 -8.44 -10.34 -9.50
CA ARG A 18 -9.62 -11.20 -9.54
C ARG A 18 -9.35 -12.47 -10.33
N GLN A 19 -8.49 -12.36 -11.35
CA GLN A 19 -8.17 -13.52 -12.19
C GLN A 19 -7.31 -14.53 -11.44
N GLU A 20 -6.49 -14.03 -10.51
CA GLU A 20 -5.62 -14.91 -9.73
C GLU A 20 -6.47 -15.88 -8.90
N LEU A 21 -7.39 -15.33 -8.12
CA LEU A 21 -8.25 -16.15 -7.28
C LEU A 21 -8.97 -17.21 -8.10
N LEU A 22 -9.37 -16.85 -9.31
CA LEU A 22 -10.06 -17.78 -10.19
C LEU A 22 -9.08 -18.81 -10.75
N ASN A 23 -7.82 -18.44 -10.82
CA ASN A 23 -6.79 -19.33 -11.33
C ASN A 23 -6.24 -20.24 -10.22
N ASN A 24 -6.15 -19.70 -9.01
CA ASN A 24 -5.64 -20.46 -7.86
C ASN A 24 -6.80 -20.94 -6.98
N GLN A 25 -7.16 -22.20 -7.12
CA GLN A 25 -8.23 -22.78 -6.33
C GLN A 25 -7.83 -22.89 -4.86
N MET A 26 -6.53 -22.99 -4.62
CA MET A 26 -6.01 -23.11 -3.25
C MET A 26 -6.02 -21.76 -2.56
N LEU A 27 -5.40 -20.76 -3.19
CA LEU A 27 -5.33 -19.43 -2.60
C LEU A 27 -6.73 -18.91 -2.31
N ARG A 28 -7.61 -19.00 -3.31
CA ARG A 28 -8.99 -18.52 -3.16
C ARG A 28 -9.70 -19.29 -2.06
N SER A 29 -9.53 -20.60 -2.03
CA SER A 29 -10.17 -21.44 -1.03
C SER A 29 -9.96 -20.87 0.38
N GLN A 30 -8.78 -20.30 0.61
CA GLN A 30 -8.49 -19.73 1.92
C GLN A 30 -9.37 -18.52 2.21
N LEU A 31 -9.78 -17.83 1.15
CA LEU A 31 -10.64 -16.65 1.30
C LEU A 31 -12.11 -17.06 1.37
N ILE A 32 -12.44 -18.23 0.83
CA ILE A 32 -13.83 -18.70 0.85
C ILE A 32 -14.25 -19.01 2.28
N LEU A 33 -13.28 -19.38 3.10
CA LEU A 33 -13.54 -19.72 4.49
C LEU A 33 -13.80 -18.44 5.30
N GLN A 34 -13.14 -17.35 4.94
CA GLN A 34 -13.30 -16.07 5.64
C GLN A 34 -14.22 -15.14 4.84
N ILE A 35 -14.45 -15.49 3.58
CA ILE A 35 -15.30 -14.69 2.70
C ILE A 35 -16.03 -15.60 1.71
N PRO A 36 -17.19 -16.12 2.06
CA PRO A 36 -17.94 -17.03 1.15
C PRO A 36 -18.61 -16.27 0.01
N GLY A 37 -18.97 -15.02 0.25
CA GLY A 37 -19.61 -14.21 -0.77
C GLY A 37 -18.63 -13.87 -1.89
N LEU A 38 -17.37 -14.25 -1.70
CA LEU A 38 -16.35 -13.97 -2.71
C LEU A 38 -16.74 -14.55 -4.06
N ASN A 39 -17.04 -15.84 -4.07
CA ASN A 39 -17.43 -16.52 -5.30
C ASN A 39 -18.60 -15.80 -5.97
N ASP A 40 -19.37 -15.05 -5.18
CA ASP A 40 -20.52 -14.33 -5.70
C ASP A 40 -20.10 -13.05 -6.40
N LEU A 41 -19.28 -12.24 -5.72
CA LEU A 41 -18.82 -10.98 -6.29
C LEU A 41 -17.87 -11.20 -7.46
N VAL A 42 -16.99 -12.19 -7.33
CA VAL A 42 -16.01 -12.48 -8.38
C VAL A 42 -16.70 -12.63 -9.74
N ASN A 43 -17.73 -13.46 -9.81
CA ASN A 43 -18.42 -13.67 -11.09
C ASN A 43 -18.98 -12.35 -11.62
N ASP A 44 -18.77 -11.27 -10.87
CA ASP A 44 -19.23 -9.94 -11.28
C ASP A 44 -18.08 -8.93 -11.16
N PRO A 45 -17.67 -8.28 -12.22
CA PRO A 45 -16.53 -7.31 -12.15
C PRO A 45 -16.93 -5.98 -11.51
N LEU A 46 -18.10 -5.47 -11.86
CA LEU A 46 -18.56 -4.20 -11.31
C LEU A 46 -18.64 -4.29 -9.79
N LEU A 47 -19.22 -5.37 -9.28
CA LEU A 47 -19.37 -5.55 -7.84
C LEU A 47 -18.02 -5.90 -7.20
N PHE A 48 -17.33 -6.87 -7.77
CA PHE A 48 -16.04 -7.28 -7.23
C PHE A 48 -15.14 -6.06 -7.04
N ARG A 49 -15.31 -5.06 -7.89
CA ARG A 49 -14.50 -3.86 -7.80
C ARG A 49 -14.97 -2.98 -6.64
N GLU A 50 -16.27 -2.74 -6.58
CA GLU A 50 -16.84 -1.90 -5.52
C GLU A 50 -16.60 -2.50 -4.14
N ARG A 51 -17.08 -3.72 -3.93
CA ARG A 51 -16.95 -4.38 -2.63
C ARG A 51 -15.48 -4.54 -2.21
N LEU A 52 -14.65 -5.09 -3.11
CA LEU A 52 -13.23 -5.31 -2.80
C LEU A 52 -12.36 -4.25 -3.47
N GLY A 53 -12.90 -3.05 -3.64
CA GLY A 53 -12.16 -1.97 -4.27
C GLY A 53 -11.04 -1.43 -3.36
N PRO A 54 -11.41 -0.79 -2.29
CA PRO A 54 -10.41 -0.21 -1.32
C PRO A 54 -9.56 -1.26 -0.64
N LEU A 55 -10.14 -2.42 -0.36
CA LEU A 55 -9.41 -3.49 0.31
C LEU A 55 -8.14 -3.86 -0.47
N ILE A 56 -8.30 -4.12 -1.77
CA ILE A 56 -7.16 -4.49 -2.59
C ILE A 56 -6.18 -3.32 -2.76
N LEU A 57 -6.70 -2.11 -2.77
CA LEU A 57 -5.86 -0.93 -2.94
C LEU A 57 -5.09 -0.61 -1.66
N GLN A 58 -5.74 -0.80 -0.51
CA GLN A 58 -5.09 -0.52 0.77
C GLN A 58 -3.76 -1.26 0.87
N ARG A 59 -3.71 -2.46 0.28
CA ARG A 59 -2.50 -3.26 0.31
C ARG A 59 -1.36 -2.54 -0.39
N ARG A 60 -1.55 -2.23 -1.67
CA ARG A 60 -0.53 -1.55 -2.45
C ARG A 60 -0.21 -0.18 -1.84
N TYR A 61 -1.25 0.57 -1.50
CA TYR A 61 -1.07 1.89 -0.91
C TYR A 61 -0.83 1.78 0.59
N GLY A 62 -0.80 2.92 1.27
CA GLY A 62 -0.58 2.94 2.71
C GLY A 62 -0.31 4.37 3.20
N GLY A 63 0.38 4.48 4.33
CA GLY A 63 0.69 5.79 4.89
C GLY A 63 1.82 5.68 5.91
N TYR A 64 1.62 4.86 6.93
CA TYR A 64 2.61 4.67 7.96
C TYR A 64 2.99 6.01 8.58
N ASN A 65 3.93 6.71 7.95
CA ASN A 65 4.38 8.01 8.45
C ASN A 65 5.01 8.82 7.32
N THR A 66 4.57 10.06 7.18
CA THR A 66 5.10 10.93 6.13
C THR A 66 6.59 11.15 6.33
N ALA A 67 6.94 12.02 7.28
CA ALA A 67 8.34 12.33 7.56
C ALA A 67 9.13 11.03 7.77
N MET A 68 10.42 11.07 7.45
CA MET A 68 11.28 9.91 7.60
C MET A 68 12.75 10.31 7.58
N ASN A 69 13.24 10.66 6.40
CA ASN A 69 14.64 11.06 6.25
C ASN A 69 15.56 9.92 6.69
N PRO A 70 16.73 9.79 6.10
CA PRO A 70 17.69 8.70 6.48
C PRO A 70 18.32 8.94 7.85
N PHE A 71 18.43 10.20 8.23
CA PHE A 71 19.01 10.55 9.52
C PHE A 71 17.99 10.33 10.63
N GLY A 72 16.74 10.08 10.25
CA GLY A 72 15.68 9.85 11.22
C GLY A 72 15.72 10.89 12.33
N ILE A 73 15.42 12.14 11.98
CA ILE A 73 15.42 13.24 12.96
C ILE A 73 14.12 14.04 12.85
N PRO A 74 13.63 14.61 13.92
CA PRO A 74 12.38 15.43 13.91
C PRO A 74 12.27 16.26 12.64
N GLN A 75 11.16 16.12 11.93
CA GLN A 75 10.94 16.87 10.70
C GLN A 75 11.31 18.34 10.89
N ASP A 76 11.21 18.80 12.13
CA ASP A 76 11.54 20.19 12.43
C ASP A 76 13.02 20.46 12.19
N GLU A 77 13.85 19.47 12.46
CA GLU A 77 15.29 19.62 12.29
C GLU A 77 15.67 19.43 10.82
N TYR A 78 15.19 18.35 10.21
CA TYR A 78 15.48 18.08 8.81
C TYR A 78 15.24 19.32 7.94
N THR A 79 14.23 20.09 8.31
CA THR A 79 13.89 21.30 7.55
C THR A 79 14.96 22.37 7.74
N ARG A 80 15.57 22.40 8.92
CA ARG A 80 16.61 23.37 9.22
C ARG A 80 17.89 23.06 8.46
N LEU A 81 18.40 21.85 8.65
CA LEU A 81 19.63 21.44 7.98
C LEU A 81 19.47 21.53 6.46
N MET A 82 18.24 21.29 5.99
CA MET A 82 17.98 21.35 4.55
C MET A 82 17.81 22.79 4.09
N ALA A 83 17.32 23.65 4.98
CA ALA A 83 17.11 25.05 4.65
C ALA A 83 18.43 25.82 4.68
N ASN A 84 19.44 25.23 5.31
CA ASN A 84 20.75 25.87 5.41
C ASN A 84 21.85 24.85 5.68
N PRO A 85 22.06 23.93 4.77
CA PRO A 85 23.10 22.88 4.94
C PRO A 85 24.52 23.44 4.74
N ASP A 86 24.60 24.71 4.37
CA ASP A 86 25.89 25.36 4.16
C ASP A 86 26.35 26.11 5.41
N ASP A 87 25.55 26.00 6.48
CA ASP A 87 25.89 26.68 7.73
C ASP A 87 26.93 25.87 8.52
N PRO A 88 27.97 26.48 9.03
CA PRO A 88 29.01 25.75 9.82
C PRO A 88 28.39 24.72 10.77
N ASP A 89 27.21 25.02 11.27
CA ASP A 89 26.52 24.11 12.18
C ASP A 89 25.88 22.95 11.42
N ASN A 90 25.08 23.28 10.42
CA ASN A 90 24.40 22.25 9.62
C ASN A 90 25.41 21.43 8.83
N LYS A 91 26.28 22.11 8.09
CA LYS A 91 27.28 21.44 7.28
C LYS A 91 28.06 20.43 8.12
N LYS A 92 28.41 20.83 9.34
CA LYS A 92 29.16 19.95 10.23
C LYS A 92 28.25 18.87 10.80
N ARG A 93 27.10 19.28 11.32
CA ARG A 93 26.14 18.35 11.90
C ARG A 93 25.88 17.19 10.94
N ILE A 94 25.54 17.53 9.70
CA ILE A 94 25.25 16.51 8.69
C ILE A 94 26.43 15.56 8.53
N ALA A 95 27.62 16.14 8.34
CA ALA A 95 28.82 15.33 8.15
C ALA A 95 28.93 14.25 9.22
N GLU A 96 28.61 14.60 10.46
CA GLU A 96 28.68 13.64 11.56
C GLU A 96 27.80 12.43 11.27
N LEU A 97 26.56 12.68 10.85
CA LEU A 97 25.64 11.59 10.55
C LEU A 97 26.25 10.63 9.53
N LEU A 98 27.01 11.18 8.59
CA LEU A 98 27.65 10.35 7.58
C LEU A 98 28.92 9.71 8.13
N ASP A 99 29.57 10.40 9.06
CA ASP A 99 30.80 9.89 9.66
C ASP A 99 30.54 8.57 10.38
N GLN A 100 29.55 8.55 11.26
CA GLN A 100 29.21 7.36 12.01
C GLN A 100 29.00 6.17 11.07
N GLN A 101 28.47 6.45 9.89
CA GLN A 101 28.22 5.41 8.90
C GLN A 101 29.50 4.63 8.59
N ALA A 102 30.61 5.35 8.55
CA ALA A 102 31.90 4.71 8.27
C ALA A 102 32.25 3.69 9.34
N ILE A 103 31.85 3.98 10.58
CA ILE A 103 32.12 3.08 11.68
C ILE A 103 31.17 1.88 11.65
N ASP A 104 29.88 2.17 11.47
CA ASP A 104 28.88 1.12 11.43
C ASP A 104 29.13 0.18 10.25
N GLU A 105 29.69 0.74 9.17
CA GLU A 105 29.97 -0.04 7.97
C GLU A 105 30.90 -1.21 8.31
N GLN A 106 32.01 -0.91 8.97
CA GLN A 106 32.97 -1.94 9.34
C GLN A 106 32.40 -2.83 10.43
N LEU A 107 31.93 -2.21 11.51
CA LEU A 107 31.36 -2.97 12.62
C LEU A 107 30.34 -3.98 12.11
N ARG A 108 29.36 -3.50 11.36
CA ARG A 108 28.32 -4.37 10.81
C ARG A 108 28.95 -5.56 10.10
N ASN A 109 29.93 -5.28 9.23
CA ASN A 109 30.60 -6.34 8.49
C ASN A 109 31.54 -7.12 9.40
N ALA A 110 31.91 -6.50 10.52
CA ALA A 110 32.81 -7.14 11.47
C ALA A 110 32.08 -8.22 12.24
N ILE A 111 32.18 -9.46 11.77
CA ILE A 111 31.52 -10.58 12.42
C ILE A 111 32.08 -10.79 13.83
N GLU A 112 31.58 -11.81 14.52
CA GLU A 112 32.04 -12.10 15.87
C GLU A 112 33.52 -12.49 15.87
N TYR A 113 33.87 -13.46 16.71
CA TYR A 113 35.25 -13.93 16.79
C TYR A 113 35.30 -15.34 17.37
N THR A 114 36.16 -16.17 16.80
CA THR A 114 36.29 -17.55 17.26
C THR A 114 37.63 -18.14 16.80
N PRO A 115 38.73 -17.58 17.24
CA PRO A 115 40.09 -18.05 16.85
C PRO A 115 40.43 -19.39 17.52
N GLU A 116 40.30 -20.47 16.76
CA GLU A 116 40.60 -21.80 17.29
C GLU A 116 42.07 -21.90 17.67
N GLY A 1 8.44 9.19 -12.74
CA GLY A 1 7.63 9.73 -13.82
C GLY A 1 7.80 8.92 -15.10
N PRO A 2 7.23 7.73 -15.12
CA PRO A 2 7.32 6.83 -16.30
C PRO A 2 7.01 7.55 -17.61
N LEU A 3 7.74 7.21 -18.66
CA LEU A 3 7.54 7.83 -19.96
C LEU A 3 6.31 7.23 -20.64
N GLY A 4 5.13 7.50 -20.07
CA GLY A 4 3.90 6.98 -20.63
C GLY A 4 3.84 5.46 -20.54
N SER A 5 4.05 4.94 -19.33
CA SER A 5 4.03 3.49 -19.12
C SER A 5 4.03 3.18 -17.62
N ALA A 6 2.85 3.22 -17.03
CA ALA A 6 2.71 2.94 -15.60
C ALA A 6 2.79 1.43 -15.34
N THR A 7 2.05 0.96 -14.35
CA THR A 7 2.04 -0.46 -14.01
C THR A 7 0.72 -0.83 -13.34
N LEU A 8 -0.17 -1.45 -14.12
CA LEU A 8 -1.47 -1.86 -13.60
C LEU A 8 -2.11 -0.73 -12.79
N SER A 9 -2.97 0.04 -13.43
CA SER A 9 -3.64 1.14 -12.76
C SER A 9 -4.40 0.64 -11.53
N ASP A 10 -5.23 1.49 -10.96
CA ASP A 10 -6.01 1.09 -9.79
C ASP A 10 -7.01 0.01 -10.16
N GLU A 11 -7.77 0.26 -11.22
CA GLU A 11 -8.77 -0.70 -11.68
C GLU A 11 -8.09 -1.87 -12.40
N ALA A 12 -7.11 -1.56 -13.23
CA ALA A 12 -6.39 -2.59 -13.97
C ALA A 12 -5.78 -3.61 -13.02
N PHE A 13 -5.34 -3.15 -11.86
CA PHE A 13 -4.73 -4.04 -10.88
C PHE A 13 -5.79 -4.92 -10.21
N ILE A 14 -6.98 -4.36 -10.02
CA ILE A 14 -8.07 -5.10 -9.38
C ILE A 14 -8.61 -6.18 -10.32
N GLU A 15 -8.62 -5.88 -11.62
CA GLU A 15 -9.12 -6.83 -12.60
C GLU A 15 -8.15 -8.01 -12.75
N GLN A 16 -6.86 -7.71 -12.65
CA GLN A 16 -5.83 -8.75 -12.78
C GLN A 16 -5.90 -9.70 -11.58
N PHE A 17 -6.27 -9.17 -10.43
CA PHE A 17 -6.36 -9.96 -9.21
C PHE A 17 -7.63 -10.82 -9.23
N ARG A 18 -8.71 -10.25 -9.74
CA ARG A 18 -9.99 -10.98 -9.84
C ARG A 18 -9.79 -12.27 -10.64
N GLN A 19 -9.07 -12.18 -11.76
CA GLN A 19 -8.84 -13.35 -12.60
C GLN A 19 -7.87 -14.32 -11.94
N GLU A 20 -7.00 -13.81 -11.07
CA GLU A 20 -6.03 -14.66 -10.39
C GLU A 20 -6.72 -15.58 -9.39
N LEU A 21 -7.65 -15.02 -8.62
CA LEU A 21 -8.37 -15.81 -7.62
C LEU A 21 -9.01 -17.05 -8.26
N LEU A 22 -9.55 -16.87 -9.46
CA LEU A 22 -10.19 -17.99 -10.16
C LEU A 22 -9.15 -19.03 -10.58
N ASN A 23 -7.92 -18.57 -10.80
CA ASN A 23 -6.85 -19.47 -11.21
C ASN A 23 -6.26 -20.19 -10.00
N ASN A 24 -6.27 -19.53 -8.85
CA ASN A 24 -5.73 -20.10 -7.62
C ASN A 24 -6.84 -20.76 -6.81
N GLN A 25 -6.97 -22.08 -6.95
CA GLN A 25 -8.00 -22.81 -6.22
C GLN A 25 -7.68 -22.87 -4.73
N MET A 26 -6.41 -23.12 -4.41
CA MET A 26 -6.00 -23.21 -3.00
C MET A 26 -6.16 -21.87 -2.29
N LEU A 27 -5.59 -20.82 -2.87
CA LEU A 27 -5.69 -19.48 -2.27
C LEU A 27 -7.14 -19.06 -2.18
N ARG A 28 -7.90 -19.31 -3.25
CA ARG A 28 -9.31 -18.94 -3.28
C ARG A 28 -10.10 -19.73 -2.24
N SER A 29 -9.96 -21.05 -2.28
CA SER A 29 -10.67 -21.91 -1.35
C SER A 29 -10.50 -21.44 0.09
N GLN A 30 -9.32 -20.92 0.40
CA GLN A 30 -9.04 -20.43 1.74
C GLN A 30 -9.85 -19.17 2.06
N LEU A 31 -10.19 -18.42 1.01
CA LEU A 31 -10.95 -17.18 1.19
C LEU A 31 -12.45 -17.48 1.34
N ILE A 32 -12.90 -18.60 0.80
CA ILE A 32 -14.32 -18.96 0.89
C ILE A 32 -14.70 -19.27 2.35
N LEU A 33 -13.73 -19.77 3.12
CA LEU A 33 -13.99 -20.10 4.52
C LEU A 33 -14.18 -18.83 5.35
N GLN A 34 -13.35 -17.83 5.08
CA GLN A 34 -13.43 -16.55 5.81
C GLN A 34 -14.28 -15.55 5.05
N ILE A 35 -14.50 -15.81 3.76
CA ILE A 35 -15.31 -14.93 2.93
C ILE A 35 -16.06 -15.74 1.86
N PRO A 36 -17.22 -16.28 2.18
CA PRO A 36 -17.98 -17.11 1.20
C PRO A 36 -18.59 -16.27 0.08
N GLY A 37 -18.96 -15.04 0.40
CA GLY A 37 -19.54 -14.14 -0.59
C GLY A 37 -18.55 -13.87 -1.72
N LEU A 38 -17.27 -14.12 -1.45
CA LEU A 38 -16.24 -13.90 -2.45
C LEU A 38 -16.65 -14.47 -3.80
N ASN A 39 -16.98 -15.75 -3.81
CA ASN A 39 -17.39 -16.42 -5.05
C ASN A 39 -18.46 -15.60 -5.78
N ASP A 40 -19.22 -14.83 -5.02
CA ASP A 40 -20.28 -14.01 -5.61
C ASP A 40 -19.72 -12.72 -6.20
N LEU A 41 -18.76 -12.11 -5.50
CA LEU A 41 -18.16 -10.86 -5.96
C LEU A 41 -17.21 -11.08 -7.13
N VAL A 42 -16.26 -11.99 -6.94
CA VAL A 42 -15.28 -12.26 -8.00
C VAL A 42 -15.97 -12.71 -9.28
N ASN A 43 -17.17 -13.27 -9.15
CA ASN A 43 -17.93 -13.74 -10.30
C ASN A 43 -18.30 -12.56 -11.21
N ASP A 44 -18.19 -11.35 -10.68
CA ASP A 44 -18.51 -10.14 -11.44
C ASP A 44 -17.48 -9.05 -11.14
N PRO A 45 -16.98 -8.35 -12.14
CA PRO A 45 -15.95 -7.27 -11.91
C PRO A 45 -16.55 -6.01 -11.29
N LEU A 46 -17.76 -5.65 -11.70
CA LEU A 46 -18.41 -4.45 -11.18
C LEU A 46 -18.50 -4.52 -9.65
N LEU A 47 -19.00 -5.65 -9.13
CA LEU A 47 -19.15 -5.80 -7.70
C LEU A 47 -17.79 -6.05 -7.04
N PHE A 48 -16.94 -6.86 -7.69
CA PHE A 48 -15.62 -7.16 -7.16
C PHE A 48 -14.81 -5.88 -6.98
N ARG A 49 -15.07 -4.90 -7.84
CA ARG A 49 -14.34 -3.63 -7.76
C ARG A 49 -14.91 -2.75 -6.67
N GLU A 50 -16.24 -2.71 -6.57
CA GLU A 50 -16.89 -1.87 -5.57
C GLU A 50 -16.69 -2.41 -4.15
N ARG A 51 -17.10 -3.65 -3.93
CA ARG A 51 -17.00 -4.25 -2.60
C ARG A 51 -15.56 -4.49 -2.15
N LEU A 52 -14.74 -5.11 -2.99
CA LEU A 52 -13.35 -5.40 -2.61
C LEU A 52 -12.36 -4.39 -3.19
N GLY A 53 -12.85 -3.20 -3.53
CA GLY A 53 -11.98 -2.17 -4.07
C GLY A 53 -11.00 -1.66 -3.00
N PRO A 54 -11.52 -1.16 -1.92
CA PRO A 54 -10.68 -0.62 -0.80
C PRO A 54 -9.61 -1.61 -0.33
N LEU A 55 -10.02 -2.84 -0.06
CA LEU A 55 -9.08 -3.86 0.42
C LEU A 55 -7.89 -4.03 -0.52
N ILE A 56 -8.17 -4.25 -1.80
CA ILE A 56 -7.10 -4.44 -2.78
C ILE A 56 -6.25 -3.18 -2.95
N LEU A 57 -6.91 -2.02 -2.97
CA LEU A 57 -6.19 -0.77 -3.14
C LEU A 57 -5.45 -0.37 -1.87
N GLN A 58 -6.01 -0.74 -0.71
CA GLN A 58 -5.38 -0.41 0.56
C GLN A 58 -3.94 -0.93 0.59
N ARG A 59 -3.72 -2.13 0.08
CA ARG A 59 -2.40 -2.73 0.06
C ARG A 59 -1.42 -1.84 -0.70
N ARG A 60 -1.65 -1.71 -2.01
CA ARG A 60 -0.79 -0.88 -2.86
C ARG A 60 -0.63 0.52 -2.29
N TYR A 61 -1.75 1.15 -1.97
CA TYR A 61 -1.73 2.50 -1.42
C TYR A 61 -1.45 2.46 0.09
N GLY A 62 -1.35 3.64 0.69
CA GLY A 62 -1.09 3.73 2.13
C GLY A 62 0.37 3.44 2.44
N GLY A 63 0.64 2.28 3.01
CA GLY A 63 2.00 1.89 3.35
C GLY A 63 2.01 0.74 4.35
N TYR A 64 1.00 -0.11 4.26
CA TYR A 64 0.89 -1.25 5.17
C TYR A 64 1.85 -2.36 4.74
N ASN A 65 1.46 -3.11 3.72
CA ASN A 65 2.29 -4.20 3.21
C ASN A 65 3.43 -3.66 2.36
N THR A 66 4.56 -3.39 3.00
CA THR A 66 5.72 -2.86 2.27
C THR A 66 6.43 -3.98 1.52
N ALA A 67 6.64 -5.10 2.20
CA ALA A 67 7.31 -6.24 1.58
C ALA A 67 8.62 -5.80 0.92
N MET A 68 9.14 -4.66 1.35
CA MET A 68 10.39 -4.15 0.79
C MET A 68 11.58 -4.88 1.39
N ASN A 69 11.92 -6.03 0.80
CA ASN A 69 13.04 -6.85 1.28
C ASN A 69 14.09 -7.02 0.18
N PRO A 70 14.95 -6.04 0.01
CA PRO A 70 16.02 -6.09 -1.03
C PRO A 70 16.75 -7.44 -1.05
N PHE A 71 17.19 -7.88 0.13
CA PHE A 71 17.90 -9.15 0.24
C PHE A 71 17.00 -10.29 -0.22
N GLY A 72 15.75 -9.96 -0.50
CA GLY A 72 14.79 -10.96 -0.95
C GLY A 72 14.83 -12.21 -0.07
N ILE A 73 14.58 -12.03 1.23
CA ILE A 73 14.59 -13.14 2.19
C ILE A 73 13.21 -13.27 2.84
N PRO A 74 12.81 -14.46 3.24
CA PRO A 74 11.49 -14.69 3.88
C PRO A 74 11.11 -13.55 4.82
N GLN A 75 9.91 -13.00 4.62
CA GLN A 75 9.44 -11.90 5.46
C GLN A 75 9.73 -12.17 6.93
N ASP A 76 9.55 -13.43 7.35
CA ASP A 76 9.80 -13.80 8.73
C ASP A 76 11.22 -13.42 9.15
N GLU A 77 12.13 -13.43 8.19
CA GLU A 77 13.53 -13.10 8.47
C GLU A 77 13.73 -11.59 8.47
N TYR A 78 13.41 -10.95 7.35
CA TYR A 78 13.57 -9.49 7.24
C TYR A 78 12.98 -8.78 8.44
N THR A 79 11.86 -9.30 8.95
CA THR A 79 11.20 -8.70 10.10
C THR A 79 12.10 -8.73 11.31
N ARG A 80 12.86 -9.81 11.47
CA ARG A 80 13.77 -9.96 12.60
C ARG A 80 14.92 -8.96 12.50
N LEU A 81 15.43 -8.76 11.29
CA LEU A 81 16.54 -7.83 11.09
C LEU A 81 16.08 -6.39 11.33
N MET A 82 14.98 -6.01 10.69
CA MET A 82 14.44 -4.66 10.84
C MET A 82 14.00 -4.42 12.28
N ALA A 83 13.60 -5.49 12.97
CA ALA A 83 13.15 -5.39 14.34
C ALA A 83 14.30 -5.04 15.27
N ASN A 84 15.51 -5.43 14.88
CA ASN A 84 16.70 -5.16 15.70
C ASN A 84 17.96 -5.25 14.86
N PRO A 85 18.15 -4.34 13.94
CA PRO A 85 19.34 -4.33 13.04
C PRO A 85 20.59 -3.79 13.75
N ASP A 86 20.38 -3.24 14.95
CA ASP A 86 21.49 -2.68 15.72
C ASP A 86 22.13 -3.75 16.60
N ASP A 87 21.70 -5.00 16.42
CA ASP A 87 22.23 -6.11 17.20
C ASP A 87 23.56 -6.61 16.60
N PRO A 88 24.62 -6.69 17.37
CA PRO A 88 25.94 -7.19 16.84
C PRO A 88 25.78 -8.39 15.92
N ASP A 89 24.73 -9.16 16.15
CA ASP A 89 24.47 -10.35 15.34
C ASP A 89 23.87 -9.97 13.99
N ASN A 90 22.83 -9.14 14.02
CA ASN A 90 22.18 -8.71 12.79
C ASN A 90 23.14 -7.92 11.91
N LYS A 91 23.78 -6.92 12.47
CA LYS A 91 24.73 -6.09 11.73
C LYS A 91 25.68 -6.97 10.93
N LYS A 92 25.97 -8.16 11.47
CA LYS A 92 26.86 -9.10 10.80
C LYS A 92 26.12 -9.92 9.76
N ARG A 93 24.99 -10.49 10.16
CA ARG A 93 24.19 -11.31 9.25
C ARG A 93 23.92 -10.55 7.95
N ILE A 94 23.35 -9.35 8.07
CA ILE A 94 23.05 -8.54 6.90
C ILE A 94 24.29 -8.35 6.02
N ALA A 95 25.39 -7.96 6.65
CA ALA A 95 26.64 -7.73 5.91
C ALA A 95 26.92 -8.88 4.94
N GLU A 96 26.37 -10.05 5.23
CA GLU A 96 26.58 -11.20 4.37
C GLU A 96 25.76 -11.10 3.10
N LEU A 97 24.53 -10.60 3.22
CA LEU A 97 23.66 -10.46 2.06
C LEU A 97 24.18 -9.40 1.10
N LEU A 98 24.78 -8.34 1.65
CA LEU A 98 25.32 -7.27 0.82
C LEU A 98 26.69 -7.67 0.28
N ASP A 99 27.40 -8.49 1.03
CA ASP A 99 28.74 -8.94 0.63
C ASP A 99 28.67 -9.67 -0.71
N GLN A 100 27.74 -10.62 -0.82
CA GLN A 100 27.59 -11.38 -2.03
C GLN A 100 26.96 -10.52 -3.12
N GLN A 101 26.12 -9.58 -2.72
CA GLN A 101 25.45 -8.69 -3.66
C GLN A 101 26.49 -7.93 -4.48
N ALA A 102 27.59 -7.56 -3.84
CA ALA A 102 28.65 -6.81 -4.52
C ALA A 102 29.50 -7.74 -5.38
N ILE A 103 29.61 -9.00 -4.95
CA ILE A 103 30.39 -9.97 -5.69
C ILE A 103 29.62 -10.50 -6.89
N ASP A 104 28.32 -10.69 -6.71
CA ASP A 104 27.47 -11.19 -7.79
C ASP A 104 27.26 -10.12 -8.86
N GLU A 105 27.11 -8.87 -8.41
CA GLU A 105 26.91 -7.77 -9.35
C GLU A 105 28.06 -7.69 -10.35
N GLN A 106 29.27 -7.97 -9.88
CA GLN A 106 30.43 -7.93 -10.75
C GLN A 106 30.20 -8.73 -12.02
N LEU A 107 29.70 -9.96 -11.87
CA LEU A 107 29.43 -10.82 -13.00
C LEU A 107 28.29 -10.24 -13.84
N ARG A 108 27.23 -9.83 -13.17
CA ARG A 108 26.07 -9.27 -13.86
C ARG A 108 26.50 -8.07 -14.72
N ASN A 109 27.20 -7.14 -14.11
CA ASN A 109 27.67 -5.96 -14.83
C ASN A 109 28.59 -6.36 -15.98
N ALA A 110 29.26 -7.50 -15.83
CA ALA A 110 30.17 -7.98 -16.86
C ALA A 110 29.38 -8.64 -17.99
N ILE A 111 30.03 -8.83 -19.13
CA ILE A 111 29.39 -9.45 -20.29
C ILE A 111 30.40 -10.29 -21.08
N GLU A 112 31.67 -9.90 -21.00
CA GLU A 112 32.73 -10.61 -21.71
C GLU A 112 34.05 -10.46 -20.97
N TYR A 113 34.92 -11.46 -21.11
CA TYR A 113 36.22 -11.43 -20.45
C TYR A 113 37.17 -12.44 -21.09
N THR A 114 38.33 -11.95 -21.53
CA THR A 114 39.33 -12.82 -22.16
C THR A 114 40.11 -13.58 -21.09
N PRO A 115 40.62 -14.75 -21.41
CA PRO A 115 41.40 -15.57 -20.44
C PRO A 115 42.77 -14.96 -20.15
N GLU A 116 42.80 -14.00 -19.22
CA GLU A 116 44.05 -13.34 -18.86
C GLU A 116 44.97 -14.29 -18.11
N GLY A 1 9.88 0.68 -7.02
CA GLY A 1 10.12 -0.75 -7.07
C GLY A 1 11.34 -1.08 -7.93
N PRO A 2 11.76 -2.31 -7.94
CA PRO A 2 12.95 -2.76 -8.72
C PRO A 2 12.64 -2.80 -10.23
N LEU A 3 13.02 -1.75 -10.94
CA LEU A 3 12.78 -1.67 -12.37
C LEU A 3 11.30 -1.94 -12.68
N GLY A 4 10.46 -1.88 -11.64
CA GLY A 4 9.04 -2.11 -11.82
C GLY A 4 8.44 -1.12 -12.81
N SER A 5 8.12 0.07 -12.33
CA SER A 5 7.54 1.11 -13.19
C SER A 5 6.39 0.53 -14.00
N ALA A 6 5.42 -0.06 -13.32
CA ALA A 6 4.26 -0.65 -13.99
C ALA A 6 3.27 0.44 -14.38
N THR A 7 2.02 0.04 -14.64
CA THR A 7 0.99 0.99 -15.01
C THR A 7 -0.39 0.47 -14.61
N LEU A 8 -0.40 -0.41 -13.61
CA LEU A 8 -1.66 -0.98 -13.13
C LEU A 8 -2.39 0.02 -12.23
N SER A 9 -3.42 0.66 -12.78
CA SER A 9 -4.20 1.63 -12.02
C SER A 9 -5.00 0.91 -10.93
N ASP A 10 -5.82 1.67 -10.23
CA ASP A 10 -6.65 1.10 -9.17
C ASP A 10 -7.63 0.09 -9.77
N GLU A 11 -8.23 0.47 -10.89
CA GLU A 11 -9.20 -0.40 -11.56
C GLU A 11 -8.49 -1.53 -12.30
N ALA A 12 -7.37 -1.20 -12.92
CA ALA A 12 -6.60 -2.20 -13.67
C ALA A 12 -5.97 -3.22 -12.73
N PHE A 13 -5.35 -2.75 -11.66
CA PHE A 13 -4.72 -3.65 -10.70
C PHE A 13 -5.73 -4.66 -10.16
N ILE A 14 -6.87 -4.16 -9.70
CA ILE A 14 -7.90 -5.04 -9.15
C ILE A 14 -8.41 -5.99 -10.22
N GLU A 15 -8.36 -5.55 -11.47
CA GLU A 15 -8.83 -6.37 -12.58
C GLU A 15 -8.02 -7.67 -12.66
N GLN A 16 -6.72 -7.57 -12.38
CA GLN A 16 -5.86 -8.73 -12.40
C GLN A 16 -6.10 -9.60 -11.18
N PHE A 17 -6.54 -8.97 -10.09
CA PHE A 17 -6.82 -9.70 -8.86
C PHE A 17 -7.85 -10.79 -9.11
N ARG A 18 -9.00 -10.39 -9.66
CA ARG A 18 -10.06 -11.34 -9.96
C ARG A 18 -9.51 -12.55 -10.73
N GLN A 19 -8.81 -12.27 -11.83
CA GLN A 19 -8.26 -13.34 -12.66
C GLN A 19 -7.41 -14.32 -11.86
N GLU A 20 -6.73 -13.83 -10.82
CA GLU A 20 -5.88 -14.70 -10.02
C GLU A 20 -6.72 -15.70 -9.22
N LEU A 21 -7.70 -15.19 -8.49
CA LEU A 21 -8.58 -16.05 -7.69
C LEU A 21 -9.28 -17.09 -8.56
N LEU A 22 -9.77 -16.67 -9.72
CA LEU A 22 -10.46 -17.58 -10.63
C LEU A 22 -9.48 -18.64 -11.15
N ASN A 23 -8.21 -18.28 -11.21
CA ASN A 23 -7.18 -19.19 -11.70
C ASN A 23 -6.71 -20.14 -10.59
N ASN A 24 -6.81 -19.69 -9.35
CA ASN A 24 -6.40 -20.50 -8.20
C ASN A 24 -7.60 -20.87 -7.33
N GLN A 25 -8.15 -22.05 -7.57
CA GLN A 25 -9.31 -22.51 -6.81
C GLN A 25 -8.93 -22.84 -5.38
N MET A 26 -7.77 -23.48 -5.21
CA MET A 26 -7.30 -23.84 -3.88
C MET A 26 -7.03 -22.61 -3.03
N LEU A 27 -6.22 -21.69 -3.55
CA LEU A 27 -5.90 -20.47 -2.82
C LEU A 27 -7.17 -19.73 -2.44
N ARG A 28 -8.08 -19.61 -3.41
CA ARG A 28 -9.35 -18.92 -3.17
C ARG A 28 -10.08 -19.50 -1.97
N SER A 29 -10.09 -20.82 -1.88
CA SER A 29 -10.77 -21.50 -0.77
C SER A 29 -10.35 -20.88 0.57
N GLN A 30 -9.13 -20.39 0.62
CA GLN A 30 -8.61 -19.79 1.84
C GLN A 30 -9.23 -18.41 2.08
N LEU A 31 -9.62 -17.74 1.00
CA LEU A 31 -10.22 -16.40 1.10
C LEU A 31 -11.71 -16.50 1.36
N ILE A 32 -12.33 -17.58 0.92
CA ILE A 32 -13.77 -17.75 1.12
C ILE A 32 -14.08 -17.90 2.61
N LEU A 33 -13.16 -18.53 3.33
CA LEU A 33 -13.32 -18.73 4.76
C LEU A 33 -13.57 -17.39 5.46
N GLN A 34 -12.98 -16.32 4.92
CA GLN A 34 -13.15 -14.99 5.48
C GLN A 34 -14.40 -14.33 4.89
N ILE A 35 -14.66 -14.63 3.62
CA ILE A 35 -15.81 -14.07 2.90
C ILE A 35 -16.58 -15.18 2.17
N PRO A 36 -17.47 -15.86 2.85
CA PRO A 36 -18.27 -16.97 2.25
C PRO A 36 -18.88 -16.59 0.89
N GLY A 37 -19.20 -15.31 0.71
CA GLY A 37 -19.81 -14.85 -0.54
C GLY A 37 -18.79 -14.29 -1.52
N LEU A 38 -17.55 -14.76 -1.46
CA LEU A 38 -16.52 -14.27 -2.38
C LEU A 38 -16.73 -14.88 -3.76
N ASN A 39 -16.89 -16.20 -3.82
CA ASN A 39 -17.11 -16.88 -5.09
C ASN A 39 -18.19 -16.17 -5.90
N ASP A 40 -19.05 -15.44 -5.20
CA ASP A 40 -20.13 -14.71 -5.86
C ASP A 40 -19.64 -13.41 -6.49
N LEU A 41 -18.73 -12.72 -5.80
CA LEU A 41 -18.21 -11.46 -6.29
C LEU A 41 -17.15 -11.65 -7.38
N VAL A 42 -16.16 -12.50 -7.10
CA VAL A 42 -15.09 -12.75 -8.07
C VAL A 42 -15.66 -13.12 -9.44
N ASN A 43 -16.86 -13.69 -9.46
CA ASN A 43 -17.46 -14.08 -10.73
C ASN A 43 -17.94 -12.85 -11.51
N ASP A 44 -17.97 -11.70 -10.84
CA ASP A 44 -18.39 -10.44 -11.46
C ASP A 44 -17.20 -9.48 -11.54
N PRO A 45 -17.09 -8.65 -12.55
CA PRO A 45 -15.96 -7.69 -12.69
C PRO A 45 -16.14 -6.43 -11.85
N LEU A 46 -17.33 -5.83 -11.94
CA LEU A 46 -17.61 -4.60 -11.22
C LEU A 46 -17.88 -4.82 -9.73
N LEU A 47 -18.77 -5.76 -9.43
CA LEU A 47 -19.12 -6.03 -8.03
C LEU A 47 -17.85 -6.37 -7.25
N PHE A 48 -16.97 -7.13 -7.88
CA PHE A 48 -15.73 -7.51 -7.24
C PHE A 48 -14.86 -6.28 -7.01
N ARG A 49 -14.97 -5.30 -7.90
CA ARG A 49 -14.18 -4.09 -7.79
C ARG A 49 -14.73 -3.21 -6.68
N GLU A 50 -16.04 -3.05 -6.65
CA GLU A 50 -16.69 -2.21 -5.64
C GLU A 50 -16.56 -2.81 -4.24
N ARG A 51 -17.03 -4.05 -4.09
CA ARG A 51 -17.01 -4.72 -2.79
C ARG A 51 -15.58 -4.93 -2.27
N LEU A 52 -14.70 -5.48 -3.10
CA LEU A 52 -13.31 -5.75 -2.68
C LEU A 52 -12.33 -4.75 -3.29
N GLY A 53 -12.76 -3.50 -3.41
CA GLY A 53 -11.89 -2.47 -3.98
C GLY A 53 -10.93 -1.91 -2.93
N PRO A 54 -11.41 -1.05 -2.06
CA PRO A 54 -10.59 -0.43 -0.99
C PRO A 54 -9.57 -1.39 -0.38
N LEU A 55 -10.02 -2.60 -0.07
CA LEU A 55 -9.13 -3.59 0.54
C LEU A 55 -7.88 -3.82 -0.31
N ILE A 56 -8.09 -4.11 -1.59
CA ILE A 56 -6.98 -4.37 -2.50
C ILE A 56 -6.09 -3.13 -2.66
N LEU A 57 -6.70 -1.95 -2.61
CA LEU A 57 -5.94 -0.71 -2.78
C LEU A 57 -5.15 -0.40 -1.52
N GLN A 58 -5.72 -0.68 -0.35
CA GLN A 58 -5.04 -0.41 0.90
C GLN A 58 -3.66 -1.06 0.93
N ARG A 59 -3.56 -2.26 0.38
CA ARG A 59 -2.28 -2.97 0.34
C ARG A 59 -1.27 -2.21 -0.50
N ARG A 60 -1.61 -1.96 -1.76
CA ARG A 60 -0.71 -1.25 -2.65
C ARG A 60 -0.48 0.18 -2.17
N TYR A 61 -1.57 0.90 -1.92
CA TYR A 61 -1.47 2.28 -1.45
C TYR A 61 -1.14 2.33 0.04
N GLY A 62 -0.16 3.13 0.40
CA GLY A 62 0.25 3.26 1.80
C GLY A 62 1.12 2.08 2.22
N GLY A 63 1.74 2.21 3.39
CA GLY A 63 2.60 1.16 3.91
C GLY A 63 3.98 1.21 3.26
N TYR A 64 4.19 0.34 2.27
CA TYR A 64 5.47 0.30 1.57
C TYR A 64 5.75 1.62 0.87
N ASN A 65 4.73 2.14 0.19
CA ASN A 65 4.88 3.41 -0.53
C ASN A 65 4.77 4.59 0.44
N THR A 66 5.78 5.45 0.41
CA THR A 66 5.79 6.62 1.28
C THR A 66 5.55 6.21 2.72
N ALA A 67 4.99 7.12 3.51
CA ALA A 67 4.71 6.84 4.92
C ALA A 67 3.68 7.83 5.46
N MET A 68 3.24 8.75 4.62
CA MET A 68 2.26 9.74 5.04
C MET A 68 0.90 9.09 5.26
N ASN A 69 0.05 9.75 6.04
CA ASN A 69 -1.28 9.22 6.34
C ASN A 69 -2.20 9.40 5.13
N PRO A 70 -3.18 8.53 4.96
CA PRO A 70 -4.13 8.62 3.82
C PRO A 70 -4.50 10.07 3.47
N PHE A 71 -4.47 10.94 4.47
CA PHE A 71 -4.80 12.35 4.28
C PHE A 71 -3.55 13.22 4.32
N GLY A 72 -2.50 12.71 4.96
CA GLY A 72 -1.24 13.45 5.06
C GLY A 72 -1.22 14.36 6.29
N ILE A 73 -1.43 13.77 7.46
CA ILE A 73 -1.43 14.52 8.72
C ILE A 73 -0.69 13.73 9.80
N PRO A 74 -0.11 14.39 10.76
CA PRO A 74 0.64 13.70 11.86
C PRO A 74 -0.26 12.78 12.67
N GLN A 75 0.27 11.62 13.03
CA GLN A 75 -0.50 10.64 13.81
C GLN A 75 -1.30 11.32 14.91
N ASP A 76 -0.70 12.35 15.52
CA ASP A 76 -1.36 13.07 16.59
C ASP A 76 -2.78 13.47 16.19
N GLU A 77 -2.94 13.90 14.94
CA GLU A 77 -4.23 14.32 14.43
C GLU A 77 -5.04 13.11 13.95
N TYR A 78 -4.43 12.30 13.11
CA TYR A 78 -5.10 11.11 12.58
C TYR A 78 -5.77 10.31 13.70
N THR A 79 -5.14 10.29 14.87
CA THR A 79 -5.67 9.54 16.00
C THR A 79 -6.93 10.21 16.55
N ARG A 80 -6.95 11.54 16.55
CA ARG A 80 -8.09 12.28 17.06
C ARG A 80 -9.33 12.06 16.17
N LEU A 81 -9.18 12.32 14.88
CA LEU A 81 -10.28 12.16 13.94
C LEU A 81 -10.80 10.72 13.97
N MET A 82 -9.94 9.78 13.59
CA MET A 82 -10.32 8.37 13.55
C MET A 82 -10.96 7.96 14.89
N ALA A 83 -10.49 8.56 15.97
CA ALA A 83 -11.01 8.24 17.30
C ALA A 83 -12.43 8.76 17.46
N ASN A 84 -12.76 9.82 16.73
CA ASN A 84 -14.10 10.41 16.81
C ASN A 84 -14.41 11.22 15.55
N PRO A 85 -14.60 10.56 14.44
CA PRO A 85 -14.89 11.24 13.15
C PRO A 85 -16.36 11.66 13.05
N ASP A 86 -17.10 11.50 14.15
CA ASP A 86 -18.52 11.87 14.19
C ASP A 86 -18.74 13.08 15.09
N ASP A 87 -17.66 13.64 15.62
CA ASP A 87 -17.76 14.80 16.49
C ASP A 87 -17.90 16.10 15.67
N PRO A 88 -18.76 17.02 16.04
CA PRO A 88 -18.94 18.30 15.28
C PRO A 88 -17.61 18.89 14.81
N ASP A 89 -16.57 18.74 15.63
CA ASP A 89 -15.26 19.27 15.29
C ASP A 89 -14.56 18.38 14.25
N ASN A 90 -14.45 17.10 14.56
CA ASN A 90 -13.80 16.15 13.65
C ASN A 90 -14.50 16.15 12.29
N LYS A 91 -15.82 15.99 12.29
CA LYS A 91 -16.58 15.96 11.05
C LYS A 91 -16.16 17.12 10.16
N LYS A 92 -15.88 18.26 10.77
CA LYS A 92 -15.47 19.44 10.00
C LYS A 92 -14.01 19.31 9.57
N ARG A 93 -13.14 19.01 10.53
CA ARG A 93 -11.72 18.86 10.24
C ARG A 93 -11.51 17.96 9.03
N ILE A 94 -12.18 16.81 9.03
CA ILE A 94 -12.05 15.86 7.92
C ILE A 94 -12.35 16.55 6.59
N ALA A 95 -13.47 17.27 6.54
CA ALA A 95 -13.87 17.96 5.32
C ALA A 95 -12.69 18.72 4.71
N GLU A 96 -11.86 19.31 5.56
CA GLU A 96 -10.70 20.05 5.08
C GLU A 96 -9.75 19.15 4.30
N LEU A 97 -9.51 17.96 4.84
CA LEU A 97 -8.62 17.00 4.18
C LEU A 97 -9.05 16.76 2.75
N LEU A 98 -10.37 16.71 2.54
CA LEU A 98 -10.91 16.47 1.20
C LEU A 98 -10.86 17.75 0.38
N ASP A 99 -10.97 18.90 1.05
CA ASP A 99 -10.94 20.19 0.37
C ASP A 99 -9.61 20.37 -0.36
N GLN A 100 -8.51 20.24 0.37
CA GLN A 100 -7.19 20.40 -0.21
C GLN A 100 -7.00 19.44 -1.39
N GLN A 101 -7.61 18.25 -1.28
CA GLN A 101 -7.50 17.25 -2.33
C GLN A 101 -8.34 17.66 -3.53
N ALA A 102 -9.51 18.23 -3.27
CA ALA A 102 -10.40 18.66 -4.34
C ALA A 102 -9.67 19.60 -5.30
N ILE A 103 -8.76 20.40 -4.76
CA ILE A 103 -7.99 21.33 -5.58
C ILE A 103 -7.10 20.59 -6.57
N ASP A 104 -6.38 19.60 -6.07
CA ASP A 104 -5.48 18.82 -6.92
C ASP A 104 -6.23 18.28 -8.14
N GLU A 105 -7.53 18.07 -8.00
CA GLU A 105 -8.34 17.56 -9.09
C GLU A 105 -8.43 18.58 -10.22
N GLN A 106 -8.39 19.85 -9.86
CA GLN A 106 -8.46 20.92 -10.86
C GLN A 106 -7.21 20.93 -11.73
N LEU A 107 -6.07 20.65 -11.12
CA LEU A 107 -4.80 20.63 -11.85
C LEU A 107 -4.89 19.68 -13.04
N ARG A 108 -5.24 18.43 -12.78
CA ARG A 108 -5.36 17.45 -13.84
C ARG A 108 -6.46 17.85 -14.82
N ASN A 109 -7.50 18.50 -14.29
CA ASN A 109 -8.61 18.94 -15.12
C ASN A 109 -8.19 20.12 -15.99
N ALA A 110 -7.13 20.81 -15.56
CA ALA A 110 -6.64 21.96 -16.30
C ALA A 110 -5.92 21.51 -17.57
N ILE A 111 -5.04 20.53 -17.42
CA ILE A 111 -4.29 20.02 -18.57
C ILE A 111 -5.23 19.53 -19.66
N GLU A 112 -6.34 18.92 -19.24
CA GLU A 112 -7.32 18.41 -20.19
C GLU A 112 -8.18 19.55 -20.74
N TYR A 113 -7.51 20.53 -21.36
CA TYR A 113 -8.23 21.67 -21.92
C TYR A 113 -9.23 22.22 -20.92
N THR A 114 -10.31 22.81 -21.43
CA THR A 114 -11.36 23.38 -20.58
C THR A 114 -12.72 23.20 -21.25
N PRO A 115 -13.79 23.07 -20.48
CA PRO A 115 -15.16 22.89 -21.04
C PRO A 115 -15.69 24.19 -21.67
N GLU A 116 -15.14 25.31 -21.25
CA GLU A 116 -15.57 26.61 -21.77
C GLU A 116 -14.92 26.87 -23.14
N GLY A 1 4.79 -8.90 -25.82
CA GLY A 1 4.38 -7.57 -25.40
C GLY A 1 5.28 -7.04 -24.28
N PRO A 2 5.20 -7.65 -23.12
CA PRO A 2 6.02 -7.25 -21.94
C PRO A 2 7.49 -7.65 -22.11
N LEU A 3 8.30 -6.71 -22.58
CA LEU A 3 9.72 -6.97 -22.78
C LEU A 3 10.42 -7.15 -21.44
N GLY A 4 9.84 -6.60 -20.38
CA GLY A 4 10.41 -6.70 -19.05
C GLY A 4 9.37 -6.41 -17.98
N SER A 5 9.39 -5.19 -17.46
CA SER A 5 8.44 -4.79 -16.43
C SER A 5 7.08 -4.45 -17.04
N ALA A 6 6.03 -4.59 -16.25
CA ALA A 6 4.68 -4.30 -16.72
C ALA A 6 3.74 -4.08 -15.54
N THR A 7 3.79 -2.88 -14.97
CA THR A 7 2.94 -2.54 -13.84
C THR A 7 1.48 -2.36 -14.29
N LEU A 8 0.66 -1.84 -13.39
CA LEU A 8 -0.76 -1.61 -13.68
C LEU A 8 -1.28 -0.39 -12.92
N SER A 9 -2.58 -0.14 -13.05
CA SER A 9 -3.23 0.99 -12.37
C SER A 9 -3.97 0.49 -11.13
N ASP A 10 -4.70 1.38 -10.49
CA ASP A 10 -5.46 1.02 -9.30
C ASP A 10 -6.61 0.08 -9.67
N GLU A 11 -7.27 0.37 -10.78
CA GLU A 11 -8.39 -0.45 -11.23
C GLU A 11 -7.90 -1.76 -11.85
N ALA A 12 -6.82 -1.68 -12.61
CA ALA A 12 -6.28 -2.87 -13.26
C ALA A 12 -5.72 -3.84 -12.22
N PHE A 13 -5.14 -3.31 -11.14
CA PHE A 13 -4.59 -4.17 -10.10
C PHE A 13 -5.70 -5.06 -9.55
N ILE A 14 -6.88 -4.47 -9.38
CA ILE A 14 -8.03 -5.22 -8.87
C ILE A 14 -8.45 -6.28 -9.88
N GLU A 15 -8.37 -5.93 -11.16
CA GLU A 15 -8.74 -6.86 -12.22
C GLU A 15 -7.74 -8.00 -12.31
N GLN A 16 -6.47 -7.68 -12.04
CA GLN A 16 -5.41 -8.70 -12.08
C GLN A 16 -5.50 -9.60 -10.86
N PHE A 17 -5.70 -9.01 -9.70
CA PHE A 17 -5.81 -9.77 -8.46
C PHE A 17 -7.00 -10.74 -8.52
N ARG A 18 -8.09 -10.26 -9.09
CA ARG A 18 -9.30 -11.07 -9.22
C ARG A 18 -9.08 -12.24 -10.18
N GLN A 19 -8.62 -11.94 -11.39
CA GLN A 19 -8.39 -12.96 -12.40
C GLN A 19 -7.54 -14.10 -11.85
N GLU A 20 -6.68 -13.80 -10.88
CA GLU A 20 -5.84 -14.83 -10.29
C GLU A 20 -6.71 -15.84 -9.55
N LEU A 21 -7.77 -15.34 -8.93
CA LEU A 21 -8.68 -16.21 -8.18
C LEU A 21 -9.38 -17.21 -9.09
N LEU A 22 -9.75 -16.78 -10.30
CA LEU A 22 -10.43 -17.67 -11.23
C LEU A 22 -9.51 -18.81 -11.67
N ASN A 23 -8.20 -18.53 -11.74
CA ASN A 23 -7.23 -19.55 -12.15
C ASN A 23 -6.64 -20.25 -10.93
N ASN A 24 -6.56 -19.53 -9.82
CA ASN A 24 -6.02 -20.08 -8.58
C ASN A 24 -7.15 -20.54 -7.65
N GLN A 25 -7.64 -21.76 -7.89
CA GLN A 25 -8.72 -22.29 -7.07
C GLN A 25 -8.23 -22.63 -5.67
N MET A 26 -6.93 -22.88 -5.54
CA MET A 26 -6.35 -23.22 -4.24
C MET A 26 -6.23 -21.98 -3.36
N LEU A 27 -5.83 -20.86 -3.96
CA LEU A 27 -5.68 -19.62 -3.21
C LEU A 27 -7.04 -19.02 -2.86
N ARG A 28 -7.95 -19.07 -3.82
CA ARG A 28 -9.29 -18.52 -3.61
C ARG A 28 -9.93 -19.09 -2.34
N SER A 29 -9.91 -20.42 -2.23
CA SER A 29 -10.51 -21.07 -1.06
C SER A 29 -10.01 -20.45 0.24
N GLN A 30 -8.77 -19.95 0.23
CA GLN A 30 -8.20 -19.34 1.42
C GLN A 30 -8.90 -18.02 1.76
N LEU A 31 -9.43 -17.35 0.74
CA LEU A 31 -10.12 -16.07 0.94
C LEU A 31 -11.58 -16.30 1.31
N ILE A 32 -12.16 -17.41 0.87
CA ILE A 32 -13.56 -17.69 1.17
C ILE A 32 -13.75 -17.86 2.68
N LEU A 33 -12.71 -18.32 3.36
CA LEU A 33 -12.79 -18.53 4.80
C LEU A 33 -13.19 -17.23 5.51
N GLN A 34 -12.65 -16.12 5.04
CA GLN A 34 -12.96 -14.82 5.65
C GLN A 34 -14.26 -14.27 5.07
N ILE A 35 -14.37 -14.29 3.75
CA ILE A 35 -15.56 -13.79 3.06
C ILE A 35 -16.38 -14.96 2.50
N PRO A 36 -17.55 -15.24 3.01
CA PRO A 36 -18.37 -16.39 2.51
C PRO A 36 -19.06 -16.07 1.17
N GLY A 37 -19.27 -14.79 0.91
CA GLY A 37 -19.93 -14.37 -0.34
C GLY A 37 -18.90 -14.01 -1.42
N LEU A 38 -17.71 -14.60 -1.34
CA LEU A 38 -16.68 -14.32 -2.34
C LEU A 38 -17.00 -14.97 -3.67
N ASN A 39 -17.32 -16.26 -3.64
CA ASN A 39 -17.64 -16.99 -4.86
C ASN A 39 -18.65 -16.21 -5.69
N ASP A 40 -19.40 -15.34 -5.03
CA ASP A 40 -20.41 -14.54 -5.71
C ASP A 40 -19.77 -13.33 -6.41
N LEU A 41 -18.97 -12.58 -5.66
CA LEU A 41 -18.32 -11.40 -6.21
C LEU A 41 -17.38 -11.77 -7.36
N VAL A 42 -16.59 -12.81 -7.17
CA VAL A 42 -15.66 -13.24 -8.20
C VAL A 42 -16.40 -13.54 -9.51
N ASN A 43 -17.64 -13.99 -9.38
CA ASN A 43 -18.45 -14.33 -10.55
C ASN A 43 -18.90 -13.05 -11.27
N ASP A 44 -18.90 -11.93 -10.55
CA ASP A 44 -19.31 -10.63 -11.12
C ASP A 44 -18.13 -9.65 -11.05
N PRO A 45 -17.66 -9.12 -12.16
CA PRO A 45 -16.50 -8.18 -12.15
C PRO A 45 -16.89 -6.78 -11.67
N LEU A 46 -18.04 -6.29 -12.12
CA LEU A 46 -18.50 -4.96 -11.72
C LEU A 46 -18.58 -4.87 -10.20
N LEU A 47 -19.15 -5.89 -9.57
CA LEU A 47 -19.30 -5.90 -8.13
C LEU A 47 -17.96 -6.15 -7.44
N PHE A 48 -17.21 -7.12 -7.95
CA PHE A 48 -15.91 -7.43 -7.37
C PHE A 48 -15.08 -6.17 -7.20
N ARG A 49 -15.27 -5.22 -8.11
CA ARG A 49 -14.53 -3.96 -8.05
C ARG A 49 -15.10 -3.08 -6.94
N GLU A 50 -16.41 -2.85 -6.97
CA GLU A 50 -17.06 -2.00 -5.99
C GLU A 50 -16.94 -2.57 -4.57
N ARG A 51 -17.42 -3.78 -4.38
CA ARG A 51 -17.38 -4.41 -3.06
C ARG A 51 -15.96 -4.53 -2.52
N LEU A 52 -15.04 -5.07 -3.32
CA LEU A 52 -13.64 -5.24 -2.89
C LEU A 52 -12.73 -4.22 -3.55
N GLY A 53 -13.24 -3.02 -3.79
CA GLY A 53 -12.45 -1.97 -4.42
C GLY A 53 -11.41 -1.41 -3.46
N PRO A 54 -11.83 -0.77 -2.40
CA PRO A 54 -10.92 -0.16 -1.40
C PRO A 54 -10.24 -1.20 -0.50
N LEU A 55 -10.67 -2.46 -0.57
CA LEU A 55 -10.09 -3.51 0.26
C LEU A 55 -8.73 -3.94 -0.29
N ILE A 56 -8.71 -4.27 -1.58
CA ILE A 56 -7.49 -4.73 -2.24
C ILE A 56 -6.46 -3.61 -2.37
N LEU A 57 -6.94 -2.38 -2.48
CA LEU A 57 -6.05 -1.23 -2.61
C LEU A 57 -5.24 -1.00 -1.33
N GLN A 58 -5.77 -1.45 -0.21
CA GLN A 58 -5.07 -1.28 1.07
C GLN A 58 -3.64 -1.81 0.99
N ARG A 59 -3.48 -2.92 0.28
CA ARG A 59 -2.16 -3.53 0.14
C ARG A 59 -1.24 -2.65 -0.71
N ARG A 60 -1.73 -2.25 -1.88
CA ARG A 60 -0.94 -1.41 -2.77
C ARG A 60 -0.44 -0.16 -2.05
N TYR A 61 -1.36 0.57 -1.41
CA TYR A 61 -0.99 1.78 -0.69
C TYR A 61 -0.39 1.43 0.67
N GLY A 62 0.82 0.88 0.64
CA GLY A 62 1.50 0.50 1.88
C GLY A 62 2.03 1.74 2.60
N GLY A 63 1.14 2.69 2.86
CA GLY A 63 1.53 3.92 3.55
C GLY A 63 2.20 4.89 2.59
N TYR A 64 1.50 5.24 1.53
CA TYR A 64 2.04 6.17 0.54
C TYR A 64 0.91 6.77 -0.30
N ASN A 65 -0.09 7.34 0.36
CA ASN A 65 -1.21 7.95 -0.33
C ASN A 65 -0.81 9.27 -0.96
N THR A 66 -0.06 9.21 -2.06
CA THR A 66 0.38 10.42 -2.74
C THR A 66 1.05 10.06 -4.07
N ALA A 67 0.84 10.91 -5.07
CA ALA A 67 1.41 10.68 -6.38
C ALA A 67 1.27 11.92 -7.26
N MET A 68 0.03 12.27 -7.59
CA MET A 68 -0.24 13.43 -8.43
C MET A 68 -0.08 14.72 -7.63
N ASN A 69 1.11 15.31 -7.67
CA ASN A 69 1.35 16.54 -6.93
C ASN A 69 0.27 17.58 -7.25
N PRO A 70 -0.03 18.47 -6.34
CA PRO A 70 -1.07 19.52 -6.56
C PRO A 70 -0.61 20.59 -7.55
N PHE A 71 0.66 20.52 -7.94
CA PHE A 71 1.22 21.49 -8.90
C PHE A 71 1.39 20.84 -10.27
N GLY A 72 1.45 19.52 -10.30
CA GLY A 72 1.59 18.78 -11.56
C GLY A 72 3.05 18.63 -11.96
N ILE A 73 3.89 18.16 -11.03
CA ILE A 73 5.31 17.96 -11.30
C ILE A 73 5.79 16.65 -10.66
N PRO A 74 6.79 16.01 -11.21
CA PRO A 74 7.32 14.73 -10.64
C PRO A 74 7.90 14.93 -9.23
N GLN A 75 7.65 13.94 -8.36
CA GLN A 75 8.15 14.01 -6.99
C GLN A 75 9.59 14.47 -6.94
N ASP A 76 10.42 13.93 -7.82
CA ASP A 76 11.84 14.30 -7.86
C ASP A 76 12.00 15.82 -7.85
N GLU A 77 11.02 16.51 -8.44
CA GLU A 77 11.07 17.98 -8.50
C GLU A 77 10.38 18.59 -7.29
N TYR A 78 9.13 18.20 -7.05
CA TYR A 78 8.37 18.72 -5.93
C TYR A 78 9.15 18.59 -4.62
N THR A 79 9.77 17.43 -4.41
CA THR A 79 10.54 17.18 -3.20
C THR A 79 11.60 18.26 -2.98
N ARG A 80 12.19 18.74 -4.06
CA ARG A 80 13.22 19.77 -3.97
C ARG A 80 12.63 21.10 -3.50
N LEU A 81 11.40 21.38 -3.92
CA LEU A 81 10.73 22.63 -3.55
C LEU A 81 10.42 22.63 -2.05
N MET A 82 9.70 21.61 -1.59
CA MET A 82 9.35 21.52 -0.18
C MET A 82 10.60 21.39 0.69
N ALA A 83 11.65 20.81 0.11
CA ALA A 83 12.90 20.63 0.83
C ALA A 83 13.48 21.97 1.26
N ASN A 84 13.31 22.99 0.40
CA ASN A 84 13.82 24.32 0.70
C ASN A 84 13.13 25.36 -0.17
N PRO A 85 11.89 25.65 0.11
CA PRO A 85 11.10 26.65 -0.67
C PRO A 85 11.37 28.08 -0.21
N ASP A 86 12.09 28.20 0.91
CA ASP A 86 12.42 29.53 1.45
C ASP A 86 13.52 30.17 0.63
N ASP A 87 14.03 29.44 -0.37
CA ASP A 87 15.08 29.95 -1.23
C ASP A 87 14.50 30.86 -2.31
N PRO A 88 15.25 31.82 -2.79
CA PRO A 88 14.77 32.75 -3.87
C PRO A 88 14.66 32.06 -5.22
N ASP A 89 15.28 30.88 -5.32
CA ASP A 89 15.26 30.12 -6.56
C ASP A 89 13.91 29.42 -6.72
N ASN A 90 13.55 28.62 -5.73
CA ASN A 90 12.29 27.88 -5.77
C ASN A 90 11.11 28.84 -5.72
N LYS A 91 11.29 29.96 -5.02
CA LYS A 91 10.22 30.95 -4.91
C LYS A 91 9.72 31.37 -6.28
N LYS A 92 10.65 31.77 -7.14
CA LYS A 92 10.29 32.19 -8.49
C LYS A 92 9.52 31.09 -9.23
N ARG A 93 9.92 29.86 -9.00
CA ARG A 93 9.26 28.73 -9.65
C ARG A 93 7.83 28.56 -9.13
N ILE A 94 7.70 28.34 -7.83
CA ILE A 94 6.39 28.16 -7.22
C ILE A 94 5.47 29.33 -7.55
N ALA A 95 6.05 30.49 -7.81
CA ALA A 95 5.27 31.68 -8.13
C ALA A 95 4.70 31.59 -9.56
N GLU A 96 5.40 30.85 -10.42
CA GLU A 96 4.96 30.70 -11.80
C GLU A 96 3.77 29.75 -11.89
N LEU A 97 3.80 28.68 -11.12
CA LEU A 97 2.71 27.70 -11.13
C LEU A 97 1.38 28.39 -10.86
N LEU A 98 1.41 29.48 -10.09
CA LEU A 98 0.19 30.21 -9.75
C LEU A 98 -0.28 31.04 -10.95
N ASP A 99 0.67 31.46 -11.78
CA ASP A 99 0.34 32.25 -12.95
C ASP A 99 -0.71 31.55 -13.81
N GLN A 100 -0.67 30.22 -13.80
CA GLN A 100 -1.62 29.43 -14.58
C GLN A 100 -3.05 29.85 -14.26
N GLN A 101 -3.28 30.22 -13.01
CA GLN A 101 -4.61 30.64 -12.57
C GLN A 101 -5.13 31.75 -13.47
N ALA A 102 -4.22 32.58 -13.96
CA ALA A 102 -4.61 33.70 -14.83
C ALA A 102 -5.07 33.18 -16.18
N ILE A 103 -4.38 32.15 -16.69
CA ILE A 103 -4.73 31.58 -17.97
C ILE A 103 -6.07 30.83 -17.90
N ASP A 104 -6.27 30.12 -16.79
CA ASP A 104 -7.50 29.36 -16.60
C ASP A 104 -8.67 30.30 -16.32
N GLU A 105 -8.36 31.46 -15.74
CA GLU A 105 -9.40 32.44 -15.42
C GLU A 105 -10.16 32.84 -16.68
N GLN A 106 -9.46 32.86 -17.81
CA GLN A 106 -10.09 33.23 -19.07
C GLN A 106 -11.22 32.26 -19.42
N LEU A 107 -11.00 30.98 -19.12
CA LEU A 107 -12.01 29.96 -19.40
C LEU A 107 -13.23 30.15 -18.51
N ARG A 108 -13.01 30.70 -17.31
CA ARG A 108 -14.11 30.93 -16.39
C ARG A 108 -15.25 31.66 -17.09
N ASN A 109 -14.97 32.88 -17.55
CA ASN A 109 -15.97 33.67 -18.25
C ASN A 109 -16.19 33.11 -19.66
N ALA A 110 -15.10 32.72 -20.30
CA ALA A 110 -15.16 32.16 -21.65
C ALA A 110 -16.19 32.90 -22.51
N ILE A 111 -15.76 34.00 -23.11
CA ILE A 111 -16.65 34.79 -23.95
C ILE A 111 -15.84 35.71 -24.86
N GLU A 112 -16.24 35.77 -26.14
CA GLU A 112 -15.54 36.61 -27.11
C GLU A 112 -16.42 36.85 -28.33
N TYR A 113 -17.67 36.41 -28.26
CA TYR A 113 -18.60 36.59 -29.37
C TYR A 113 -18.80 38.08 -29.66
N THR A 114 -17.96 38.63 -30.54
CA THR A 114 -18.05 40.04 -30.90
C THR A 114 -19.11 40.24 -31.98
N PRO A 115 -19.76 41.39 -32.03
CA PRO A 115 -20.80 41.68 -33.06
C PRO A 115 -20.46 41.07 -34.41
N GLU A 116 -21.24 40.07 -34.81
CA GLU A 116 -21.02 39.41 -36.09
C GLU A 116 -21.15 40.40 -37.24
N GLY A 1 9.29 9.19 -18.94
CA GLY A 1 9.75 7.86 -18.55
C GLY A 1 8.57 6.91 -18.37
N PRO A 2 7.79 7.11 -17.34
CA PRO A 2 6.61 6.25 -17.05
C PRO A 2 5.44 6.54 -18.01
N LEU A 3 4.54 5.57 -18.13
CA LEU A 3 3.38 5.73 -19.01
C LEU A 3 2.33 6.62 -18.37
N GLY A 4 1.99 6.31 -17.12
CA GLY A 4 0.99 7.10 -16.41
C GLY A 4 0.44 6.32 -15.22
N SER A 5 0.57 6.89 -14.02
CA SER A 5 0.09 6.24 -12.82
C SER A 5 0.54 4.79 -12.77
N ALA A 6 1.84 4.57 -12.64
CA ALA A 6 2.39 3.23 -12.58
C ALA A 6 1.88 2.40 -13.75
N THR A 7 2.26 1.12 -13.79
CA THR A 7 1.84 0.23 -14.86
C THR A 7 0.38 -0.17 -14.68
N LEU A 8 0.14 -1.06 -13.71
CA LEU A 8 -1.21 -1.52 -13.44
C LEU A 8 -1.99 -0.48 -12.64
N SER A 9 -2.81 0.31 -13.34
CA SER A 9 -3.61 1.33 -12.68
C SER A 9 -4.32 0.75 -11.46
N ASP A 10 -5.06 1.59 -10.74
CA ASP A 10 -5.80 1.12 -9.58
C ASP A 10 -6.87 0.13 -10.00
N GLU A 11 -7.57 0.45 -11.08
CA GLU A 11 -8.62 -0.43 -11.59
C GLU A 11 -8.03 -1.64 -12.30
N ALA A 12 -7.04 -1.38 -13.16
CA ALA A 12 -6.40 -2.45 -13.91
C ALA A 12 -5.86 -3.53 -12.97
N PHE A 13 -5.28 -3.10 -11.86
CA PHE A 13 -4.72 -4.03 -10.89
C PHE A 13 -5.82 -4.90 -10.28
N ILE A 14 -6.99 -4.31 -10.07
CA ILE A 14 -8.12 -5.05 -9.50
C ILE A 14 -8.69 -6.02 -10.53
N GLU A 15 -8.69 -5.61 -11.79
CA GLU A 15 -9.22 -6.45 -12.86
C GLU A 15 -8.40 -7.73 -13.00
N GLN A 16 -7.09 -7.62 -12.76
CA GLN A 16 -6.21 -8.77 -12.86
C GLN A 16 -6.33 -9.66 -11.62
N PHE A 17 -6.61 -9.04 -10.47
CA PHE A 17 -6.74 -9.77 -9.22
C PHE A 17 -7.98 -10.69 -9.27
N ARG A 18 -9.05 -10.19 -9.88
CA ARG A 18 -10.28 -10.97 -10.02
C ARG A 18 -9.99 -12.28 -10.73
N GLN A 19 -9.20 -12.22 -11.79
CA GLN A 19 -8.85 -13.41 -12.56
C GLN A 19 -7.88 -14.31 -11.80
N GLU A 20 -7.08 -13.71 -10.92
CA GLU A 20 -6.10 -14.49 -10.14
C GLU A 20 -6.80 -15.47 -9.20
N LEU A 21 -7.73 -14.97 -8.40
CA LEU A 21 -8.44 -15.83 -7.45
C LEU A 21 -9.05 -17.04 -8.17
N LEU A 22 -9.56 -16.82 -9.37
CA LEU A 22 -10.15 -17.91 -10.13
C LEU A 22 -9.09 -18.93 -10.53
N ASN A 23 -7.85 -18.47 -10.65
CA ASN A 23 -6.74 -19.34 -11.03
C ASN A 23 -6.09 -19.96 -9.79
N ASN A 24 -6.00 -19.18 -8.73
CA ASN A 24 -5.40 -19.66 -7.48
C ASN A 24 -6.45 -20.37 -6.62
N GLN A 25 -6.56 -21.68 -6.79
CA GLN A 25 -7.53 -22.47 -6.03
C GLN A 25 -7.13 -22.57 -4.56
N MET A 26 -5.82 -22.66 -4.31
CA MET A 26 -5.34 -22.77 -2.94
C MET A 26 -5.61 -21.49 -2.15
N LEU A 27 -5.17 -20.37 -2.69
CA LEU A 27 -5.38 -19.08 -2.02
C LEU A 27 -6.87 -18.78 -1.89
N ARG A 28 -7.59 -18.94 -3.00
CA ARG A 28 -9.03 -18.69 -3.00
C ARG A 28 -9.72 -19.45 -1.88
N SER A 29 -9.42 -20.74 -1.78
CA SER A 29 -10.02 -21.59 -0.75
C SER A 29 -9.91 -20.96 0.64
N GLN A 30 -8.81 -20.24 0.89
CA GLN A 30 -8.60 -19.60 2.17
C GLN A 30 -9.57 -18.45 2.39
N LEU A 31 -10.01 -17.83 1.29
CA LEU A 31 -10.93 -16.70 1.38
C LEU A 31 -12.38 -17.17 1.56
N ILE A 32 -12.75 -18.27 0.88
CA ILE A 32 -14.11 -18.78 0.98
C ILE A 32 -14.53 -18.92 2.45
N LEU A 33 -13.55 -19.16 3.32
CA LEU A 33 -13.84 -19.33 4.74
C LEU A 33 -14.18 -17.99 5.39
N GLN A 34 -13.49 -16.93 4.97
CA GLN A 34 -13.73 -15.60 5.53
C GLN A 34 -14.72 -14.82 4.65
N ILE A 35 -14.90 -15.28 3.42
CA ILE A 35 -15.82 -14.62 2.48
C ILE A 35 -16.45 -15.65 1.55
N PRO A 36 -17.28 -16.52 2.07
CA PRO A 36 -17.96 -17.58 1.28
C PRO A 36 -18.62 -17.02 0.01
N GLY A 37 -19.04 -15.76 0.07
CA GLY A 37 -19.70 -15.13 -1.08
C GLY A 37 -18.69 -14.64 -2.11
N LEU A 38 -17.40 -14.81 -1.81
CA LEU A 38 -16.35 -14.38 -2.73
C LEU A 38 -16.66 -14.85 -4.15
N ASN A 39 -17.12 -16.09 -4.26
CA ASN A 39 -17.45 -16.66 -5.57
C ASN A 39 -18.51 -15.83 -6.27
N ASP A 40 -19.31 -15.10 -5.49
CA ASP A 40 -20.37 -14.28 -6.06
C ASP A 40 -19.81 -12.96 -6.60
N LEU A 41 -18.91 -12.34 -5.85
CA LEU A 41 -18.32 -11.07 -6.25
C LEU A 41 -17.34 -11.25 -7.40
N VAL A 42 -16.38 -12.15 -7.24
CA VAL A 42 -15.39 -12.38 -8.29
C VAL A 42 -16.08 -12.64 -9.63
N ASN A 43 -17.30 -13.16 -9.57
CA ASN A 43 -18.06 -13.45 -10.78
C ASN A 43 -18.62 -12.17 -11.40
N ASP A 44 -18.71 -11.11 -10.58
CA ASP A 44 -19.22 -9.82 -11.04
C ASP A 44 -18.06 -8.82 -11.18
N PRO A 45 -18.00 -8.04 -12.23
CA PRO A 45 -16.90 -7.05 -12.43
C PRO A 45 -17.09 -5.76 -11.62
N LEU A 46 -18.34 -5.32 -11.50
CA LEU A 46 -18.64 -4.09 -10.77
C LEU A 46 -18.55 -4.30 -9.26
N LEU A 47 -19.23 -5.35 -8.77
CA LEU A 47 -19.23 -5.63 -7.35
C LEU A 47 -17.82 -5.93 -6.85
N PHE A 48 -17.14 -6.84 -7.53
CA PHE A 48 -15.78 -7.20 -7.13
C PHE A 48 -14.92 -5.96 -6.97
N ARG A 49 -15.15 -4.97 -7.83
CA ARG A 49 -14.39 -3.73 -7.78
C ARG A 49 -14.83 -2.87 -6.60
N GLU A 50 -16.12 -2.71 -6.45
CA GLU A 50 -16.66 -1.88 -5.36
C GLU A 50 -16.51 -2.57 -4.00
N ARG A 51 -17.04 -3.79 -3.90
CA ARG A 51 -17.00 -4.52 -2.64
C ARG A 51 -15.57 -4.78 -2.15
N LEU A 52 -14.71 -5.30 -3.03
CA LEU A 52 -13.33 -5.62 -2.65
C LEU A 52 -12.33 -4.57 -3.16
N GLY A 53 -12.82 -3.38 -3.48
CA GLY A 53 -11.93 -2.33 -3.96
C GLY A 53 -10.97 -1.88 -2.87
N PRO A 54 -11.47 -1.31 -1.80
CA PRO A 54 -10.64 -0.83 -0.67
C PRO A 54 -9.57 -1.83 -0.25
N LEU A 55 -9.97 -3.07 -0.03
CA LEU A 55 -9.03 -4.11 0.40
C LEU A 55 -7.85 -4.23 -0.56
N ILE A 56 -8.14 -4.37 -1.85
CA ILE A 56 -7.10 -4.52 -2.85
C ILE A 56 -6.22 -3.27 -2.95
N LEU A 57 -6.85 -2.10 -2.91
CA LEU A 57 -6.10 -0.85 -3.03
C LEU A 57 -5.35 -0.52 -1.73
N GLN A 58 -5.96 -0.86 -0.60
CA GLN A 58 -5.35 -0.59 0.70
C GLN A 58 -3.98 -1.27 0.81
N ARG A 59 -3.92 -2.54 0.43
CA ARG A 59 -2.67 -3.29 0.51
C ARG A 59 -1.72 -2.88 -0.62
N ARG A 60 -2.26 -2.76 -1.83
CA ARG A 60 -1.44 -2.38 -2.98
C ARG A 60 -0.67 -1.10 -2.70
N TYR A 61 -1.35 -0.12 -2.10
CA TYR A 61 -0.72 1.16 -1.78
C TYR A 61 -0.23 1.17 -0.33
N GLY A 62 0.63 2.13 -0.01
CA GLY A 62 1.17 2.24 1.34
C GLY A 62 1.84 0.94 1.76
N GLY A 63 1.65 0.56 3.03
CA GLY A 63 2.25 -0.66 3.55
C GLY A 63 1.67 -1.00 4.92
N TYR A 64 2.28 -0.43 5.96
CA TYR A 64 1.82 -0.68 7.32
C TYR A 64 0.35 -0.35 7.45
N ASN A 65 -0.26 -0.77 8.56
CA ASN A 65 -1.67 -0.51 8.80
C ASN A 65 -1.90 0.98 9.07
N THR A 66 -0.95 1.60 9.75
CA THR A 66 -1.06 3.03 10.07
C THR A 66 -0.82 3.87 8.82
N ALA A 67 -1.57 4.96 8.71
CA ALA A 67 -1.44 5.85 7.56
C ALA A 67 -2.33 7.07 7.73
N MET A 68 -3.63 6.88 7.53
CA MET A 68 -4.59 7.97 7.66
C MET A 68 -4.82 8.29 9.14
N ASN A 69 -5.12 9.55 9.43
CA ASN A 69 -5.36 9.97 10.79
C ASN A 69 -6.61 9.30 11.34
N PRO A 70 -6.70 9.09 12.64
CA PRO A 70 -7.89 8.44 13.27
C PRO A 70 -9.21 8.88 12.62
N PHE A 71 -9.28 10.14 12.20
CA PHE A 71 -10.49 10.67 11.57
C PHE A 71 -10.23 11.08 10.13
N GLY A 72 -8.94 11.23 9.78
CA GLY A 72 -8.56 11.60 8.42
C GLY A 72 -8.45 13.12 8.28
N ILE A 73 -7.68 13.73 9.18
CA ILE A 73 -7.48 15.19 9.16
C ILE A 73 -5.99 15.49 9.41
N PRO A 74 -5.48 16.59 8.91
CA PRO A 74 -4.04 16.96 9.10
C PRO A 74 -3.67 17.07 10.58
N GLN A 75 -2.47 16.62 10.91
CA GLN A 75 -1.98 16.65 12.29
C GLN A 75 -2.23 18.01 12.93
N ASP A 76 -1.94 19.08 12.19
CA ASP A 76 -2.13 20.43 12.70
C ASP A 76 -3.53 20.57 13.30
N GLU A 77 -4.49 19.83 12.75
CA GLU A 77 -5.87 19.88 13.24
C GLU A 77 -6.07 18.90 14.38
N TYR A 78 -5.85 17.62 14.10
CA TYR A 78 -6.02 16.58 15.11
C TYR A 78 -5.30 16.96 16.41
N THR A 79 -4.08 17.45 16.28
CA THR A 79 -3.29 17.85 17.45
C THR A 79 -4.05 18.85 18.31
N ARG A 80 -4.75 19.78 17.66
CA ARG A 80 -5.50 20.79 18.38
C ARG A 80 -6.69 20.17 19.12
N LEU A 81 -7.39 19.27 18.46
CA LEU A 81 -8.55 18.62 19.06
C LEU A 81 -8.14 17.84 20.31
N MET A 82 -7.16 16.96 20.16
CA MET A 82 -6.69 16.15 21.29
C MET A 82 -6.00 17.03 22.33
N ALA A 83 -5.35 18.11 21.88
CA ALA A 83 -4.65 19.00 22.78
C ALA A 83 -5.64 19.84 23.60
N ASN A 84 -6.81 20.09 23.02
CA ASN A 84 -7.83 20.89 23.71
C ASN A 84 -9.22 20.51 23.22
N PRO A 85 -9.67 19.32 23.50
CA PRO A 85 -11.01 18.83 23.07
C PRO A 85 -12.12 19.41 23.96
N ASP A 86 -11.73 20.02 25.07
CA ASP A 86 -12.70 20.61 25.99
C ASP A 86 -13.17 21.96 25.46
N ASP A 87 -12.47 22.48 24.45
CA ASP A 87 -12.83 23.77 23.86
C ASP A 87 -14.27 23.73 23.33
N PRO A 88 -15.20 24.47 23.91
CA PRO A 88 -16.61 24.48 23.44
C PRO A 88 -16.71 24.57 21.92
N ASP A 89 -15.68 25.16 21.31
CA ASP A 89 -15.66 25.31 19.85
C ASP A 89 -15.29 23.99 19.17
N ASN A 90 -14.24 23.34 19.66
CA ASN A 90 -13.81 22.07 19.08
C ASN A 90 -14.96 21.08 19.02
N LYS A 91 -15.66 20.91 20.15
CA LYS A 91 -16.77 19.99 20.21
C LYS A 91 -17.70 20.20 19.02
N LYS A 92 -17.62 21.38 18.42
CA LYS A 92 -18.45 21.70 17.26
C LYS A 92 -17.88 21.05 16.00
N ARG A 93 -16.57 21.23 15.79
CA ARG A 93 -15.92 20.67 14.62
C ARG A 93 -15.88 19.14 14.70
N ILE A 94 -15.74 18.62 15.91
CA ILE A 94 -15.67 17.17 16.12
C ILE A 94 -17.05 16.53 15.96
N ALA A 95 -18.10 17.29 16.22
CA ALA A 95 -19.45 16.77 16.13
C ALA A 95 -19.88 16.63 14.66
N GLU A 96 -19.54 17.62 13.85
CA GLU A 96 -19.91 17.62 12.43
C GLU A 96 -19.08 16.62 11.63
N LEU A 97 -17.83 16.41 12.04
CA LEU A 97 -16.96 15.49 11.32
C LEU A 97 -17.47 14.05 11.49
N LEU A 98 -17.89 13.70 12.70
CA LEU A 98 -18.40 12.36 12.95
C LEU A 98 -19.73 12.16 12.22
N ASP A 99 -20.48 13.25 12.06
CA ASP A 99 -21.76 13.18 11.37
C ASP A 99 -21.58 12.71 9.94
N GLN A 100 -20.57 13.24 9.27
CA GLN A 100 -20.30 12.86 7.89
C GLN A 100 -20.15 11.35 7.78
N GLN A 101 -19.57 10.74 8.81
CA GLN A 101 -19.37 9.29 8.82
C GLN A 101 -20.71 8.57 8.92
N ALA A 102 -21.62 9.16 9.70
CA ALA A 102 -22.94 8.56 9.88
C ALA A 102 -23.78 8.71 8.62
N ILE A 103 -23.73 9.89 8.02
CA ILE A 103 -24.49 10.16 6.80
C ILE A 103 -24.06 9.21 5.69
N ASP A 104 -22.75 9.01 5.57
CA ASP A 104 -22.22 8.13 4.53
C ASP A 104 -22.54 6.68 4.86
N GLU A 105 -22.66 6.38 6.15
CA GLU A 105 -22.96 5.01 6.59
C GLU A 105 -24.35 4.59 6.10
N GLN A 106 -25.26 5.56 6.01
CA GLN A 106 -26.61 5.28 5.56
C GLN A 106 -26.60 4.75 4.12
N LEU A 107 -25.82 5.41 3.27
CA LEU A 107 -25.71 5.00 1.87
C LEU A 107 -24.92 3.70 1.75
N ARG A 108 -23.85 3.60 2.52
CA ARG A 108 -23.01 2.41 2.49
C ARG A 108 -23.81 1.17 2.88
N ASN A 109 -24.59 1.30 3.96
CA ASN A 109 -25.41 0.19 4.42
C ASN A 109 -26.43 -0.22 3.36
N ALA A 110 -26.94 0.78 2.63
CA ALA A 110 -27.93 0.52 1.58
C ALA A 110 -27.25 0.00 0.33
N ILE A 111 -27.46 -1.28 0.04
CA ILE A 111 -26.86 -1.90 -1.14
C ILE A 111 -27.33 -1.20 -2.41
N GLU A 112 -26.44 -1.09 -3.38
CA GLU A 112 -26.76 -0.43 -4.64
C GLU A 112 -27.80 -1.26 -5.42
N TYR A 113 -29.01 -1.33 -4.88
CA TYR A 113 -30.07 -2.09 -5.53
C TYR A 113 -30.50 -1.41 -6.83
N THR A 114 -31.04 -0.21 -6.71
CA THR A 114 -31.50 0.53 -7.88
C THR A 114 -31.62 2.02 -7.57
N PRO A 115 -30.51 2.71 -7.47
CA PRO A 115 -30.49 4.17 -7.15
C PRO A 115 -31.47 4.95 -8.03
N GLU A 116 -31.68 4.47 -9.25
CA GLU A 116 -32.59 5.14 -10.18
C GLU A 116 -32.15 6.58 -10.42
N GLY A 1 3.69 8.65 -18.46
CA GLY A 1 3.70 8.24 -19.86
C GLY A 1 2.49 7.36 -20.18
N PRO A 2 2.42 6.87 -21.39
CA PRO A 2 1.29 5.99 -21.84
C PRO A 2 0.97 4.89 -20.82
N LEU A 3 -0.15 5.03 -20.13
CA LEU A 3 -0.55 4.04 -19.14
C LEU A 3 -1.25 2.87 -19.82
N GLY A 4 -1.02 2.72 -21.12
CA GLY A 4 -1.63 1.64 -21.87
C GLY A 4 -1.02 0.29 -21.47
N SER A 5 -1.88 -0.70 -21.25
CA SER A 5 -1.42 -2.03 -20.86
C SER A 5 -0.67 -1.97 -19.54
N ALA A 6 0.56 -1.46 -19.59
CA ALA A 6 1.37 -1.35 -18.38
C ALA A 6 0.73 -0.38 -17.38
N THR A 7 1.44 -0.11 -16.30
CA THR A 7 0.93 0.80 -15.27
C THR A 7 -0.46 0.36 -14.81
N LEU A 8 -0.49 -0.62 -13.92
CA LEU A 8 -1.75 -1.13 -13.40
C LEU A 8 -2.44 -0.07 -12.53
N SER A 9 -3.36 0.68 -13.14
CA SER A 9 -4.08 1.71 -12.43
C SER A 9 -4.83 1.11 -11.24
N ASP A 10 -5.66 1.91 -10.59
CA ASP A 10 -6.42 1.45 -9.44
C ASP A 10 -7.39 0.34 -9.86
N GLU A 11 -8.16 0.60 -10.91
CA GLU A 11 -9.12 -0.39 -11.40
C GLU A 11 -8.41 -1.51 -12.14
N ALA A 12 -7.40 -1.15 -12.92
CA ALA A 12 -6.65 -2.14 -13.69
C ALA A 12 -6.00 -3.17 -12.77
N PHE A 13 -5.48 -2.70 -11.64
CA PHE A 13 -4.82 -3.59 -10.68
C PHE A 13 -5.83 -4.57 -10.10
N ILE A 14 -7.05 -4.09 -9.87
CA ILE A 14 -8.09 -4.95 -9.30
C ILE A 14 -8.57 -5.97 -10.33
N GLU A 15 -8.46 -5.61 -11.61
CA GLU A 15 -8.88 -6.50 -12.68
C GLU A 15 -7.97 -7.72 -12.74
N GLN A 16 -6.68 -7.50 -12.49
CA GLN A 16 -5.72 -8.59 -12.51
C GLN A 16 -5.84 -9.42 -11.24
N PHE A 17 -6.22 -8.76 -10.16
CA PHE A 17 -6.39 -9.43 -8.87
C PHE A 17 -7.47 -10.50 -8.98
N ARG A 18 -8.64 -10.11 -9.45
CA ARG A 18 -9.75 -11.05 -9.59
C ARG A 18 -9.32 -12.29 -10.37
N GLN A 19 -8.43 -12.08 -11.35
CA GLN A 19 -7.96 -13.18 -12.17
C GLN A 19 -7.03 -14.11 -11.38
N GLU A 20 -6.28 -13.53 -10.45
CA GLU A 20 -5.36 -14.31 -9.65
C GLU A 20 -6.12 -15.31 -8.77
N LEU A 21 -7.07 -14.80 -8.00
CA LEU A 21 -7.88 -15.65 -7.13
C LEU A 21 -8.51 -16.78 -7.95
N LEU A 22 -8.98 -16.44 -9.15
CA LEU A 22 -9.61 -17.43 -10.01
C LEU A 22 -8.57 -18.44 -10.50
N ASN A 23 -7.31 -18.03 -10.53
CA ASN A 23 -6.23 -18.91 -10.98
C ASN A 23 -5.75 -19.81 -9.84
N ASN A 24 -5.82 -19.29 -8.60
CA ASN A 24 -5.40 -20.05 -7.43
C ASN A 24 -6.60 -20.65 -6.72
N GLN A 25 -6.89 -21.91 -7.04
CA GLN A 25 -8.02 -22.60 -6.43
C GLN A 25 -7.76 -22.88 -4.95
N MET A 26 -6.49 -23.05 -4.60
CA MET A 26 -6.12 -23.33 -3.22
C MET A 26 -6.20 -22.07 -2.36
N LEU A 27 -5.52 -21.01 -2.80
CA LEU A 27 -5.53 -19.75 -2.07
C LEU A 27 -6.94 -19.19 -1.97
N ARG A 28 -7.68 -19.27 -3.07
CA ARG A 28 -9.04 -18.76 -3.11
C ARG A 28 -9.96 -19.60 -2.23
N SER A 29 -9.86 -20.92 -2.36
CA SER A 29 -10.69 -21.83 -1.58
C SER A 29 -10.69 -21.46 -0.10
N GLN A 30 -9.59 -20.90 0.37
CA GLN A 30 -9.48 -20.51 1.77
C GLN A 30 -10.33 -19.28 2.08
N LEU A 31 -10.13 -18.22 1.30
CA LEU A 31 -10.88 -16.98 1.51
C LEU A 31 -12.38 -17.24 1.57
N ILE A 32 -12.81 -18.44 1.18
CA ILE A 32 -14.23 -18.78 1.22
C ILE A 32 -14.68 -19.01 2.66
N LEU A 33 -13.74 -19.43 3.49
CA LEU A 33 -14.03 -19.69 4.89
C LEU A 33 -14.31 -18.39 5.64
N GLN A 34 -13.55 -17.35 5.33
CA GLN A 34 -13.73 -16.05 5.97
C GLN A 34 -14.57 -15.12 5.11
N ILE A 35 -14.68 -15.45 3.82
CA ILE A 35 -15.46 -14.66 2.88
C ILE A 35 -16.12 -15.57 1.84
N PRO A 36 -17.25 -16.16 2.15
CA PRO A 36 -17.94 -17.09 1.19
C PRO A 36 -18.59 -16.33 0.04
N GLY A 37 -18.98 -15.08 0.29
CA GLY A 37 -19.61 -14.28 -0.75
C GLY A 37 -18.62 -13.99 -1.87
N LEU A 38 -17.35 -14.30 -1.63
CA LEU A 38 -16.31 -14.05 -2.62
C LEU A 38 -16.68 -14.67 -3.96
N ASN A 39 -16.97 -15.97 -3.94
CA ASN A 39 -17.33 -16.68 -5.18
C ASN A 39 -18.47 -15.96 -5.89
N ASP A 40 -19.26 -15.21 -5.14
CA ASP A 40 -20.39 -14.48 -5.72
C ASP A 40 -19.93 -13.20 -6.41
N LEU A 41 -19.17 -12.38 -5.67
CA LEU A 41 -18.68 -11.13 -6.23
C LEU A 41 -17.73 -11.38 -7.38
N VAL A 42 -16.82 -12.35 -7.21
CA VAL A 42 -15.86 -12.66 -8.26
C VAL A 42 -16.58 -12.86 -9.61
N ASN A 43 -17.75 -13.48 -9.56
CA ASN A 43 -18.52 -13.72 -10.78
C ASN A 43 -19.00 -12.40 -11.38
N ASP A 44 -18.97 -11.34 -10.57
CA ASP A 44 -19.41 -10.01 -11.01
C ASP A 44 -18.19 -9.08 -11.12
N PRO A 45 -18.01 -8.38 -12.24
CA PRO A 45 -16.84 -7.47 -12.42
C PRO A 45 -17.00 -6.13 -11.69
N LEU A 46 -18.20 -5.56 -11.75
CA LEU A 46 -18.44 -4.27 -11.11
C LEU A 46 -18.50 -4.41 -9.58
N LEU A 47 -19.19 -5.44 -9.10
CA LEU A 47 -19.30 -5.65 -7.67
C LEU A 47 -17.94 -6.00 -7.06
N PHE A 48 -17.28 -6.99 -7.64
CA PHE A 48 -15.97 -7.40 -7.16
C PHE A 48 -15.06 -6.20 -7.01
N ARG A 49 -15.26 -5.20 -7.86
CA ARG A 49 -14.44 -4.00 -7.81
C ARG A 49 -14.89 -3.08 -6.68
N GLU A 50 -16.20 -2.90 -6.54
CA GLU A 50 -16.73 -2.03 -5.50
C GLU A 50 -16.56 -2.66 -4.12
N ARG A 51 -17.11 -3.86 -3.95
CA ARG A 51 -17.03 -4.56 -2.67
C ARG A 51 -15.58 -4.72 -2.20
N LEU A 52 -14.71 -5.22 -3.09
CA LEU A 52 -13.29 -5.43 -2.75
C LEU A 52 -12.41 -4.37 -3.40
N GLY A 53 -12.93 -3.17 -3.55
CA GLY A 53 -12.17 -2.08 -4.17
C GLY A 53 -11.11 -1.55 -3.21
N PRO A 54 -11.52 -0.88 -2.17
CA PRO A 54 -10.59 -0.27 -1.17
C PRO A 54 -9.72 -1.31 -0.45
N LEU A 55 -10.13 -2.58 -0.51
CA LEU A 55 -9.36 -3.63 0.15
C LEU A 55 -8.11 -3.98 -0.66
N ILE A 56 -8.31 -4.27 -1.94
CA ILE A 56 -7.19 -4.63 -2.82
C ILE A 56 -6.25 -3.45 -3.05
N LEU A 57 -6.80 -2.23 -3.03
CA LEU A 57 -5.98 -1.04 -3.27
C LEU A 57 -5.06 -0.75 -2.09
N GLN A 58 -5.57 -0.91 -0.87
CA GLN A 58 -4.76 -0.65 0.32
C GLN A 58 -3.47 -1.45 0.27
N ARG A 59 -3.56 -2.71 -0.16
CA ARG A 59 -2.38 -3.56 -0.24
C ARG A 59 -1.34 -2.97 -1.20
N ARG A 60 -1.72 -2.80 -2.45
CA ARG A 60 -0.81 -2.24 -3.45
C ARG A 60 -0.23 -0.92 -2.98
N TYR A 61 -1.09 -0.07 -2.41
CA TYR A 61 -0.65 1.24 -1.92
C TYR A 61 -0.13 1.13 -0.49
N GLY A 62 0.09 -0.10 -0.04
CA GLY A 62 0.58 -0.33 1.32
C GLY A 62 2.07 -0.01 1.42
N GLY A 63 2.39 1.28 1.51
CA GLY A 63 3.79 1.70 1.62
C GLY A 63 3.89 3.22 1.66
N TYR A 64 3.18 3.82 2.60
CA TYR A 64 3.20 5.28 2.75
C TYR A 64 4.49 5.74 3.43
N ASN A 65 4.63 7.05 3.59
CA ASN A 65 5.83 7.59 4.23
C ASN A 65 5.69 9.10 4.41
N THR A 66 6.36 9.64 5.43
CA THR A 66 6.30 11.07 5.69
C THR A 66 7.21 11.84 4.74
N ALA A 67 7.10 13.16 4.75
CA ALA A 67 7.92 13.99 3.88
C ALA A 67 7.80 15.46 4.27
N MET A 68 7.48 15.70 5.54
CA MET A 68 7.33 17.06 6.03
C MET A 68 8.70 17.76 6.09
N ASN A 69 8.67 19.09 6.13
CA ASN A 69 9.91 19.86 6.20
C ASN A 69 10.79 19.35 7.33
N PRO A 70 12.09 19.49 7.22
CA PRO A 70 13.03 19.01 8.29
C PRO A 70 12.99 19.90 9.52
N PHE A 71 12.23 21.00 9.44
CA PHE A 71 12.10 21.93 10.56
C PHE A 71 10.66 21.97 11.05
N GLY A 72 9.74 21.58 10.17
CA GLY A 72 8.32 21.56 10.52
C GLY A 72 7.73 22.98 10.58
N ILE A 73 7.82 23.69 9.45
CA ILE A 73 7.29 25.06 9.38
C ILE A 73 6.60 25.28 8.03
N PRO A 74 5.60 26.14 7.97
CA PRO A 74 4.88 26.43 6.70
C PRO A 74 5.82 26.43 5.49
N GLN A 75 5.34 25.86 4.38
CA GLN A 75 6.14 25.81 3.17
C GLN A 75 6.76 27.17 2.87
N ASP A 76 5.97 28.22 2.99
CA ASP A 76 6.45 29.57 2.73
C ASP A 76 7.62 29.92 3.64
N GLU A 77 7.51 29.53 4.91
CA GLU A 77 8.57 29.82 5.88
C GLU A 77 9.81 28.98 5.57
N TYR A 78 9.59 27.80 5.01
CA TYR A 78 10.70 26.90 4.68
C TYR A 78 11.45 27.38 3.44
N THR A 79 10.73 28.04 2.53
CA THR A 79 11.34 28.54 1.30
C THR A 79 12.32 29.67 1.58
N ARG A 80 11.92 30.61 2.42
CA ARG A 80 12.78 31.74 2.76
C ARG A 80 14.09 31.25 3.38
N LEU A 81 14.00 30.31 4.31
CA LEU A 81 15.17 29.77 4.97
C LEU A 81 16.10 29.13 3.93
N MET A 82 15.51 28.33 3.04
CA MET A 82 16.30 27.66 2.00
C MET A 82 16.72 28.64 0.92
N ALA A 83 16.01 29.76 0.81
CA ALA A 83 16.33 30.77 -0.19
C ALA A 83 17.58 31.55 0.20
N ASN A 84 17.80 31.70 1.50
CA ASN A 84 18.96 32.45 1.99
C ASN A 84 19.30 32.03 3.42
N PRO A 85 19.78 30.83 3.60
CA PRO A 85 20.15 30.32 4.96
C PRO A 85 21.50 30.85 5.43
N ASP A 86 22.35 31.21 4.47
CA ASP A 86 23.67 31.74 4.81
C ASP A 86 23.56 33.17 5.32
N ASP A 87 22.36 33.74 5.23
CA ASP A 87 22.14 35.10 5.69
C ASP A 87 22.02 35.12 7.22
N PRO A 88 22.38 36.21 7.87
CA PRO A 88 22.29 36.32 9.36
C PRO A 88 20.84 36.41 9.84
N ASP A 89 19.94 36.68 8.91
CA ASP A 89 18.52 36.78 9.25
C ASP A 89 17.91 35.39 9.43
N ASN A 90 18.03 34.56 8.41
CA ASN A 90 17.48 33.20 8.45
C ASN A 90 18.37 32.28 9.28
N LYS A 91 19.67 32.51 9.24
CA LYS A 91 20.61 31.69 10.00
C LYS A 91 20.22 31.68 11.46
N LYS A 92 19.50 32.72 11.88
CA LYS A 92 19.05 32.82 13.27
C LYS A 92 17.86 31.91 13.51
N ARG A 93 17.08 31.67 12.45
CA ARG A 93 15.92 30.80 12.56
C ARG A 93 16.33 29.34 12.59
N ILE A 94 17.31 28.99 11.76
CA ILE A 94 17.79 27.61 11.69
C ILE A 94 18.56 27.26 12.97
N ALA A 95 19.14 28.26 13.60
CA ALA A 95 19.90 28.03 14.84
C ALA A 95 18.97 27.74 16.00
N GLU A 96 17.84 28.45 16.05
CA GLU A 96 16.87 28.26 17.12
C GLU A 96 16.15 26.92 16.97
N LEU A 97 15.81 26.57 15.73
CA LEU A 97 15.11 25.31 15.47
C LEU A 97 15.91 24.13 16.03
N LEU A 98 17.23 24.20 15.91
CA LEU A 98 18.09 23.13 16.40
C LEU A 98 18.26 23.23 17.92
N ASP A 99 18.33 24.46 18.41
CA ASP A 99 18.50 24.69 19.84
C ASP A 99 17.42 23.96 20.63
N GLN A 100 16.29 23.69 19.97
CA GLN A 100 15.18 23.01 20.62
C GLN A 100 15.66 21.72 21.28
N GLN A 101 16.66 21.09 20.69
CA GLN A 101 17.21 19.84 21.24
C GLN A 101 17.64 20.05 22.69
N ALA A 102 18.23 21.20 22.97
CA ALA A 102 18.69 21.51 24.32
C ALA A 102 17.54 21.44 25.31
N ILE A 103 16.39 21.98 24.93
CA ILE A 103 15.23 21.97 25.80
C ILE A 103 14.82 20.54 26.14
N ASP A 104 14.88 19.67 25.14
CA ASP A 104 14.53 18.27 25.34
C ASP A 104 15.56 17.57 26.22
N GLU A 105 16.80 18.05 26.16
CA GLU A 105 17.88 17.46 26.96
C GLU A 105 17.69 17.79 28.44
N GLN A 106 17.13 18.96 28.72
CA GLN A 106 16.91 19.37 30.09
C GLN A 106 15.93 18.42 30.79
N LEU A 107 14.88 18.04 30.08
CA LEU A 107 13.89 17.13 30.64
C LEU A 107 14.47 15.71 30.76
N ARG A 108 15.19 15.28 29.73
CA ARG A 108 15.79 13.95 29.74
C ARG A 108 16.67 13.78 30.98
N ASN A 109 17.43 14.82 31.31
CA ASN A 109 18.31 14.77 32.47
C ASN A 109 17.50 14.69 33.76
N ALA A 110 16.36 15.38 33.79
CA ALA A 110 15.50 15.38 34.97
C ALA A 110 15.03 13.96 35.28
N ILE A 111 14.91 13.65 36.56
CA ILE A 111 14.46 12.32 36.98
C ILE A 111 12.95 12.19 36.82
N GLU A 112 12.22 13.24 37.20
CA GLU A 112 10.77 13.23 37.10
C GLU A 112 10.34 13.49 35.66
N TYR A 113 9.26 12.83 35.24
CA TYR A 113 8.74 13.00 33.89
C TYR A 113 7.95 14.30 33.77
N THR A 114 6.63 14.18 33.84
CA THR A 114 5.75 15.35 33.75
C THR A 114 4.46 15.10 34.53
N PRO A 115 3.82 16.13 35.04
CA PRO A 115 2.56 15.99 35.82
C PRO A 115 1.39 15.58 34.93
N GLU A 116 1.05 14.29 34.95
CA GLU A 116 -0.05 13.79 34.14
C GLU A 116 -1.39 14.13 34.79
N GLY A 1 11.03 -3.44 -0.62
CA GLY A 1 11.22 -2.05 -0.22
C GLY A 1 10.24 -1.13 -0.93
N PRO A 2 10.20 0.12 -0.54
CA PRO A 2 9.28 1.12 -1.15
C PRO A 2 9.73 1.53 -2.55
N LEU A 3 10.49 0.66 -3.21
CA LEU A 3 10.99 0.94 -4.54
C LEU A 3 9.84 0.90 -5.55
N GLY A 4 9.55 -0.30 -6.05
CA GLY A 4 8.47 -0.46 -7.02
C GLY A 4 8.46 -1.88 -7.58
N SER A 5 7.27 -2.48 -7.62
CA SER A 5 7.13 -3.83 -8.14
C SER A 5 5.68 -4.14 -8.48
N ALA A 6 5.35 -4.05 -9.76
CA ALA A 6 3.98 -4.31 -10.21
C ALA A 6 3.01 -3.33 -9.57
N THR A 7 2.36 -2.52 -10.40
CA THR A 7 1.40 -1.55 -9.89
C THR A 7 0.59 -0.96 -11.05
N LEU A 8 -0.43 -1.69 -11.48
CA LEU A 8 -1.28 -1.23 -12.58
C LEU A 8 -2.27 -0.18 -12.07
N SER A 9 -3.21 0.21 -12.94
CA SER A 9 -4.20 1.20 -12.56
C SER A 9 -4.99 0.72 -11.35
N ASP A 10 -5.81 1.61 -10.78
CA ASP A 10 -6.61 1.26 -9.62
C ASP A 10 -7.56 0.12 -9.96
N GLU A 11 -8.35 0.30 -11.01
CA GLU A 11 -9.31 -0.71 -11.43
C GLU A 11 -8.61 -1.87 -12.12
N ALA A 12 -7.67 -1.55 -13.01
CA ALA A 12 -6.94 -2.57 -13.75
C ALA A 12 -6.22 -3.52 -12.80
N PHE A 13 -5.56 -2.96 -11.79
CA PHE A 13 -4.84 -3.78 -10.82
C PHE A 13 -5.79 -4.72 -10.10
N ILE A 14 -7.01 -4.26 -9.87
CA ILE A 14 -8.01 -5.08 -9.18
C ILE A 14 -8.50 -6.20 -10.10
N GLU A 15 -8.49 -5.94 -11.41
CA GLU A 15 -8.93 -6.94 -12.37
C GLU A 15 -7.96 -8.11 -12.42
N GLN A 16 -6.70 -7.83 -12.10
CA GLN A 16 -5.67 -8.87 -12.10
C GLN A 16 -5.77 -9.70 -10.82
N PHE A 17 -6.07 -9.04 -9.71
CA PHE A 17 -6.19 -9.74 -8.43
C PHE A 17 -7.34 -10.73 -8.49
N ARG A 18 -8.43 -10.33 -9.13
CA ARG A 18 -9.60 -11.20 -9.24
C ARG A 18 -9.29 -12.42 -10.10
N GLN A 19 -8.46 -12.23 -11.12
CA GLN A 19 -8.10 -13.33 -12.00
C GLN A 19 -7.16 -14.31 -11.30
N GLU A 20 -6.39 -13.81 -10.34
CA GLU A 20 -5.46 -14.66 -9.59
C GLU A 20 -6.21 -15.72 -8.80
N LEU A 21 -7.15 -15.27 -7.97
CA LEU A 21 -7.94 -16.18 -7.16
C LEU A 21 -8.61 -17.25 -8.03
N LEU A 22 -9.08 -16.83 -9.20
CA LEU A 22 -9.73 -17.75 -10.11
C LEU A 22 -8.71 -18.71 -10.72
N ASN A 23 -7.45 -18.30 -10.75
CA ASN A 23 -6.40 -19.14 -11.31
C ASN A 23 -5.88 -20.12 -10.26
N ASN A 24 -5.95 -19.73 -8.99
CA ASN A 24 -5.50 -20.57 -7.88
C ASN A 24 -6.68 -21.09 -7.07
N GLN A 25 -6.99 -22.37 -7.21
CA GLN A 25 -8.09 -22.96 -6.48
C GLN A 25 -7.79 -23.06 -4.98
N MET A 26 -6.51 -23.17 -4.65
CA MET A 26 -6.10 -23.29 -3.26
C MET A 26 -6.16 -21.93 -2.55
N LEU A 27 -5.68 -20.89 -3.23
CA LEU A 27 -5.69 -19.55 -2.65
C LEU A 27 -7.11 -19.07 -2.41
N ARG A 28 -7.92 -19.12 -3.47
CA ARG A 28 -9.31 -18.67 -3.37
C ARG A 28 -10.04 -19.38 -2.23
N SER A 29 -9.97 -20.71 -2.22
CA SER A 29 -10.64 -21.49 -1.17
C SER A 29 -10.32 -20.94 0.22
N GLN A 30 -9.10 -20.46 0.40
CA GLN A 30 -8.69 -19.93 1.68
C GLN A 30 -9.45 -18.64 2.00
N LEU A 31 -9.79 -17.88 0.96
CA LEU A 31 -10.51 -16.62 1.14
C LEU A 31 -12.02 -16.86 1.22
N ILE A 32 -12.46 -18.04 0.79
CA ILE A 32 -13.88 -18.37 0.83
C ILE A 32 -14.35 -18.59 2.26
N LEU A 33 -13.48 -19.17 3.08
CA LEU A 33 -13.82 -19.44 4.48
C LEU A 33 -14.08 -18.14 5.23
N GLN A 34 -13.50 -17.05 4.74
CA GLN A 34 -13.68 -15.73 5.36
C GLN A 34 -14.80 -14.96 4.68
N ILE A 35 -14.80 -14.96 3.35
CA ILE A 35 -15.82 -14.24 2.56
C ILE A 35 -16.58 -15.21 1.66
N PRO A 36 -17.55 -15.91 2.18
CA PRO A 36 -18.36 -16.87 1.38
C PRO A 36 -18.91 -16.26 0.08
N GLY A 37 -19.37 -15.01 0.17
CA GLY A 37 -19.93 -14.33 -0.99
C GLY A 37 -18.88 -14.00 -2.04
N LEU A 38 -17.62 -14.36 -1.77
CA LEU A 38 -16.55 -14.09 -2.72
C LEU A 38 -16.86 -14.69 -4.08
N ASN A 39 -17.18 -15.98 -4.09
CA ASN A 39 -17.50 -16.67 -5.35
C ASN A 39 -18.61 -15.94 -6.09
N ASP A 40 -19.41 -15.19 -5.36
CA ASP A 40 -20.51 -14.45 -5.97
C ASP A 40 -20.01 -13.17 -6.63
N LEU A 41 -19.27 -12.37 -5.87
CA LEU A 41 -18.75 -11.11 -6.39
C LEU A 41 -17.74 -11.37 -7.52
N VAL A 42 -16.90 -12.38 -7.34
CA VAL A 42 -15.90 -12.72 -8.35
C VAL A 42 -16.57 -12.93 -9.71
N ASN A 43 -17.83 -13.35 -9.70
CA ASN A 43 -18.56 -13.58 -10.95
C ASN A 43 -18.92 -12.26 -11.61
N ASP A 44 -18.77 -11.17 -10.86
CA ASP A 44 -19.07 -9.82 -11.37
C ASP A 44 -17.90 -8.88 -11.08
N PRO A 45 -17.33 -8.20 -12.07
CA PRO A 45 -16.18 -7.28 -11.84
C PRO A 45 -16.62 -5.94 -11.24
N LEU A 46 -17.77 -5.44 -11.68
CA LEU A 46 -18.26 -4.16 -11.17
C LEU A 46 -18.41 -4.21 -9.65
N LEU A 47 -19.05 -5.26 -9.15
CA LEU A 47 -19.25 -5.40 -7.72
C LEU A 47 -17.93 -5.78 -7.04
N PHE A 48 -17.27 -6.81 -7.58
CA PHE A 48 -16.00 -7.26 -7.02
C PHE A 48 -15.05 -6.09 -6.82
N ARG A 49 -15.15 -5.08 -7.69
CA ARG A 49 -14.29 -3.92 -7.60
C ARG A 49 -14.74 -2.99 -6.49
N GLU A 50 -16.05 -2.85 -6.32
CA GLU A 50 -16.60 -1.98 -5.30
C GLU A 50 -16.47 -2.60 -3.91
N ARG A 51 -16.95 -3.83 -3.76
CA ARG A 51 -16.91 -4.51 -2.46
C ARG A 51 -15.47 -4.82 -2.02
N LEU A 52 -14.69 -5.42 -2.90
CA LEU A 52 -13.30 -5.79 -2.56
C LEU A 52 -12.30 -4.78 -3.12
N GLY A 53 -12.71 -3.53 -3.27
CA GLY A 53 -11.83 -2.50 -3.79
C GLY A 53 -10.85 -2.02 -2.72
N PRO A 54 -11.36 -1.45 -1.66
CA PRO A 54 -10.51 -0.94 -0.53
C PRO A 54 -9.44 -1.94 -0.09
N LEU A 55 -9.85 -3.18 0.12
CA LEU A 55 -8.93 -4.22 0.56
C LEU A 55 -7.75 -4.35 -0.41
N ILE A 56 -8.06 -4.41 -1.70
CA ILE A 56 -7.02 -4.56 -2.71
C ILE A 56 -6.24 -3.26 -2.91
N LEU A 57 -6.93 -2.13 -2.85
CA LEU A 57 -6.28 -0.83 -3.05
C LEU A 57 -5.45 -0.39 -1.85
N GLN A 58 -6.02 -0.50 -0.65
CA GLN A 58 -5.32 -0.06 0.55
C GLN A 58 -3.93 -0.70 0.65
N ARG A 59 -3.82 -1.96 0.21
CA ARG A 59 -2.53 -2.64 0.26
C ARG A 59 -1.68 -2.27 -0.96
N ARG A 60 -2.33 -2.06 -2.09
CA ARG A 60 -1.63 -1.69 -3.31
C ARG A 60 -0.80 -0.41 -3.10
N TYR A 61 -1.44 0.61 -2.56
CA TYR A 61 -0.77 1.88 -2.31
C TYR A 61 0.21 1.74 -1.14
N GLY A 62 -0.35 1.69 0.07
CA GLY A 62 0.48 1.57 1.27
C GLY A 62 1.16 0.20 1.32
N GLY A 63 2.27 0.07 0.59
CA GLY A 63 3.01 -1.18 0.55
C GLY A 63 3.84 -1.36 1.82
N TYR A 64 4.07 -2.61 2.21
CA TYR A 64 4.86 -2.90 3.40
C TYR A 64 4.31 -2.12 4.60
N ASN A 65 3.48 -2.78 5.40
CA ASN A 65 2.89 -2.15 6.57
C ASN A 65 3.89 -2.11 7.73
N THR A 66 3.90 -1.01 8.46
CA THR A 66 4.81 -0.86 9.58
C THR A 66 4.47 -1.86 10.68
N ALA A 67 3.25 -1.76 11.20
CA ALA A 67 2.80 -2.66 12.26
C ALA A 67 3.78 -2.66 13.42
N MET A 68 3.58 -1.71 14.35
CA MET A 68 4.45 -1.59 15.52
C MET A 68 5.91 -1.94 15.18
N ASN A 69 6.69 -2.32 16.19
CA ASN A 69 8.08 -2.65 15.96
C ASN A 69 8.65 -3.41 17.17
N PRO A 70 9.64 -4.26 16.97
CA PRO A 70 10.26 -5.02 18.10
C PRO A 70 10.39 -4.19 19.37
N PHE A 71 11.03 -3.04 19.26
CA PHE A 71 11.23 -2.17 20.41
C PHE A 71 9.88 -1.71 20.97
N GLY A 72 8.85 -1.74 20.12
CA GLY A 72 7.52 -1.34 20.54
C GLY A 72 7.44 0.18 20.78
N ILE A 73 8.24 0.93 20.03
CA ILE A 73 8.26 2.39 20.16
C ILE A 73 7.28 3.02 19.16
N PRO A 74 6.68 4.15 19.48
CA PRO A 74 5.73 4.83 18.56
C PRO A 74 6.14 4.70 17.10
N GLN A 75 5.22 4.22 16.27
CA GLN A 75 5.50 4.04 14.85
C GLN A 75 6.22 5.26 14.29
N ASP A 76 5.81 6.45 14.75
CA ASP A 76 6.43 7.68 14.28
C ASP A 76 7.91 7.72 14.64
N GLU A 77 8.26 7.08 15.74
CA GLU A 77 9.66 7.05 16.18
C GLU A 77 10.47 6.06 15.35
N TYR A 78 9.98 4.84 15.23
CA TYR A 78 10.67 3.81 14.45
C TYR A 78 11.08 4.33 13.08
N THR A 79 10.29 5.25 12.53
CA THR A 79 10.59 5.82 11.22
C THR A 79 11.83 6.69 11.27
N ARG A 80 12.00 7.42 12.36
CA ARG A 80 13.14 8.31 12.52
C ARG A 80 14.43 7.51 12.66
N LEU A 81 14.47 6.62 13.65
CA LEU A 81 15.65 5.81 13.88
C LEU A 81 16.14 5.18 12.57
N MET A 82 15.25 4.48 11.89
CA MET A 82 15.61 3.83 10.63
C MET A 82 15.95 4.86 9.56
N ALA A 83 15.19 5.96 9.53
CA ALA A 83 15.43 7.00 8.54
C ALA A 83 16.67 7.81 8.89
N ASN A 84 17.08 7.75 10.15
CA ASN A 84 18.25 8.49 10.60
C ASN A 84 18.89 7.80 11.80
N PRO A 85 19.53 6.69 11.60
CA PRO A 85 20.20 5.92 12.68
C PRO A 85 21.57 6.50 13.04
N ASP A 86 22.08 7.38 12.18
CA ASP A 86 23.37 8.01 12.40
C ASP A 86 23.23 9.21 13.33
N ASP A 87 21.99 9.62 13.57
CA ASP A 87 21.72 10.75 14.44
C ASP A 87 22.27 10.49 15.86
N PRO A 88 23.28 11.22 16.32
CA PRO A 88 23.85 11.00 17.67
C PRO A 88 22.76 10.86 18.73
N ASP A 89 21.60 11.43 18.45
CA ASP A 89 20.47 11.35 19.38
C ASP A 89 19.79 9.99 19.32
N ASN A 90 19.46 9.56 18.11
CA ASN A 90 18.80 8.27 17.93
C ASN A 90 19.60 7.15 18.58
N LYS A 91 20.92 7.23 18.45
CA LYS A 91 21.80 6.22 19.03
C LYS A 91 21.47 6.01 20.51
N LYS A 92 21.04 7.09 21.17
CA LYS A 92 20.69 7.01 22.59
C LYS A 92 19.51 6.08 22.79
N ARG A 93 18.51 6.18 21.93
CA ARG A 93 17.33 5.34 22.03
C ARG A 93 17.65 3.91 21.60
N ILE A 94 18.42 3.77 20.53
CA ILE A 94 18.78 2.45 20.04
C ILE A 94 19.81 1.78 20.95
N ALA A 95 20.61 2.61 21.63
CA ALA A 95 21.62 2.08 22.53
C ALA A 95 21.00 1.53 23.81
N GLU A 96 19.96 2.20 24.30
CA GLU A 96 19.29 1.78 25.52
C GLU A 96 18.43 0.53 25.27
N LEU A 97 17.80 0.48 24.10
CA LEU A 97 16.96 -0.67 23.75
C LEU A 97 17.77 -1.95 23.72
N LEU A 98 19.04 -1.85 23.35
CA LEU A 98 19.91 -3.02 23.28
C LEU A 98 20.43 -3.38 24.67
N ASP A 99 20.62 -2.37 25.51
CA ASP A 99 21.11 -2.59 26.86
C ASP A 99 20.03 -3.23 27.72
N GLN A 100 18.79 -2.78 27.56
CA GLN A 100 17.67 -3.31 28.32
C GLN A 100 17.57 -4.82 28.14
N GLN A 101 17.83 -5.27 26.91
CA GLN A 101 17.76 -6.71 26.62
C GLN A 101 18.96 -7.44 27.23
N ALA A 102 20.12 -6.80 27.18
CA ALA A 102 21.34 -7.41 27.72
C ALA A 102 21.13 -7.78 29.19
N ILE A 103 20.38 -6.95 29.90
CA ILE A 103 20.12 -7.20 31.32
C ILE A 103 19.31 -8.48 31.49
N ASP A 104 18.26 -8.62 30.69
CA ASP A 104 17.40 -9.80 30.76
C ASP A 104 18.23 -11.08 30.67
N GLU A 105 19.37 -10.99 30.01
CA GLU A 105 20.24 -12.16 29.86
C GLU A 105 20.63 -12.71 31.23
N GLN A 106 20.75 -11.83 32.21
CA GLN A 106 21.12 -12.25 33.56
C GLN A 106 19.92 -12.89 34.26
N LEU A 107 18.74 -12.30 34.07
CA LEU A 107 17.53 -12.82 34.69
C LEU A 107 17.14 -14.16 34.06
N ARG A 108 17.27 -14.24 32.74
CA ARG A 108 16.93 -15.46 32.02
C ARG A 108 17.90 -16.58 32.38
N ASN A 109 19.16 -16.23 32.56
CA ASN A 109 20.18 -17.21 32.90
C ASN A 109 19.84 -17.89 34.22
N ALA A 110 18.96 -17.27 35.01
CA ALA A 110 18.56 -17.83 36.29
C ALA A 110 17.59 -18.99 36.09
N ILE A 111 16.67 -19.15 37.02
CA ILE A 111 15.68 -20.23 36.93
C ILE A 111 15.04 -20.25 35.55
N GLU A 112 14.69 -21.44 35.08
CA GLU A 112 14.07 -21.58 33.77
C GLU A 112 13.45 -22.96 33.61
N TYR A 113 14.09 -23.97 34.22
CA TYR A 113 13.58 -25.34 34.14
C TYR A 113 12.44 -25.55 35.14
N THR A 114 11.23 -25.74 34.61
CA THR A 114 10.06 -25.96 35.45
C THR A 114 9.98 -27.43 35.88
N PRO A 115 9.41 -27.72 37.02
CA PRO A 115 9.29 -29.12 37.52
C PRO A 115 8.28 -29.94 36.70
N GLU A 116 8.77 -30.58 35.64
CA GLU A 116 7.90 -31.38 34.78
C GLU A 116 6.70 -30.57 34.33
N GLY A 1 4.72 15.18 -9.67
CA GLY A 1 5.25 14.14 -8.80
C GLY A 1 6.26 13.26 -9.54
N PRO A 2 6.87 12.33 -8.85
CA PRO A 2 7.88 11.41 -9.46
C PRO A 2 7.22 10.40 -10.40
N LEU A 3 8.03 9.80 -11.27
CA LEU A 3 7.52 8.82 -12.22
C LEU A 3 7.25 7.49 -11.51
N GLY A 4 5.96 7.18 -11.33
CA GLY A 4 5.57 5.94 -10.67
C GLY A 4 5.75 4.74 -11.61
N SER A 5 4.72 4.47 -12.41
CA SER A 5 4.77 3.35 -13.35
C SER A 5 3.58 3.40 -14.30
N ALA A 6 2.44 3.88 -13.80
CA ALA A 6 1.24 3.97 -14.61
C ALA A 6 0.85 2.60 -15.15
N THR A 7 1.49 1.56 -14.62
CA THR A 7 1.21 0.20 -15.06
C THR A 7 -0.16 -0.24 -14.58
N LEU A 8 -0.19 -1.03 -13.50
CA LEU A 8 -1.45 -1.52 -12.95
C LEU A 8 -2.18 -0.41 -12.21
N SER A 9 -3.15 0.21 -12.89
CA SER A 9 -3.92 1.29 -12.28
C SER A 9 -4.73 0.76 -11.10
N ASP A 10 -5.55 1.63 -10.52
CA ASP A 10 -6.36 1.24 -9.37
C ASP A 10 -7.29 0.08 -9.74
N GLU A 11 -7.99 0.23 -10.86
CA GLU A 11 -8.91 -0.80 -11.33
C GLU A 11 -8.14 -1.98 -11.92
N ALA A 12 -7.13 -1.67 -12.72
CA ALA A 12 -6.33 -2.72 -13.36
C ALA A 12 -5.75 -3.67 -12.31
N PHE A 13 -5.18 -3.10 -11.26
CA PHE A 13 -4.59 -3.91 -10.20
C PHE A 13 -5.63 -4.84 -9.58
N ILE A 14 -6.86 -4.33 -9.44
CA ILE A 14 -7.94 -5.12 -8.87
C ILE A 14 -8.38 -6.20 -9.85
N GLU A 15 -8.24 -5.92 -11.14
CA GLU A 15 -8.63 -6.87 -12.17
C GLU A 15 -7.67 -8.06 -12.19
N GLN A 16 -6.41 -7.79 -11.91
CA GLN A 16 -5.40 -8.84 -11.89
C GLN A 16 -5.56 -9.72 -10.65
N PHE A 17 -5.85 -9.08 -9.52
CA PHE A 17 -6.04 -9.82 -8.27
C PHE A 17 -7.25 -10.74 -8.38
N ARG A 18 -8.26 -10.29 -9.10
CA ARG A 18 -9.47 -11.07 -9.28
C ARG A 18 -9.21 -12.27 -10.19
N GLN A 19 -8.64 -12.01 -11.36
CA GLN A 19 -8.34 -13.07 -12.31
C GLN A 19 -7.54 -14.19 -11.67
N GLU A 20 -6.77 -13.84 -10.64
CA GLU A 20 -5.96 -14.84 -9.94
C GLU A 20 -6.86 -15.85 -9.23
N LEU A 21 -7.81 -15.34 -8.45
CA LEU A 21 -8.73 -16.21 -7.71
C LEU A 21 -9.43 -17.17 -8.67
N LEU A 22 -9.60 -16.74 -9.91
CA LEU A 22 -10.26 -17.58 -10.91
C LEU A 22 -9.27 -18.57 -11.51
N ASN A 23 -7.98 -18.21 -11.47
CA ASN A 23 -6.94 -19.07 -12.02
C ASN A 23 -6.45 -20.09 -10.98
N ASN A 24 -6.47 -19.69 -9.71
CA ASN A 24 -6.02 -20.57 -8.62
C ASN A 24 -7.16 -20.83 -7.65
N GLN A 25 -7.74 -22.02 -7.74
CA GLN A 25 -8.85 -22.40 -6.86
C GLN A 25 -8.36 -22.58 -5.42
N MET A 26 -7.06 -22.79 -5.27
CA MET A 26 -6.48 -22.99 -3.94
C MET A 26 -6.38 -21.68 -3.18
N LEU A 27 -5.75 -20.69 -3.80
CA LEU A 27 -5.60 -19.38 -3.18
C LEU A 27 -6.95 -18.78 -2.83
N ARG A 28 -7.88 -18.86 -3.79
CA ARG A 28 -9.21 -18.31 -3.57
C ARG A 28 -9.88 -18.95 -2.36
N SER A 29 -9.83 -20.27 -2.29
CA SER A 29 -10.45 -21.01 -1.18
C SER A 29 -10.03 -20.42 0.16
N GLN A 30 -8.78 -20.01 0.28
CA GLN A 30 -8.28 -19.44 1.53
C GLN A 30 -9.00 -18.14 1.83
N LEU A 31 -9.45 -17.45 0.79
CA LEU A 31 -10.14 -16.17 0.95
C LEU A 31 -11.62 -16.38 1.27
N ILE A 32 -12.19 -17.49 0.80
CA ILE A 32 -13.61 -17.75 1.06
C ILE A 32 -13.85 -17.96 2.56
N LEU A 33 -12.84 -18.45 3.26
CA LEU A 33 -12.95 -18.70 4.70
C LEU A 33 -13.45 -17.47 5.43
N GLN A 34 -12.88 -16.31 5.11
CA GLN A 34 -13.28 -15.06 5.76
C GLN A 34 -14.59 -14.54 5.16
N ILE A 35 -14.67 -14.52 3.83
CA ILE A 35 -15.86 -14.03 3.13
C ILE A 35 -16.59 -15.22 2.47
N PRO A 36 -17.78 -15.56 2.88
CA PRO A 36 -18.52 -16.72 2.27
C PRO A 36 -19.14 -16.36 0.92
N GLY A 37 -19.40 -15.07 0.71
CA GLY A 37 -19.99 -14.61 -0.55
C GLY A 37 -18.93 -14.14 -1.54
N LEU A 38 -17.73 -14.69 -1.43
CA LEU A 38 -16.65 -14.31 -2.35
C LEU A 38 -16.87 -14.91 -3.73
N ASN A 39 -17.15 -16.21 -3.76
CA ASN A 39 -17.38 -16.89 -5.03
C ASN A 39 -18.42 -16.17 -5.87
N ASP A 40 -19.27 -15.39 -5.19
CA ASP A 40 -20.33 -14.65 -5.86
C ASP A 40 -19.78 -13.40 -6.53
N LEU A 41 -18.99 -12.63 -5.79
CA LEU A 41 -18.42 -11.41 -6.34
C LEU A 41 -17.39 -11.74 -7.42
N VAL A 42 -16.58 -12.76 -7.18
CA VAL A 42 -15.57 -13.15 -8.15
C VAL A 42 -16.20 -13.53 -9.48
N ASN A 43 -17.50 -13.77 -9.48
CA ASN A 43 -18.21 -14.15 -10.70
C ASN A 43 -18.58 -12.90 -11.51
N ASP A 44 -18.54 -11.74 -10.86
CA ASP A 44 -18.86 -10.47 -11.52
C ASP A 44 -17.75 -9.45 -11.25
N PRO A 45 -17.18 -8.82 -12.26
CA PRO A 45 -16.07 -7.83 -12.05
C PRO A 45 -16.57 -6.48 -11.53
N LEU A 46 -17.72 -6.03 -12.03
CA LEU A 46 -18.27 -4.75 -11.59
C LEU A 46 -18.42 -4.71 -10.07
N LEU A 47 -19.04 -5.74 -9.52
CA LEU A 47 -19.25 -5.81 -8.08
C LEU A 47 -17.94 -6.09 -7.37
N PHE A 48 -17.19 -7.07 -7.87
CA PHE A 48 -15.92 -7.42 -7.27
C PHE A 48 -15.05 -6.18 -7.08
N ARG A 49 -15.16 -5.24 -8.02
CA ARG A 49 -14.37 -4.02 -7.94
C ARG A 49 -14.91 -3.12 -6.83
N GLU A 50 -16.22 -2.92 -6.81
CA GLU A 50 -16.85 -2.07 -5.81
C GLU A 50 -16.70 -2.64 -4.40
N ARG A 51 -17.18 -3.87 -4.21
CA ARG A 51 -17.13 -4.51 -2.90
C ARG A 51 -15.70 -4.65 -2.38
N LEU A 52 -14.79 -5.18 -3.19
CA LEU A 52 -13.40 -5.37 -2.76
C LEU A 52 -12.49 -4.30 -3.36
N GLY A 53 -13.06 -3.15 -3.68
CA GLY A 53 -12.28 -2.06 -4.25
C GLY A 53 -11.23 -1.53 -3.27
N PRO A 54 -11.66 -0.87 -2.23
CA PRO A 54 -10.74 -0.28 -1.21
C PRO A 54 -9.87 -1.33 -0.50
N LEU A 55 -10.45 -2.49 -0.21
CA LEU A 55 -9.71 -3.54 0.47
C LEU A 55 -8.42 -3.89 -0.26
N ILE A 56 -8.54 -4.17 -1.56
CA ILE A 56 -7.37 -4.54 -2.36
C ILE A 56 -6.42 -3.35 -2.55
N LEU A 57 -6.97 -2.13 -2.56
CA LEU A 57 -6.16 -0.94 -2.76
C LEU A 57 -5.33 -0.62 -1.52
N GLN A 58 -5.91 -0.82 -0.33
CA GLN A 58 -5.21 -0.53 0.91
C GLN A 58 -3.86 -1.26 0.95
N ARG A 59 -3.84 -2.50 0.51
CA ARG A 59 -2.59 -3.27 0.50
C ARG A 59 -1.69 -2.82 -0.65
N ARG A 60 -2.31 -2.46 -1.76
CA ARG A 60 -1.57 -2.02 -2.93
C ARG A 60 -0.69 -0.81 -2.59
N TYR A 61 -1.29 0.19 -1.97
CA TYR A 61 -0.55 1.40 -1.60
C TYR A 61 0.42 1.10 -0.47
N GLY A 62 1.36 2.02 -0.24
CA GLY A 62 2.35 1.85 0.81
C GLY A 62 3.52 2.81 0.62
N GLY A 63 3.22 4.02 0.18
CA GLY A 63 4.27 5.03 -0.04
C GLY A 63 3.78 6.13 -0.96
N TYR A 64 2.47 6.37 -0.95
CA TYR A 64 1.89 7.41 -1.80
C TYR A 64 0.41 7.59 -1.47
N ASN A 65 -0.02 8.85 -1.42
CA ASN A 65 -1.42 9.15 -1.11
C ASN A 65 -1.78 10.56 -1.57
N THR A 66 -1.20 10.98 -2.69
CA THR A 66 -1.47 12.32 -3.23
C THR A 66 -1.30 13.38 -2.14
N ALA A 67 -0.15 14.04 -2.15
CA ALA A 67 0.12 15.09 -1.16
C ALA A 67 -0.79 16.28 -1.39
N MET A 68 -0.43 17.11 -2.36
CA MET A 68 -1.22 18.30 -2.67
C MET A 68 -2.50 17.90 -3.41
N ASN A 69 -3.65 18.25 -2.85
CA ASN A 69 -4.92 17.92 -3.47
C ASN A 69 -4.94 18.38 -4.93
N PRO A 70 -5.67 17.71 -5.80
CA PRO A 70 -5.75 18.09 -7.24
C PRO A 70 -5.75 19.60 -7.45
N PHE A 71 -6.17 20.34 -6.42
CA PHE A 71 -6.23 21.80 -6.48
C PHE A 71 -5.24 22.42 -5.50
N GLY A 72 -4.85 21.65 -4.48
CA GLY A 72 -3.90 22.12 -3.49
C GLY A 72 -4.57 23.06 -2.49
N ILE A 73 -5.55 22.54 -1.76
CA ILE A 73 -6.27 23.33 -0.76
C ILE A 73 -6.52 22.50 0.50
N PRO A 74 -6.61 23.11 1.66
CA PRO A 74 -6.86 22.37 2.93
C PRO A 74 -7.83 21.21 2.75
N GLN A 75 -7.38 20.01 3.10
CA GLN A 75 -8.22 18.82 2.98
C GLN A 75 -9.63 19.10 3.48
N ASP A 76 -9.72 19.88 4.56
CA ASP A 76 -11.02 20.22 5.14
C ASP A 76 -11.96 20.78 4.08
N GLU A 77 -11.45 21.68 3.26
CA GLU A 77 -12.26 22.30 2.20
C GLU A 77 -12.46 21.33 1.04
N TYR A 78 -11.37 20.70 0.61
CA TYR A 78 -11.43 19.76 -0.50
C TYR A 78 -12.56 18.75 -0.31
N THR A 79 -12.75 18.32 0.94
CA THR A 79 -13.80 17.35 1.25
C THR A 79 -15.18 17.97 1.03
N ARG A 80 -15.30 19.26 1.36
CA ARG A 80 -16.57 19.96 1.20
C ARG A 80 -16.85 20.22 -0.28
N LEU A 81 -15.80 20.47 -1.04
CA LEU A 81 -15.95 20.73 -2.47
C LEU A 81 -16.40 19.47 -3.21
N MET A 82 -15.62 18.40 -3.07
CA MET A 82 -15.95 17.14 -3.73
C MET A 82 -17.27 16.58 -3.21
N ALA A 83 -17.60 16.92 -1.97
CA ALA A 83 -18.83 16.44 -1.36
C ALA A 83 -20.05 17.07 -2.02
N ASN A 84 -19.86 18.26 -2.59
CA ASN A 84 -20.96 18.96 -3.25
C ASN A 84 -20.43 20.06 -4.18
N PRO A 85 -19.77 19.68 -5.24
CA PRO A 85 -19.19 20.64 -6.22
C PRO A 85 -20.24 21.16 -7.20
N ASP A 86 -21.43 20.57 -7.16
CA ASP A 86 -22.52 20.98 -8.05
C ASP A 86 -23.37 22.07 -7.41
N ASP A 87 -22.93 22.56 -6.25
CA ASP A 87 -23.66 23.61 -5.53
C ASP A 87 -23.32 24.99 -6.12
N PRO A 88 -24.30 25.81 -6.43
CA PRO A 88 -24.03 27.18 -6.98
C PRO A 88 -22.85 27.86 -6.31
N ASP A 89 -22.66 27.57 -5.02
CA ASP A 89 -21.57 28.15 -4.26
C ASP A 89 -20.25 27.47 -4.59
N ASN A 90 -20.22 26.15 -4.45
CA ASN A 90 -19.02 25.38 -4.73
C ASN A 90 -18.64 25.49 -6.21
N LYS A 91 -19.62 25.32 -7.08
CA LYS A 91 -19.39 25.40 -8.52
C LYS A 91 -18.56 26.62 -8.85
N LYS A 92 -18.70 27.67 -8.04
CA LYS A 92 -17.95 28.90 -8.26
C LYS A 92 -16.53 28.76 -7.74
N ARG A 93 -16.40 28.34 -6.49
CA ARG A 93 -15.08 28.17 -5.87
C ARG A 93 -14.12 27.48 -6.84
N ILE A 94 -14.59 26.40 -7.45
CA ILE A 94 -13.76 25.65 -8.40
C ILE A 94 -13.34 26.54 -9.57
N ALA A 95 -14.31 27.25 -10.16
CA ALA A 95 -14.03 28.12 -11.29
C ALA A 95 -12.81 29.01 -11.01
N GLU A 96 -12.72 29.52 -9.79
CA GLU A 96 -11.59 30.39 -9.44
C GLU A 96 -10.26 29.66 -9.63
N LEU A 97 -10.20 28.42 -9.15
CA LEU A 97 -8.97 27.63 -9.27
C LEU A 97 -8.56 27.50 -10.74
N LEU A 98 -9.55 27.42 -11.62
CA LEU A 98 -9.26 27.29 -13.06
C LEU A 98 -8.93 28.65 -13.66
N ASP A 99 -9.51 29.70 -13.09
CA ASP A 99 -9.27 31.05 -13.58
C ASP A 99 -7.82 31.46 -13.38
N GLN A 100 -7.36 31.39 -12.12
CA GLN A 100 -5.98 31.74 -11.81
C GLN A 100 -5.01 30.89 -12.61
N GLN A 101 -5.40 29.65 -12.88
CA GLN A 101 -4.55 28.75 -13.64
C GLN A 101 -4.37 29.24 -15.08
N ALA A 102 -5.50 29.51 -15.74
CA ALA A 102 -5.47 29.99 -17.12
C ALA A 102 -4.66 31.29 -17.21
N ILE A 103 -4.75 32.12 -16.19
CA ILE A 103 -4.03 33.39 -16.17
C ILE A 103 -2.54 33.15 -15.96
N ASP A 104 -2.20 32.24 -15.05
CA ASP A 104 -0.81 31.93 -14.77
C ASP A 104 -0.11 31.41 -16.02
N GLU A 105 -0.87 30.70 -16.86
CA GLU A 105 -0.31 30.15 -18.08
C GLU A 105 0.30 31.25 -18.95
N GLN A 106 -0.48 32.29 -19.21
CA GLN A 106 -0.01 33.40 -20.03
C GLN A 106 1.32 33.93 -19.50
N LEU A 107 1.39 34.11 -18.18
CA LEU A 107 2.62 34.61 -17.56
C LEU A 107 3.69 33.53 -17.54
N ARG A 108 3.26 32.27 -17.39
CA ARG A 108 4.20 31.15 -17.36
C ARG A 108 5.02 31.11 -18.64
N ASN A 109 4.34 31.18 -19.78
CA ASN A 109 5.01 31.13 -21.07
C ASN A 109 5.82 32.41 -21.29
N ALA A 110 5.42 33.48 -20.60
CA ALA A 110 6.12 34.76 -20.73
C ALA A 110 7.46 34.70 -20.00
N ILE A 111 8.48 35.31 -20.60
CA ILE A 111 9.80 35.32 -19.99
C ILE A 111 9.73 35.86 -18.56
N GLU A 112 10.61 35.38 -17.70
CA GLU A 112 10.63 35.82 -16.31
C GLU A 112 11.95 35.45 -15.64
N TYR A 113 12.39 36.29 -14.71
CA TYR A 113 13.65 36.04 -14.00
C TYR A 113 14.82 35.99 -14.97
N THR A 114 15.77 36.90 -14.79
CA THR A 114 16.95 36.94 -15.65
C THR A 114 16.55 37.08 -17.12
N PRO A 115 16.12 38.25 -17.52
CA PRO A 115 15.70 38.52 -18.93
C PRO A 115 16.75 38.04 -19.94
N GLU A 116 16.29 37.52 -21.07
CA GLU A 116 17.20 37.04 -22.10
C GLU A 116 18.19 36.04 -21.51
N GLY A 1 4.28 5.68 -15.59
CA GLY A 1 5.54 4.93 -15.67
C GLY A 1 6.05 4.88 -17.11
N PRO A 2 7.09 4.13 -17.35
CA PRO A 2 7.69 3.98 -18.71
C PRO A 2 6.64 3.70 -19.77
N LEU A 3 7.05 3.74 -21.04
CA LEU A 3 6.14 3.48 -22.15
C LEU A 3 6.16 2.00 -22.52
N GLY A 4 6.65 1.17 -21.60
CA GLY A 4 6.71 -0.26 -21.83
C GLY A 4 6.83 -1.02 -20.51
N SER A 5 5.71 -1.17 -19.82
CA SER A 5 5.70 -1.88 -18.55
C SER A 5 4.26 -2.18 -18.11
N ALA A 6 3.32 -1.47 -18.71
CA ALA A 6 1.90 -1.68 -18.39
C ALA A 6 1.70 -1.62 -16.87
N THR A 7 1.91 -0.44 -16.30
CA THR A 7 1.75 -0.26 -14.86
C THR A 7 0.32 -0.61 -14.44
N LEU A 8 0.19 -1.38 -13.38
CA LEU A 8 -1.13 -1.77 -12.88
C LEU A 8 -1.76 -0.64 -12.08
N SER A 9 -2.73 0.04 -12.69
CA SER A 9 -3.40 1.13 -12.02
C SER A 9 -4.22 0.61 -10.84
N ASP A 10 -5.09 1.47 -10.30
CA ASP A 10 -5.93 1.07 -9.18
C ASP A 10 -6.94 0.02 -9.61
N GLU A 11 -7.66 0.32 -10.69
CA GLU A 11 -8.67 -0.60 -11.21
C GLU A 11 -8.00 -1.78 -11.93
N ALA A 12 -6.92 -1.49 -12.64
CA ALA A 12 -6.20 -2.52 -13.39
C ALA A 12 -5.63 -3.57 -12.43
N PHE A 13 -5.08 -3.11 -11.32
CA PHE A 13 -4.50 -4.03 -10.33
C PHE A 13 -5.58 -4.95 -9.75
N ILE A 14 -6.79 -4.42 -9.61
CA ILE A 14 -7.89 -5.20 -9.06
C ILE A 14 -8.36 -6.24 -10.09
N GLU A 15 -8.26 -5.89 -11.36
CA GLU A 15 -8.69 -6.79 -12.42
C GLU A 15 -7.77 -8.01 -12.49
N GLN A 16 -6.50 -7.81 -12.18
CA GLN A 16 -5.53 -8.90 -12.21
C GLN A 16 -5.66 -9.76 -10.95
N PHE A 17 -5.99 -9.12 -9.84
CA PHE A 17 -6.15 -9.84 -8.57
C PHE A 17 -7.37 -10.76 -8.63
N ARG A 18 -8.46 -10.26 -9.18
CA ARG A 18 -9.68 -11.05 -9.29
C ARG A 18 -9.44 -12.30 -10.14
N GLN A 19 -8.87 -12.11 -11.32
CA GLN A 19 -8.60 -13.21 -12.22
C GLN A 19 -7.66 -14.23 -11.57
N GLU A 20 -6.85 -13.76 -10.64
CA GLU A 20 -5.91 -14.62 -9.95
C GLU A 20 -6.64 -15.68 -9.13
N LEU A 21 -7.57 -15.23 -8.30
CA LEU A 21 -8.34 -16.14 -7.45
C LEU A 21 -9.01 -17.23 -8.29
N LEU A 22 -9.50 -16.85 -9.46
CA LEU A 22 -10.17 -17.80 -10.34
C LEU A 22 -9.18 -18.85 -10.86
N ASN A 23 -7.90 -18.47 -10.92
CA ASN A 23 -6.86 -19.37 -11.39
C ASN A 23 -6.20 -20.10 -10.23
N ASN A 24 -6.12 -19.43 -9.08
CA ASN A 24 -5.52 -20.00 -7.89
C ASN A 24 -6.60 -20.55 -6.96
N GLN A 25 -6.89 -21.84 -7.09
CA GLN A 25 -7.91 -22.48 -6.27
C GLN A 25 -7.44 -22.60 -4.82
N MET A 26 -6.19 -23.01 -4.63
CA MET A 26 -5.63 -23.16 -3.29
C MET A 26 -5.72 -21.86 -2.51
N LEU A 27 -5.36 -20.76 -3.16
CA LEU A 27 -5.40 -19.45 -2.51
C LEU A 27 -6.83 -18.98 -2.35
N ARG A 28 -7.61 -19.05 -3.42
CA ARG A 28 -9.00 -18.63 -3.38
C ARG A 28 -9.78 -19.41 -2.32
N SER A 29 -9.63 -20.73 -2.34
CA SER A 29 -10.33 -21.58 -1.38
C SER A 29 -10.17 -21.07 0.05
N GLN A 30 -9.01 -20.50 0.35
CA GLN A 30 -8.75 -19.99 1.68
C GLN A 30 -9.53 -18.70 1.93
N LEU A 31 -9.82 -17.96 0.87
CA LEU A 31 -10.55 -16.70 0.99
C LEU A 31 -12.05 -16.94 1.15
N ILE A 32 -12.48 -18.17 0.94
CA ILE A 32 -13.91 -18.49 1.07
C ILE A 32 -14.28 -18.65 2.54
N LEU A 33 -13.31 -19.07 3.34
CA LEU A 33 -13.54 -19.25 4.76
C LEU A 33 -13.80 -17.92 5.45
N GLN A 34 -13.19 -16.86 4.91
CA GLN A 34 -13.36 -15.52 5.47
C GLN A 34 -14.47 -14.77 4.73
N ILE A 35 -14.57 -15.01 3.42
CA ILE A 35 -15.59 -14.34 2.60
C ILE A 35 -16.34 -15.37 1.75
N PRO A 36 -17.24 -16.11 2.35
CA PRO A 36 -18.03 -17.15 1.63
C PRO A 36 -18.70 -16.62 0.35
N GLY A 37 -19.15 -15.36 0.41
CA GLY A 37 -19.82 -14.76 -0.75
C GLY A 37 -18.82 -14.25 -1.78
N LEU A 38 -17.60 -14.79 -1.77
CA LEU A 38 -16.57 -14.37 -2.72
C LEU A 38 -16.94 -14.84 -4.13
N ASN A 39 -17.31 -16.12 -4.24
CA ASN A 39 -17.68 -16.69 -5.54
C ASN A 39 -18.79 -15.88 -6.20
N ASP A 40 -19.54 -15.16 -5.39
CA ASP A 40 -20.65 -14.35 -5.90
C ASP A 40 -20.14 -13.05 -6.52
N LEU A 41 -19.37 -12.31 -5.73
CA LEU A 41 -18.82 -11.03 -6.21
C LEU A 41 -17.88 -11.26 -7.39
N VAL A 42 -17.05 -12.29 -7.29
CA VAL A 42 -16.11 -12.60 -8.36
C VAL A 42 -16.85 -12.79 -9.68
N ASN A 43 -18.00 -13.46 -9.63
CA ASN A 43 -18.78 -13.70 -10.83
C ASN A 43 -19.17 -12.37 -11.48
N ASP A 44 -19.08 -11.29 -10.72
CA ASP A 44 -19.42 -9.95 -11.21
C ASP A 44 -18.18 -9.04 -11.15
N PRO A 45 -17.82 -8.37 -12.23
CA PRO A 45 -16.61 -7.47 -12.24
C PRO A 45 -16.88 -6.14 -11.54
N LEU A 46 -18.06 -5.56 -11.76
CA LEU A 46 -18.39 -4.27 -11.15
C LEU A 46 -18.48 -4.41 -9.63
N LEU A 47 -19.22 -5.41 -9.17
CA LEU A 47 -19.38 -5.63 -7.74
C LEU A 47 -18.04 -5.97 -7.10
N PHE A 48 -17.33 -6.93 -7.67
CA PHE A 48 -16.04 -7.34 -7.12
C PHE A 48 -15.15 -6.12 -6.93
N ARG A 49 -15.14 -5.22 -7.92
CA ARG A 49 -14.32 -4.04 -7.85
C ARG A 49 -14.78 -3.12 -6.73
N GLU A 50 -16.09 -2.88 -6.68
CA GLU A 50 -16.65 -2.00 -5.66
C GLU A 50 -16.56 -2.60 -4.26
N ARG A 51 -17.11 -3.79 -4.08
CA ARG A 51 -17.10 -4.46 -2.77
C ARG A 51 -15.69 -4.71 -2.25
N LEU A 52 -14.83 -5.30 -3.08
CA LEU A 52 -13.45 -5.60 -2.66
C LEU A 52 -12.45 -4.57 -3.19
N GLY A 53 -12.92 -3.36 -3.46
CA GLY A 53 -12.04 -2.32 -3.96
C GLY A 53 -11.17 -1.77 -2.83
N PRO A 54 -11.72 -0.91 -2.00
CA PRO A 54 -10.98 -0.31 -0.86
C PRO A 54 -10.03 -1.29 -0.17
N LEU A 55 -10.37 -2.58 -0.23
CA LEU A 55 -9.54 -3.60 0.42
C LEU A 55 -8.27 -3.88 -0.39
N ILE A 56 -8.44 -4.17 -1.67
CA ILE A 56 -7.31 -4.48 -2.53
C ILE A 56 -6.41 -3.25 -2.75
N LEU A 57 -7.02 -2.09 -2.91
CA LEU A 57 -6.26 -0.86 -3.13
C LEU A 57 -5.32 -0.56 -1.97
N GLN A 58 -5.79 -0.81 -0.74
CA GLN A 58 -4.97 -0.55 0.43
C GLN A 58 -3.62 -1.26 0.31
N ARG A 59 -3.63 -2.46 -0.26
CA ARG A 59 -2.41 -3.23 -0.43
C ARG A 59 -1.46 -2.53 -1.40
N ARG A 60 -1.97 -2.20 -2.58
CA ARG A 60 -1.17 -1.53 -3.60
C ARG A 60 -0.62 -0.21 -3.06
N TYR A 61 -1.50 0.62 -2.53
CA TYR A 61 -1.08 1.92 -1.98
C TYR A 61 -0.43 1.75 -0.61
N GLY A 62 -0.21 2.86 0.07
CA GLY A 62 0.42 2.83 1.39
C GLY A 62 1.94 2.74 1.28
N GLY A 63 2.59 3.90 1.17
CA GLY A 63 4.04 3.93 1.05
C GLY A 63 4.56 5.36 1.14
N TYR A 64 4.00 6.24 0.30
CA TYR A 64 4.43 7.64 0.31
C TYR A 64 5.93 7.75 0.09
N ASN A 65 6.45 8.96 0.19
CA ASN A 65 7.88 9.19 0.01
C ASN A 65 8.35 8.60 -1.32
N THR A 66 7.44 8.54 -2.29
CA THR A 66 7.77 7.99 -3.59
C THR A 66 8.52 9.03 -4.43
N ALA A 67 9.23 9.93 -3.76
CA ALA A 67 9.99 10.97 -4.45
C ALA A 67 9.12 11.64 -5.51
N MET A 68 8.25 12.54 -5.06
CA MET A 68 7.36 13.25 -5.98
C MET A 68 8.08 14.45 -6.60
N ASN A 69 9.26 14.76 -6.07
CA ASN A 69 10.04 15.89 -6.59
C ASN A 69 10.16 15.80 -8.12
N PRO A 70 10.31 16.90 -8.81
CA PRO A 70 10.44 16.90 -10.29
C PRO A 70 11.30 15.74 -10.79
N PHE A 71 12.56 15.75 -10.40
CA PHE A 71 13.49 14.69 -10.82
C PHE A 71 13.00 13.33 -10.30
N GLY A 72 12.19 13.36 -9.25
CA GLY A 72 11.65 12.14 -8.67
C GLY A 72 12.77 11.18 -8.26
N ILE A 73 13.80 11.73 -7.61
CA ILE A 73 14.93 10.92 -7.14
C ILE A 73 14.83 10.69 -5.63
N PRO A 74 15.32 9.58 -5.12
CA PRO A 74 15.27 9.28 -3.66
C PRO A 74 15.52 10.54 -2.82
N GLN A 75 14.54 10.89 -1.99
CA GLN A 75 14.66 12.08 -1.14
C GLN A 75 16.07 12.23 -0.59
N ASP A 76 16.73 11.10 -0.33
CA ASP A 76 18.09 11.12 0.20
C ASP A 76 18.97 12.04 -0.64
N GLU A 77 18.79 11.98 -1.96
CA GLU A 77 19.57 12.80 -2.87
C GLU A 77 18.99 14.20 -2.98
N TYR A 78 17.70 14.27 -3.30
CA TYR A 78 17.03 15.56 -3.45
C TYR A 78 17.33 16.47 -2.26
N THR A 79 17.41 15.87 -1.07
CA THR A 79 17.69 16.65 0.13
C THR A 79 19.10 17.21 0.09
N ARG A 80 20.04 16.44 -0.45
CA ARG A 80 21.43 16.86 -0.53
C ARG A 80 21.58 18.01 -1.52
N LEU A 81 21.15 17.79 -2.76
CA LEU A 81 21.25 18.83 -3.78
C LEU A 81 20.58 20.12 -3.30
N MET A 82 19.36 20.00 -2.80
CA MET A 82 18.62 21.18 -2.32
C MET A 82 19.30 21.77 -1.09
N ALA A 83 19.95 20.91 -0.30
CA ALA A 83 20.63 21.37 0.90
C ALA A 83 21.89 22.16 0.56
N ASN A 84 22.35 22.03 -0.68
CA ASN A 84 23.55 22.74 -1.12
C ASN A 84 23.72 22.64 -2.63
N PRO A 85 22.83 23.23 -3.39
CA PRO A 85 22.89 23.20 -4.87
C PRO A 85 23.93 24.17 -5.43
N ASP A 86 24.53 24.96 -4.53
CA ASP A 86 25.54 25.93 -4.95
C ASP A 86 26.90 25.25 -5.11
N ASP A 87 26.92 23.94 -4.87
CA ASP A 87 28.17 23.17 -4.99
C ASP A 87 28.41 22.81 -6.45
N PRO A 88 29.66 22.67 -6.85
CA PRO A 88 30.00 22.32 -8.27
C PRO A 88 29.62 20.88 -8.61
N ASP A 89 29.40 20.08 -7.58
CA ASP A 89 29.01 18.68 -7.78
C ASP A 89 27.54 18.58 -8.15
N ASN A 90 26.69 19.23 -7.37
CA ASN A 90 25.25 19.20 -7.62
C ASN A 90 24.92 19.89 -8.94
N LYS A 91 25.56 21.03 -9.18
CA LYS A 91 25.31 21.77 -10.41
C LYS A 91 25.35 20.84 -11.62
N LYS A 92 26.07 19.73 -11.48
CA LYS A 92 26.16 18.75 -12.56
C LYS A 92 24.91 17.90 -12.63
N ARG A 93 24.47 17.41 -11.47
CA ARG A 93 23.27 16.58 -11.40
C ARG A 93 22.06 17.36 -11.92
N ILE A 94 21.93 18.60 -11.46
CA ILE A 94 20.81 19.44 -11.86
C ILE A 94 20.91 19.80 -13.34
N ALA A 95 22.13 19.81 -13.87
CA ALA A 95 22.34 20.15 -15.27
C ALA A 95 21.84 19.04 -16.19
N GLU A 96 22.28 17.81 -15.94
CA GLU A 96 21.87 16.68 -16.77
C GLU A 96 20.37 16.45 -16.68
N LEU A 97 19.79 16.72 -15.52
CA LEU A 97 18.35 16.53 -15.34
C LEU A 97 17.57 17.45 -16.27
N LEU A 98 18.04 18.67 -16.44
CA LEU A 98 17.37 19.64 -17.31
C LEU A 98 17.70 19.35 -18.77
N ASP A 99 18.98 19.11 -19.05
CA ASP A 99 19.41 18.83 -20.42
C ASP A 99 18.73 17.57 -20.94
N GLN A 100 18.82 16.49 -20.17
CA GLN A 100 18.21 15.23 -20.57
C GLN A 100 16.74 15.43 -20.92
N GLN A 101 16.09 16.37 -20.24
CA GLN A 101 14.69 16.65 -20.47
C GLN A 101 14.44 16.93 -21.96
N ALA A 102 15.33 17.70 -22.56
CA ALA A 102 15.19 18.03 -23.97
C ALA A 102 15.23 16.78 -24.84
N ILE A 103 16.27 15.98 -24.67
CA ILE A 103 16.42 14.75 -25.44
C ILE A 103 15.12 13.94 -25.37
N ASP A 104 14.57 13.81 -24.17
CA ASP A 104 13.33 13.07 -23.99
C ASP A 104 12.15 13.82 -24.61
N GLU A 105 12.11 15.12 -24.37
CA GLU A 105 11.03 15.96 -24.92
C GLU A 105 10.98 15.83 -26.44
N GLN A 106 12.15 15.79 -27.06
CA GLN A 106 12.22 15.70 -28.52
C GLN A 106 11.67 14.35 -28.99
N LEU A 107 12.19 13.27 -28.41
CA LEU A 107 11.72 11.93 -28.77
C LEU A 107 10.22 11.80 -28.57
N ARG A 108 9.70 12.54 -27.60
CA ARG A 108 8.27 12.49 -27.30
C ARG A 108 7.47 13.17 -28.41
N ASN A 109 8.05 14.22 -29.00
CA ASN A 109 7.38 14.95 -30.06
C ASN A 109 7.32 14.11 -31.33
N ALA A 110 8.09 13.03 -31.36
CA ALA A 110 8.12 12.13 -32.51
C ALA A 110 6.72 11.94 -33.10
N ILE A 111 5.90 11.17 -32.39
CA ILE A 111 4.54 10.90 -32.85
C ILE A 111 3.66 10.46 -31.69
N GLU A 112 4.28 10.25 -30.52
CA GLU A 112 3.55 9.82 -29.34
C GLU A 112 2.83 8.50 -29.60
N TYR A 113 3.55 7.54 -30.14
CA TYR A 113 2.96 6.23 -30.44
C TYR A 113 2.47 5.56 -29.16
N THR A 114 2.86 6.14 -28.03
CA THR A 114 2.45 5.59 -26.73
C THR A 114 0.94 5.41 -26.69
N PRO A 115 0.44 4.46 -25.92
CA PRO A 115 -1.03 4.19 -25.82
C PRO A 115 -1.74 5.29 -25.03
N GLU A 116 -3.00 5.54 -25.37
CA GLU A 116 -3.79 6.57 -24.70
C GLU A 116 -5.28 6.35 -24.93
N GLY A 1 8.81 9.30 -18.79
CA GLY A 1 9.90 9.83 -17.97
C GLY A 1 9.86 9.24 -16.57
N PRO A 2 8.74 9.37 -15.89
CA PRO A 2 8.57 8.84 -14.51
C PRO A 2 9.02 7.38 -14.39
N LEU A 3 9.91 7.12 -13.45
CA LEU A 3 10.42 5.76 -13.24
C LEU A 3 9.45 4.98 -12.36
N GLY A 4 8.32 5.59 -12.03
CA GLY A 4 7.32 4.94 -11.19
C GLY A 4 5.97 5.65 -11.30
N SER A 5 4.98 5.13 -10.59
CA SER A 5 3.65 5.72 -10.61
C SER A 5 3.07 5.69 -12.03
N ALA A 6 3.17 4.53 -12.67
CA ALA A 6 2.66 4.37 -14.04
C ALA A 6 2.65 2.90 -14.44
N THR A 7 1.65 2.17 -13.96
CA THR A 7 1.54 0.75 -14.28
C THR A 7 0.14 0.24 -13.92
N LEU A 8 0.09 -0.86 -13.19
CA LEU A 8 -1.20 -1.44 -12.80
C LEU A 8 -2.01 -0.41 -12.01
N SER A 9 -2.93 0.25 -12.69
CA SER A 9 -3.78 1.25 -12.04
C SER A 9 -4.57 0.62 -10.91
N ASP A 10 -5.52 1.37 -10.36
CA ASP A 10 -6.35 0.86 -9.29
C ASP A 10 -7.24 -0.27 -9.80
N GLU A 11 -7.83 -0.06 -10.97
CA GLU A 11 -8.70 -1.06 -11.57
C GLU A 11 -7.88 -2.19 -12.16
N ALA A 12 -6.81 -1.84 -12.85
CA ALA A 12 -5.94 -2.83 -13.48
C ALA A 12 -5.43 -3.84 -12.46
N PHE A 13 -4.97 -3.33 -11.32
CA PHE A 13 -4.45 -4.21 -10.27
C PHE A 13 -5.55 -5.12 -9.73
N ILE A 14 -6.76 -4.57 -9.61
CA ILE A 14 -7.89 -5.34 -9.11
C ILE A 14 -8.36 -6.35 -10.16
N GLU A 15 -8.33 -5.93 -11.43
CA GLU A 15 -8.77 -6.81 -12.51
C GLU A 15 -7.87 -8.05 -12.59
N GLN A 16 -6.59 -7.86 -12.32
CA GLN A 16 -5.64 -8.97 -12.35
C GLN A 16 -5.83 -9.87 -11.13
N PHE A 17 -6.40 -9.29 -10.07
CA PHE A 17 -6.63 -10.04 -8.85
C PHE A 17 -7.87 -10.92 -8.99
N ARG A 18 -8.95 -10.35 -9.52
CA ARG A 18 -10.18 -11.11 -9.74
C ARG A 18 -9.89 -12.40 -10.47
N GLN A 19 -9.20 -12.30 -11.61
CA GLN A 19 -8.86 -13.46 -12.41
C GLN A 19 -7.89 -14.39 -11.64
N GLU A 20 -7.11 -13.81 -10.75
CA GLU A 20 -6.16 -14.59 -9.97
C GLU A 20 -6.89 -15.65 -9.15
N LEU A 21 -7.89 -15.23 -8.38
CA LEU A 21 -8.65 -16.15 -7.55
C LEU A 21 -9.21 -17.28 -8.40
N LEU A 22 -9.65 -16.95 -9.61
CA LEU A 22 -10.21 -17.95 -10.52
C LEU A 22 -9.09 -18.78 -11.15
N ASN A 23 -7.90 -18.19 -11.23
CA ASN A 23 -6.75 -18.86 -11.83
C ASN A 23 -6.21 -19.93 -10.89
N ASN A 24 -6.29 -19.68 -9.58
CA ASN A 24 -5.80 -20.62 -8.58
C ASN A 24 -6.80 -20.73 -7.44
N GLN A 25 -7.77 -21.62 -7.59
CA GLN A 25 -8.80 -21.82 -6.58
C GLN A 25 -8.18 -22.10 -5.21
N MET A 26 -6.96 -22.61 -5.22
CA MET A 26 -6.27 -22.93 -3.97
C MET A 26 -6.17 -21.69 -3.08
N LEU A 27 -5.79 -20.56 -3.69
CA LEU A 27 -5.67 -19.31 -2.95
C LEU A 27 -7.04 -18.75 -2.61
N ARG A 28 -7.96 -18.83 -3.57
CA ARG A 28 -9.31 -18.32 -3.38
C ARG A 28 -9.97 -18.96 -2.16
N SER A 29 -9.88 -20.28 -2.08
CA SER A 29 -10.49 -21.02 -0.96
C SER A 29 -10.10 -20.39 0.37
N GLN A 30 -8.91 -19.82 0.43
CA GLN A 30 -8.43 -19.19 1.66
C GLN A 30 -9.24 -17.94 1.99
N LEU A 31 -9.75 -17.27 0.96
CA LEU A 31 -10.52 -16.05 1.15
C LEU A 31 -12.00 -16.35 1.40
N ILE A 32 -12.50 -17.43 0.80
CA ILE A 32 -13.91 -17.80 0.97
C ILE A 32 -14.18 -18.09 2.45
N LEU A 33 -13.16 -18.53 3.17
CA LEU A 33 -13.33 -18.83 4.58
C LEU A 33 -13.68 -17.55 5.35
N GLN A 34 -13.20 -16.42 4.83
CA GLN A 34 -13.46 -15.12 5.46
C GLN A 34 -14.74 -14.50 4.88
N ILE A 35 -14.93 -14.69 3.57
CA ILE A 35 -16.09 -14.15 2.87
C ILE A 35 -16.79 -15.26 2.08
N PRO A 36 -17.62 -16.04 2.73
CA PRO A 36 -18.36 -17.16 2.07
C PRO A 36 -19.01 -16.76 0.75
N GLY A 37 -19.41 -15.49 0.63
CA GLY A 37 -20.08 -15.00 -0.58
C GLY A 37 -19.09 -14.36 -1.56
N LEU A 38 -17.83 -14.79 -1.53
CA LEU A 38 -16.83 -14.23 -2.44
C LEU A 38 -17.00 -14.80 -3.85
N ASN A 39 -17.11 -16.12 -3.93
CA ASN A 39 -17.28 -16.78 -5.22
C ASN A 39 -18.35 -16.08 -6.05
N ASP A 40 -19.25 -15.37 -5.37
CA ASP A 40 -20.33 -14.66 -6.04
C ASP A 40 -19.84 -13.32 -6.61
N LEU A 41 -18.97 -12.66 -5.86
CA LEU A 41 -18.45 -11.36 -6.29
C LEU A 41 -17.44 -11.49 -7.42
N VAL A 42 -16.41 -12.31 -7.22
CA VAL A 42 -15.39 -12.49 -8.24
C VAL A 42 -16.02 -12.84 -9.58
N ASN A 43 -17.21 -13.43 -9.53
CA ASN A 43 -17.93 -13.80 -10.76
C ASN A 43 -18.39 -12.55 -11.51
N ASP A 44 -18.37 -11.41 -10.83
CA ASP A 44 -18.78 -10.13 -11.43
C ASP A 44 -17.61 -9.13 -11.38
N PRO A 45 -17.39 -8.34 -12.41
CA PRO A 45 -16.26 -7.36 -12.42
C PRO A 45 -16.58 -6.07 -11.64
N LEU A 46 -17.80 -5.58 -11.78
CA LEU A 46 -18.20 -4.33 -11.11
C LEU A 46 -18.29 -4.52 -9.60
N LEU A 47 -19.00 -5.55 -9.18
CA LEU A 47 -19.17 -5.82 -7.76
C LEU A 47 -17.84 -6.17 -7.10
N PHE A 48 -17.13 -7.14 -7.68
CA PHE A 48 -15.84 -7.55 -7.14
C PHE A 48 -14.93 -6.34 -6.94
N ARG A 49 -15.10 -5.34 -7.80
CA ARG A 49 -14.30 -4.13 -7.71
C ARG A 49 -14.80 -3.23 -6.58
N GLU A 50 -16.11 -3.11 -6.45
CA GLU A 50 -16.69 -2.26 -5.42
C GLU A 50 -16.55 -2.89 -4.03
N ARG A 51 -17.07 -4.10 -3.86
CA ARG A 51 -17.03 -4.77 -2.57
C ARG A 51 -15.61 -4.97 -2.05
N LEU A 52 -14.72 -5.52 -2.88
CA LEU A 52 -13.34 -5.78 -2.46
C LEU A 52 -12.36 -4.74 -3.00
N GLY A 53 -12.86 -3.58 -3.39
CA GLY A 53 -12.00 -2.54 -3.91
C GLY A 53 -11.05 -2.03 -2.83
N PRO A 54 -11.57 -1.44 -1.78
CA PRO A 54 -10.75 -0.89 -0.67
C PRO A 54 -9.67 -1.87 -0.18
N LEU A 55 -10.09 -3.10 0.11
CA LEU A 55 -9.16 -4.11 0.62
C LEU A 55 -7.97 -4.32 -0.33
N ILE A 56 -8.26 -4.56 -1.60
CA ILE A 56 -7.21 -4.80 -2.58
C ILE A 56 -6.32 -3.57 -2.74
N LEU A 57 -6.92 -2.39 -2.73
CA LEU A 57 -6.15 -1.16 -2.89
C LEU A 57 -5.38 -0.80 -1.62
N GLN A 58 -5.88 -1.25 -0.47
CA GLN A 58 -5.22 -0.97 0.79
C GLN A 58 -3.75 -1.37 0.75
N ARG A 59 -3.47 -2.48 0.08
CA ARG A 59 -2.09 -2.96 -0.04
C ARG A 59 -1.33 -2.17 -1.09
N ARG A 60 -2.01 -1.85 -2.19
CA ARG A 60 -1.39 -1.10 -3.28
C ARG A 60 -0.86 0.23 -2.76
N TYR A 61 -1.70 0.99 -2.09
CA TYR A 61 -1.30 2.28 -1.55
C TYR A 61 -0.49 2.10 -0.27
N GLY A 62 0.48 1.21 -0.31
CA GLY A 62 1.33 0.95 0.85
C GLY A 62 2.35 2.07 1.04
N GLY A 63 3.60 1.68 1.27
CA GLY A 63 4.67 2.67 1.46
C GLY A 63 4.36 3.57 2.66
N TYR A 64 4.32 2.98 3.85
CA TYR A 64 4.03 3.74 5.05
C TYR A 64 5.25 4.59 5.44
N ASN A 65 4.97 5.77 5.98
CA ASN A 65 6.05 6.68 6.40
C ASN A 65 6.63 6.25 7.73
N THR A 66 7.94 6.04 7.77
CA THR A 66 8.62 5.62 8.99
C THR A 66 10.07 6.09 8.99
N ALA A 67 10.41 6.96 9.92
CA ALA A 67 11.77 7.48 10.01
C ALA A 67 12.74 6.37 10.42
N MET A 68 13.47 5.84 9.44
CA MET A 68 14.43 4.77 9.72
C MET A 68 15.61 5.30 10.51
N ASN A 69 15.76 4.80 11.74
CA ASN A 69 16.86 5.23 12.60
C ASN A 69 18.17 5.23 11.81
N PRO A 70 19.13 6.04 12.21
CA PRO A 70 20.45 6.12 11.50
C PRO A 70 21.32 4.88 11.76
N PHE A 71 21.15 4.27 12.93
CA PHE A 71 21.92 3.09 13.29
C PHE A 71 21.64 1.95 12.31
N GLY A 72 20.74 2.20 11.37
CA GLY A 72 20.39 1.19 10.38
C GLY A 72 19.96 -0.12 11.05
N ILE A 73 18.88 -0.06 11.82
CA ILE A 73 18.36 -1.23 12.53
C ILE A 73 16.83 -1.25 12.45
N PRO A 74 16.20 -2.40 12.46
CA PRO A 74 14.71 -2.49 12.39
C PRO A 74 14.06 -1.73 13.54
N GLN A 75 13.14 -0.83 13.19
CA GLN A 75 12.44 -0.02 14.19
C GLN A 75 12.10 -0.86 15.43
N ASP A 76 11.90 -2.16 15.23
CA ASP A 76 11.56 -3.04 16.34
C ASP A 76 12.63 -2.97 17.44
N GLU A 77 13.89 -2.88 17.03
CA GLU A 77 14.99 -2.81 17.99
C GLU A 77 15.16 -1.38 18.51
N TYR A 78 15.23 -0.42 17.60
CA TYR A 78 15.40 0.98 17.99
C TYR A 78 14.42 1.37 19.09
N THR A 79 13.25 0.73 19.09
CA THR A 79 12.24 1.02 20.09
C THR A 79 12.68 0.53 21.47
N ARG A 80 13.41 -0.58 21.48
CA ARG A 80 13.88 -1.16 22.73
C ARG A 80 14.99 -0.28 23.34
N LEU A 81 15.79 0.33 22.49
CA LEU A 81 16.87 1.18 22.97
C LEU A 81 16.32 2.44 23.65
N MET A 82 15.59 3.24 22.89
CA MET A 82 15.02 4.47 23.42
C MET A 82 14.07 4.17 24.59
N ALA A 83 13.49 2.97 24.58
CA ALA A 83 12.57 2.58 25.63
C ALA A 83 13.30 2.44 26.97
N ASN A 84 14.62 2.27 26.90
CA ASN A 84 15.42 2.14 28.12
C ASN A 84 16.91 2.15 27.79
N PRO A 85 17.43 3.28 27.39
CA PRO A 85 18.87 3.42 27.03
C PRO A 85 19.75 3.58 28.28
N ASP A 86 19.10 3.79 29.42
CA ASP A 86 19.82 3.96 30.68
C ASP A 86 20.19 2.60 31.27
N ASP A 87 19.73 1.53 30.62
CA ASP A 87 20.01 0.19 31.09
C ASP A 87 21.44 -0.21 30.72
N PRO A 88 22.08 -1.06 31.48
CA PRO A 88 23.49 -1.50 31.20
C PRO A 88 23.58 -2.30 29.90
N ASP A 89 22.47 -2.89 29.50
CA ASP A 89 22.43 -3.68 28.27
C ASP A 89 22.39 -2.77 27.04
N ASN A 90 21.40 -1.87 27.03
CA ASN A 90 21.24 -0.95 25.91
C ASN A 90 22.43 0.01 25.81
N LYS A 91 22.87 0.55 26.95
CA LYS A 91 23.99 1.47 26.96
C LYS A 91 25.15 0.92 26.12
N LYS A 92 25.31 -0.40 26.15
CA LYS A 92 26.36 -1.04 25.38
C LYS A 92 25.99 -1.11 23.91
N ARG A 93 24.75 -1.51 23.64
CA ARG A 93 24.27 -1.61 22.27
C ARG A 93 24.61 -0.35 21.49
N ILE A 94 24.18 0.80 22.02
CA ILE A 94 24.43 2.07 21.36
C ILE A 94 25.94 2.33 21.24
N ALA A 95 26.63 2.27 22.38
CA ALA A 95 28.07 2.51 22.38
C ALA A 95 28.77 1.71 21.28
N GLU A 96 28.35 0.45 21.11
CA GLU A 96 28.94 -0.40 20.09
C GLU A 96 28.77 0.22 18.71
N LEU A 97 27.55 0.67 18.41
CA LEU A 97 27.27 1.27 17.11
C LEU A 97 28.23 2.43 16.84
N LEU A 98 28.58 3.16 17.89
CA LEU A 98 29.50 4.29 17.76
C LEU A 98 30.95 3.81 17.69
N ASP A 99 31.22 2.69 18.35
CA ASP A 99 32.57 2.14 18.36
C ASP A 99 33.00 1.76 16.95
N GLN A 100 32.19 0.96 16.27
CA GLN A 100 32.51 0.53 14.91
C GLN A 100 32.81 1.74 14.02
N GLN A 101 32.10 2.83 14.26
CA GLN A 101 32.30 4.05 13.47
C GLN A 101 33.59 4.75 13.89
N ALA A 102 33.93 4.65 15.17
CA ALA A 102 35.15 5.27 15.68
C ALA A 102 36.38 4.65 15.04
N ILE A 103 36.34 3.35 14.83
CA ILE A 103 37.47 2.64 14.22
C ILE A 103 37.73 3.16 12.81
N ASP A 104 36.68 3.18 11.99
CA ASP A 104 36.81 3.66 10.62
C ASP A 104 37.46 5.04 10.58
N GLU A 105 37.06 5.91 11.51
CA GLU A 105 37.60 7.25 11.57
C GLU A 105 39.12 7.21 11.74
N GLN A 106 39.60 6.19 12.43
CA GLN A 106 41.04 6.05 12.65
C GLN A 106 41.76 5.70 11.36
N LEU A 107 41.27 4.66 10.68
CA LEU A 107 41.88 4.23 9.42
C LEU A 107 41.70 5.30 8.35
N ARG A 108 40.56 5.99 8.40
CA ARG A 108 40.28 7.03 7.42
C ARG A 108 41.35 8.12 7.46
N ASN A 109 41.59 8.66 8.65
CA ASN A 109 42.60 9.71 8.81
C ASN A 109 44.00 9.12 8.71
N ALA A 110 44.17 7.91 9.24
CA ALA A 110 45.47 7.24 9.20
C ALA A 110 46.56 8.16 9.76
N ILE A 111 46.79 8.06 11.06
CA ILE A 111 47.82 8.88 11.70
C ILE A 111 49.20 8.32 11.41
N GLU A 112 50.18 9.22 11.24
CA GLU A 112 51.54 8.80 10.94
C GLU A 112 52.23 8.30 12.22
N TYR A 113 51.85 7.11 12.66
CA TYR A 113 52.44 6.52 13.86
C TYR A 113 53.97 6.65 13.82
N THR A 114 54.47 7.73 14.41
CA THR A 114 55.92 7.95 14.43
C THR A 114 56.27 9.03 15.46
N PRO A 115 56.00 8.78 16.71
CA PRO A 115 56.29 9.75 17.80
C PRO A 115 57.79 9.83 18.11
N GLU A 116 58.59 9.19 17.26
CA GLU A 116 60.05 9.18 17.44
C GLU A 116 60.74 9.27 16.09
N GLY A 1 -3.15 -1.54 -20.06
CA GLY A 1 -2.28 -0.74 -20.91
C GLY A 1 -2.85 0.66 -21.10
N PRO A 2 -3.92 0.77 -21.85
CA PRO A 2 -4.59 2.07 -22.12
C PRO A 2 -5.33 2.61 -20.90
N LEU A 3 -5.61 1.72 -19.95
CA LEU A 3 -6.32 2.12 -18.73
C LEU A 3 -5.36 2.81 -17.76
N GLY A 4 -4.07 2.67 -18.02
CA GLY A 4 -3.07 3.29 -17.17
C GLY A 4 -1.72 3.38 -17.89
N SER A 5 -1.25 4.61 -18.09
CA SER A 5 0.02 4.83 -18.77
C SER A 5 1.15 4.11 -18.04
N ALA A 6 1.17 4.23 -16.71
CA ALA A 6 2.19 3.58 -15.91
C ALA A 6 2.12 2.06 -16.06
N THR A 7 1.29 1.43 -15.24
CA THR A 7 1.13 -0.02 -15.28
C THR A 7 -0.26 -0.42 -14.79
N LEU A 8 -0.30 -1.25 -13.75
CA LEU A 8 -1.58 -1.69 -13.21
C LEU A 8 -2.22 -0.59 -12.37
N SER A 9 -3.22 0.06 -12.94
CA SER A 9 -3.91 1.14 -12.24
C SER A 9 -4.72 0.58 -11.08
N ASP A 10 -5.54 1.42 -10.47
CA ASP A 10 -6.36 0.99 -9.34
C ASP A 10 -7.36 -0.07 -9.78
N GLU A 11 -8.05 0.20 -10.88
CA GLU A 11 -9.04 -0.75 -11.40
C GLU A 11 -8.35 -1.91 -12.09
N ALA A 12 -7.30 -1.61 -12.85
CA ALA A 12 -6.56 -2.66 -13.57
C ALA A 12 -5.97 -3.67 -12.59
N PHE A 13 -5.34 -3.17 -11.53
CA PHE A 13 -4.74 -4.05 -10.53
C PHE A 13 -5.79 -4.98 -9.93
N ILE A 14 -6.99 -4.46 -9.73
CA ILE A 14 -8.08 -5.25 -9.16
C ILE A 14 -8.59 -6.26 -10.17
N GLU A 15 -8.48 -5.92 -11.46
CA GLU A 15 -8.94 -6.80 -12.52
C GLU A 15 -8.03 -8.02 -12.64
N GLN A 16 -6.74 -7.82 -12.41
CA GLN A 16 -5.78 -8.91 -12.48
C GLN A 16 -5.83 -9.77 -11.22
N PHE A 17 -6.22 -9.14 -10.11
CA PHE A 17 -6.31 -9.84 -8.84
C PHE A 17 -7.49 -10.80 -8.85
N ARG A 18 -8.56 -10.41 -9.53
CA ARG A 18 -9.76 -11.24 -9.61
C ARG A 18 -9.50 -12.50 -10.42
N GLN A 19 -8.85 -12.34 -11.57
CA GLN A 19 -8.56 -13.47 -12.44
C GLN A 19 -7.64 -14.49 -11.74
N GLU A 20 -6.84 -14.00 -10.80
CA GLU A 20 -5.93 -14.88 -10.08
C GLU A 20 -6.70 -15.86 -9.20
N LEU A 21 -7.64 -15.32 -8.41
CA LEU A 21 -8.44 -16.15 -7.52
C LEU A 21 -9.13 -17.27 -8.30
N LEU A 22 -9.55 -16.96 -9.52
CA LEU A 22 -10.22 -17.95 -10.36
C LEU A 22 -9.22 -18.96 -10.90
N ASN A 23 -7.95 -18.55 -10.99
CA ASN A 23 -6.90 -19.44 -11.50
C ASN A 23 -6.28 -20.26 -10.37
N ASN A 24 -6.17 -19.66 -9.18
CA ASN A 24 -5.60 -20.34 -8.03
C ASN A 24 -6.68 -20.89 -7.11
N GLN A 25 -6.94 -22.19 -7.23
CA GLN A 25 -7.97 -22.84 -6.42
C GLN A 25 -7.54 -22.92 -4.95
N MET A 26 -6.23 -22.95 -4.73
CA MET A 26 -5.69 -23.05 -3.37
C MET A 26 -5.73 -21.69 -2.67
N LEU A 27 -5.17 -20.68 -3.30
CA LEU A 27 -5.15 -19.34 -2.73
C LEU A 27 -6.57 -18.85 -2.45
N ARG A 28 -7.42 -18.97 -3.46
CA ARG A 28 -8.81 -18.55 -3.33
C ARG A 28 -9.48 -19.21 -2.12
N SER A 29 -9.25 -20.51 -1.98
CA SER A 29 -9.84 -21.26 -0.87
C SER A 29 -9.60 -20.56 0.46
N GLN A 30 -8.49 -19.85 0.57
CA GLN A 30 -8.15 -19.15 1.81
C GLN A 30 -9.05 -17.94 2.03
N LEU A 31 -9.55 -17.36 0.93
CA LEU A 31 -10.41 -16.18 1.02
C LEU A 31 -11.86 -16.58 1.33
N ILE A 32 -12.31 -17.69 0.76
CA ILE A 32 -13.67 -18.15 1.00
C ILE A 32 -13.98 -18.18 2.49
N LEU A 33 -12.97 -18.52 3.30
CA LEU A 33 -13.16 -18.58 4.74
C LEU A 33 -13.36 -17.18 5.31
N GLN A 34 -12.91 -16.17 4.55
CA GLN A 34 -13.04 -14.78 4.98
C GLN A 34 -14.26 -14.14 4.35
N ILE A 35 -14.52 -14.46 3.08
CA ILE A 35 -15.66 -13.92 2.35
C ILE A 35 -16.39 -15.02 1.60
N PRO A 36 -17.22 -15.78 2.27
CA PRO A 36 -18.00 -16.90 1.65
C PRO A 36 -18.71 -16.47 0.36
N GLY A 37 -19.06 -15.18 0.26
CA GLY A 37 -19.77 -14.67 -0.91
C GLY A 37 -18.79 -14.31 -2.03
N LEU A 38 -17.50 -14.51 -1.79
CA LEU A 38 -16.49 -14.19 -2.79
C LEU A 38 -16.89 -14.76 -4.15
N ASN A 39 -17.28 -16.04 -4.17
CA ASN A 39 -17.67 -16.68 -5.42
C ASN A 39 -18.77 -15.89 -6.11
N ASP A 40 -19.52 -15.12 -5.34
CA ASP A 40 -20.61 -14.31 -5.89
C ASP A 40 -20.09 -13.04 -6.52
N LEU A 41 -19.31 -12.27 -5.75
CA LEU A 41 -18.76 -11.01 -6.25
C LEU A 41 -17.85 -11.26 -7.45
N VAL A 42 -17.04 -12.30 -7.37
CA VAL A 42 -16.13 -12.63 -8.46
C VAL A 42 -16.90 -12.87 -9.76
N ASN A 43 -18.07 -13.50 -9.65
CA ASN A 43 -18.89 -13.78 -10.82
C ASN A 43 -19.27 -12.49 -11.55
N ASP A 44 -18.97 -11.35 -10.91
CA ASP A 44 -19.28 -10.04 -11.51
C ASP A 44 -18.09 -9.09 -11.34
N PRO A 45 -17.72 -8.32 -12.34
CA PRO A 45 -16.57 -7.38 -12.24
C PRO A 45 -16.91 -6.09 -11.47
N LEU A 46 -18.05 -5.49 -11.82
CA LEU A 46 -18.46 -4.25 -11.17
C LEU A 46 -18.58 -4.43 -9.66
N LEU A 47 -19.29 -5.48 -9.25
CA LEU A 47 -19.46 -5.75 -7.82
C LEU A 47 -18.12 -6.07 -7.17
N PHE A 48 -17.35 -6.95 -7.79
CA PHE A 48 -16.05 -7.33 -7.26
C PHE A 48 -15.19 -6.08 -7.05
N ARG A 49 -15.21 -5.19 -8.01
CA ARG A 49 -14.42 -3.96 -7.92
C ARG A 49 -14.91 -3.09 -6.77
N GLU A 50 -16.22 -2.86 -6.72
CA GLU A 50 -16.80 -2.02 -5.68
C GLU A 50 -16.61 -2.63 -4.28
N ARG A 51 -17.10 -3.85 -4.09
CA ARG A 51 -17.01 -4.51 -2.79
C ARG A 51 -15.56 -4.69 -2.34
N LEU A 52 -14.72 -5.24 -3.21
CA LEU A 52 -13.30 -5.46 -2.87
C LEU A 52 -12.42 -4.38 -3.46
N GLY A 53 -12.97 -3.18 -3.65
CA GLY A 53 -12.21 -2.08 -4.22
C GLY A 53 -11.17 -1.54 -3.25
N PRO A 54 -11.61 -0.90 -2.19
CA PRO A 54 -10.70 -0.31 -1.17
C PRO A 54 -9.94 -1.36 -0.36
N LEU A 55 -10.35 -2.61 -0.48
CA LEU A 55 -9.68 -3.69 0.25
C LEU A 55 -8.36 -4.06 -0.42
N ILE A 56 -8.41 -4.32 -1.72
CA ILE A 56 -7.22 -4.70 -2.47
C ILE A 56 -6.24 -3.53 -2.61
N LEU A 57 -6.76 -2.31 -2.64
CA LEU A 57 -5.92 -1.13 -2.79
C LEU A 57 -5.14 -0.85 -1.50
N GLN A 58 -5.77 -1.02 -0.35
CA GLN A 58 -5.10 -0.77 0.92
C GLN A 58 -3.80 -1.57 1.00
N ARG A 59 -3.84 -2.81 0.52
CA ARG A 59 -2.67 -3.67 0.56
C ARG A 59 -1.51 -3.04 -0.23
N ARG A 60 -1.72 -2.85 -1.53
CA ARG A 60 -0.70 -2.26 -2.38
C ARG A 60 -0.24 -0.91 -1.83
N TYR A 61 -1.20 -0.10 -1.37
CA TYR A 61 -0.88 1.21 -0.82
C TYR A 61 -0.60 1.10 0.68
N GLY A 62 -1.64 1.31 1.49
CA GLY A 62 -1.48 1.23 2.94
C GLY A 62 -2.74 1.73 3.65
N GLY A 63 -3.12 2.97 3.37
CA GLY A 63 -4.31 3.56 3.99
C GLY A 63 -4.00 4.05 5.39
N TYR A 64 -5.01 4.57 6.08
CA TYR A 64 -4.84 5.07 7.43
C TYR A 64 -4.70 3.92 8.42
N ASN A 65 -4.05 2.85 7.98
CA ASN A 65 -3.84 1.68 8.85
C ASN A 65 -2.76 1.97 9.87
N THR A 66 -3.12 2.73 10.90
CA THR A 66 -2.16 3.07 11.95
C THR A 66 -1.71 1.81 12.70
N ALA A 67 -0.82 1.98 13.67
CA ALA A 67 -0.32 0.86 14.44
C ALA A 67 0.56 1.34 15.59
N MET A 68 1.77 1.80 15.25
CA MET A 68 2.70 2.28 16.26
C MET A 68 2.33 3.70 16.69
N ASN A 69 2.29 3.92 18.00
CA ASN A 69 1.95 5.24 18.53
C ASN A 69 3.11 6.22 18.29
N PRO A 70 2.82 7.49 18.16
CA PRO A 70 3.88 8.52 17.92
C PRO A 70 4.75 8.76 19.15
N PHE A 71 4.29 8.27 20.30
CA PHE A 71 5.03 8.42 21.56
C PHE A 71 5.53 7.06 22.06
N GLY A 72 4.97 5.99 21.51
CA GLY A 72 5.37 4.64 21.90
C GLY A 72 4.60 4.16 23.13
N ILE A 73 3.27 4.22 23.06
CA ILE A 73 2.42 3.79 24.17
C ILE A 73 1.20 3.02 23.62
N PRO A 74 0.65 2.11 24.38
CA PRO A 74 -0.53 1.31 23.93
C PRO A 74 -1.75 2.21 23.66
N GLN A 75 -2.44 1.94 22.55
CA GLN A 75 -3.61 2.71 22.18
C GLN A 75 -4.52 2.91 23.39
N ASP A 76 -4.69 1.86 24.18
CA ASP A 76 -5.55 1.94 25.36
C ASP A 76 -5.19 3.16 26.21
N GLU A 77 -3.89 3.46 26.28
CA GLU A 77 -3.44 4.60 27.06
C GLU A 77 -3.56 5.89 26.26
N TYR A 78 -3.08 5.86 25.02
CA TYR A 78 -3.12 7.03 24.15
C TYR A 78 -4.51 7.67 24.17
N THR A 79 -5.54 6.85 24.36
CA THR A 79 -6.90 7.36 24.39
C THR A 79 -7.14 8.22 25.62
N ARG A 80 -6.50 7.86 26.72
CA ARG A 80 -6.65 8.60 27.97
C ARG A 80 -5.93 9.95 27.89
N LEU A 81 -4.81 9.98 27.18
CA LEU A 81 -4.03 11.21 27.03
C LEU A 81 -4.80 12.22 26.18
N MET A 82 -5.07 11.87 24.94
CA MET A 82 -5.79 12.76 24.04
C MET A 82 -7.17 13.10 24.60
N ALA A 83 -7.71 12.21 25.42
CA ALA A 83 -9.02 12.44 26.00
C ALA A 83 -8.96 13.56 27.05
N ASN A 84 -7.78 13.77 27.61
CA ASN A 84 -7.61 14.81 28.62
C ASN A 84 -6.14 15.19 28.77
N PRO A 85 -5.58 15.81 27.77
CA PRO A 85 -4.14 16.23 27.79
C PRO A 85 -3.94 17.53 28.57
N ASP A 86 -5.01 18.30 28.72
CA ASP A 86 -4.94 19.55 29.47
C ASP A 86 -4.90 19.29 30.96
N ASP A 87 -4.92 18.02 31.33
CA ASP A 87 -4.88 17.64 32.74
C ASP A 87 -3.42 17.62 33.25
N PRO A 88 -3.20 17.87 34.52
CA PRO A 88 -1.82 17.87 35.10
C PRO A 88 -1.24 16.45 35.20
N ASP A 89 -2.11 15.46 35.08
CA ASP A 89 -1.70 14.07 35.15
C ASP A 89 -1.05 13.64 33.83
N ASN A 90 -1.79 13.79 32.74
CA ASN A 90 -1.30 13.41 31.43
C ASN A 90 -0.19 14.35 30.96
N LYS A 91 -0.46 15.66 31.03
CA LYS A 91 0.52 16.65 30.61
C LYS A 91 1.89 16.33 31.20
N LYS A 92 1.89 15.62 32.32
CA LYS A 92 3.13 15.25 32.99
C LYS A 92 3.79 14.07 32.28
N ARG A 93 2.97 13.11 31.86
CA ARG A 93 3.47 11.93 31.18
C ARG A 93 3.83 12.25 29.73
N ILE A 94 2.93 12.95 29.04
CA ILE A 94 3.16 13.31 27.65
C ILE A 94 4.45 14.10 27.49
N ALA A 95 4.81 14.85 28.53
CA ALA A 95 6.02 15.66 28.50
C ALA A 95 7.26 14.78 28.54
N GLU A 96 7.21 13.73 29.34
CA GLU A 96 8.35 12.81 29.47
C GLU A 96 8.54 12.01 28.18
N LEU A 97 7.44 11.72 27.50
CA LEU A 97 7.51 10.95 26.25
C LEU A 97 8.03 11.82 25.11
N LEU A 98 7.46 13.01 24.98
CA LEU A 98 7.86 13.93 23.92
C LEU A 98 9.26 14.48 24.18
N ASP A 99 9.58 14.70 25.45
CA ASP A 99 10.87 15.23 25.84
C ASP A 99 11.98 14.20 25.60
N GLN A 100 11.65 12.92 25.73
CA GLN A 100 12.60 11.86 25.53
C GLN A 100 13.33 12.02 24.20
N GLN A 101 12.61 12.55 23.20
CA GLN A 101 13.19 12.75 21.88
C GLN A 101 14.44 13.64 21.97
N ALA A 102 14.42 14.56 22.92
CA ALA A 102 15.55 15.47 23.11
C ALA A 102 16.79 14.70 23.55
N ILE A 103 16.59 13.70 24.40
CA ILE A 103 17.71 12.89 24.89
C ILE A 103 18.46 12.24 23.73
N ASP A 104 17.71 11.74 22.76
CA ASP A 104 18.31 11.09 21.60
C ASP A 104 18.96 12.12 20.68
N GLU A 105 18.43 13.34 20.71
CA GLU A 105 18.97 14.41 19.87
C GLU A 105 20.43 14.68 20.20
N GLN A 106 20.79 14.48 21.48
CA GLN A 106 22.16 14.70 21.91
C GLN A 106 23.13 13.82 21.12
N LEU A 107 22.72 12.58 20.89
CA LEU A 107 23.56 11.64 20.15
C LEU A 107 23.67 12.07 18.69
N ARG A 108 22.63 12.71 18.18
CA ARG A 108 22.61 13.16 16.80
C ARG A 108 23.54 14.35 16.61
N ASN A 109 23.25 15.44 17.32
CA ASN A 109 24.08 16.64 17.22
C ASN A 109 25.52 16.33 17.63
N ALA A 110 25.71 15.21 18.31
CA ALA A 110 27.04 14.81 18.74
C ALA A 110 27.83 14.23 17.58
N ILE A 111 29.00 13.67 17.89
CA ILE A 111 29.87 13.07 16.87
C ILE A 111 29.77 13.83 15.54
N GLU A 112 29.56 15.14 15.63
CA GLU A 112 29.45 15.96 14.43
C GLU A 112 30.72 15.89 13.59
N TYR A 113 31.85 15.66 14.27
CA TYR A 113 33.13 15.56 13.56
C TYR A 113 34.20 14.94 14.46
N THR A 114 34.25 13.61 14.46
CA THR A 114 35.23 12.89 15.28
C THR A 114 36.59 12.88 14.59
N PRO A 115 37.67 12.81 15.33
CA PRO A 115 39.05 12.81 14.75
C PRO A 115 39.35 11.48 14.05
N GLU A 116 38.48 10.50 14.24
CA GLU A 116 38.67 9.19 13.62
C GLU A 116 38.93 9.33 12.13
N GLY A 1 0.07 6.32 -24.19
CA GLY A 1 -1.35 6.71 -24.14
C GLY A 1 -1.94 6.43 -22.77
N PRO A 2 -3.17 6.83 -22.56
CA PRO A 2 -3.88 6.62 -21.26
C PRO A 2 -4.26 5.16 -21.06
N LEU A 3 -3.75 4.29 -21.92
CA LEU A 3 -4.05 2.87 -21.83
C LEU A 3 -3.29 2.24 -20.66
N GLY A 4 -2.13 1.66 -20.94
CA GLY A 4 -1.33 1.04 -19.90
C GLY A 4 -0.30 0.08 -20.50
N SER A 5 0.74 0.64 -21.10
CA SER A 5 1.79 -0.17 -21.71
C SER A 5 2.49 -1.04 -20.67
N ALA A 6 2.50 -0.55 -19.43
CA ALA A 6 3.13 -1.28 -18.34
C ALA A 6 2.84 -0.62 -17.01
N THR A 7 1.57 -0.57 -16.64
CA THR A 7 1.16 0.05 -15.38
C THR A 7 -0.25 -0.39 -15.00
N LEU A 8 -0.34 -1.22 -13.97
CA LEU A 8 -1.65 -1.71 -13.52
C LEU A 8 -2.35 -0.65 -12.68
N SER A 9 -3.23 0.11 -13.32
CA SER A 9 -3.97 1.16 -12.61
C SER A 9 -4.67 0.57 -11.39
N ASP A 10 -5.33 1.43 -10.63
CA ASP A 10 -6.05 0.98 -9.44
C ASP A 10 -7.12 -0.03 -9.83
N GLU A 11 -7.86 0.30 -10.89
CA GLU A 11 -8.92 -0.58 -11.37
C GLU A 11 -8.34 -1.78 -12.12
N ALA A 12 -7.32 -1.53 -12.93
CA ALA A 12 -6.69 -2.58 -13.70
C ALA A 12 -6.10 -3.65 -12.79
N PHE A 13 -5.43 -3.21 -11.72
CA PHE A 13 -4.81 -4.13 -10.78
C PHE A 13 -5.87 -5.05 -10.17
N ILE A 14 -7.05 -4.48 -9.90
CA ILE A 14 -8.14 -5.25 -9.31
C ILE A 14 -8.73 -6.21 -10.34
N GLU A 15 -8.66 -5.83 -11.62
CA GLU A 15 -9.20 -6.67 -12.68
C GLU A 15 -8.36 -7.93 -12.86
N GLN A 16 -7.05 -7.81 -12.68
CA GLN A 16 -6.16 -8.94 -12.81
C GLN A 16 -6.26 -9.86 -11.60
N PHE A 17 -6.48 -9.26 -10.42
CA PHE A 17 -6.60 -10.02 -9.19
C PHE A 17 -7.84 -10.90 -9.22
N ARG A 18 -8.89 -10.40 -9.86
CA ARG A 18 -10.15 -11.14 -9.98
C ARG A 18 -9.93 -12.45 -10.73
N GLN A 19 -9.32 -12.36 -11.91
CA GLN A 19 -9.06 -13.55 -12.73
C GLN A 19 -8.09 -14.50 -12.03
N GLU A 20 -7.23 -13.96 -11.19
CA GLU A 20 -6.26 -14.79 -10.48
C GLU A 20 -6.97 -15.75 -9.52
N LEU A 21 -7.88 -15.22 -8.72
CA LEU A 21 -8.62 -16.03 -7.76
C LEU A 21 -9.27 -17.22 -8.44
N LEU A 22 -9.73 -17.03 -9.67
CA LEU A 22 -10.38 -18.12 -10.41
C LEU A 22 -9.36 -19.19 -10.78
N ASN A 23 -8.12 -18.77 -11.00
CA ASN A 23 -7.05 -19.69 -11.37
C ASN A 23 -6.41 -20.31 -10.13
N ASN A 24 -6.29 -19.52 -9.07
CA ASN A 24 -5.69 -19.99 -7.82
C ASN A 24 -6.77 -20.56 -6.88
N GLN A 25 -6.98 -21.86 -6.97
CA GLN A 25 -7.99 -22.51 -6.12
C GLN A 25 -7.53 -22.54 -4.67
N MET A 26 -6.21 -22.67 -4.46
CA MET A 26 -5.67 -22.71 -3.11
C MET A 26 -5.72 -21.34 -2.44
N LEU A 27 -5.17 -20.34 -3.12
CA LEU A 27 -5.16 -18.99 -2.58
C LEU A 27 -6.58 -18.50 -2.32
N ARG A 28 -7.45 -18.69 -3.30
CA ARG A 28 -8.84 -18.27 -3.18
C ARG A 28 -9.52 -18.97 -2.01
N SER A 29 -9.27 -20.27 -1.86
CA SER A 29 -9.86 -21.04 -0.79
C SER A 29 -9.70 -20.36 0.56
N GLN A 30 -8.61 -19.62 0.73
CA GLN A 30 -8.34 -18.93 1.98
C GLN A 30 -9.28 -17.74 2.16
N LEU A 31 -9.74 -17.16 1.06
CA LEU A 31 -10.64 -16.01 1.13
C LEU A 31 -12.08 -16.45 1.37
N ILE A 32 -12.47 -17.60 0.84
CA ILE A 32 -13.83 -18.09 1.02
C ILE A 32 -14.18 -18.19 2.50
N LEU A 33 -13.19 -18.56 3.31
CA LEU A 33 -13.41 -18.69 4.74
C LEU A 33 -13.83 -17.36 5.36
N GLN A 34 -13.38 -16.26 4.74
CA GLN A 34 -13.71 -14.93 5.23
C GLN A 34 -14.90 -14.35 4.47
N ILE A 35 -14.94 -14.59 3.16
CA ILE A 35 -16.03 -14.09 2.31
C ILE A 35 -16.64 -15.23 1.50
N PRO A 36 -17.46 -16.04 2.11
CA PRO A 36 -18.12 -17.20 1.43
C PRO A 36 -18.79 -16.79 0.11
N GLY A 37 -19.18 -15.52 0.02
CA GLY A 37 -19.85 -15.02 -1.19
C GLY A 37 -18.84 -14.57 -2.24
N LEU A 38 -17.55 -14.77 -1.96
CA LEU A 38 -16.51 -14.37 -2.91
C LEU A 38 -16.83 -14.90 -4.31
N ASN A 39 -17.20 -16.18 -4.37
CA ASN A 39 -17.52 -16.80 -5.64
C ASN A 39 -18.60 -16.01 -6.38
N ASP A 40 -19.44 -15.31 -5.62
CA ASP A 40 -20.51 -14.52 -6.21
C ASP A 40 -19.98 -13.18 -6.72
N LEU A 41 -19.14 -12.53 -5.91
CA LEU A 41 -18.57 -11.24 -6.28
C LEU A 41 -17.51 -11.37 -7.37
N VAL A 42 -16.52 -12.23 -7.13
CA VAL A 42 -15.44 -12.40 -8.10
C VAL A 42 -16.00 -12.73 -9.49
N ASN A 43 -17.20 -13.29 -9.53
CA ASN A 43 -17.82 -13.64 -10.80
C ASN A 43 -18.27 -12.39 -11.56
N ASP A 44 -18.27 -11.25 -10.87
CA ASP A 44 -18.67 -9.98 -11.48
C ASP A 44 -17.56 -8.93 -11.28
N PRO A 45 -17.22 -8.15 -12.29
CA PRO A 45 -16.13 -7.13 -12.18
C PRO A 45 -16.52 -5.91 -11.34
N LEU A 46 -17.68 -5.32 -11.64
CA LEU A 46 -18.14 -4.14 -10.90
C LEU A 46 -18.28 -4.43 -9.41
N LEU A 47 -18.98 -5.52 -9.09
CA LEU A 47 -19.20 -5.88 -7.69
C LEU A 47 -17.88 -6.26 -7.02
N PHE A 48 -17.11 -7.12 -7.66
CA PHE A 48 -15.82 -7.54 -7.11
C PHE A 48 -14.95 -6.33 -6.81
N ARG A 49 -15.12 -5.28 -7.60
CA ARG A 49 -14.34 -4.07 -7.41
C ARG A 49 -14.91 -3.24 -6.27
N GLU A 50 -16.20 -2.93 -6.36
CA GLU A 50 -16.87 -2.13 -5.35
C GLU A 50 -16.71 -2.75 -3.96
N ARG A 51 -17.14 -3.99 -3.81
CA ARG A 51 -17.08 -4.68 -2.53
C ARG A 51 -15.65 -4.86 -2.02
N LEU A 52 -14.75 -5.38 -2.87
CA LEU A 52 -13.36 -5.62 -2.47
C LEU A 52 -12.40 -4.62 -3.09
N GLY A 53 -12.87 -3.41 -3.37
CA GLY A 53 -12.00 -2.39 -3.97
C GLY A 53 -10.98 -1.90 -2.94
N PRO A 54 -11.44 -1.43 -1.81
CA PRO A 54 -10.54 -0.91 -0.73
C PRO A 54 -9.55 -1.97 -0.22
N LEU A 55 -10.04 -3.18 -0.03
CA LEU A 55 -9.19 -4.26 0.47
C LEU A 55 -7.94 -4.45 -0.40
N ILE A 56 -8.15 -4.59 -1.70
CA ILE A 56 -7.05 -4.80 -2.62
C ILE A 56 -6.14 -3.57 -2.72
N LEU A 57 -6.73 -2.39 -2.69
CA LEU A 57 -5.94 -1.15 -2.80
C LEU A 57 -5.22 -0.85 -1.48
N GLN A 58 -5.85 -1.18 -0.37
CA GLN A 58 -5.24 -0.92 0.94
C GLN A 58 -3.83 -1.52 1.00
N ARG A 59 -3.68 -2.72 0.47
CA ARG A 59 -2.38 -3.39 0.47
C ARG A 59 -1.40 -2.67 -0.45
N ARG A 60 -1.84 -2.39 -1.67
CA ARG A 60 -1.00 -1.71 -2.65
C ARG A 60 -0.46 -0.39 -2.06
N TYR A 61 -1.35 0.41 -1.51
CA TYR A 61 -0.95 1.69 -0.93
C TYR A 61 -0.33 1.49 0.46
N GLY A 62 -1.01 0.70 1.28
CA GLY A 62 -0.52 0.42 2.63
C GLY A 62 0.63 -0.58 2.60
N GLY A 63 1.13 -0.95 3.78
CA GLY A 63 2.23 -1.90 3.87
C GLY A 63 3.56 -1.23 3.55
N TYR A 64 3.55 -0.40 2.50
CA TYR A 64 4.77 0.30 2.10
C TYR A 64 5.94 -0.67 2.02
N ASN A 65 5.86 -1.64 1.11
CA ASN A 65 6.92 -2.63 0.95
C ASN A 65 8.08 -2.04 0.16
N THR A 66 7.92 -0.79 -0.28
CA THR A 66 8.96 -0.13 -1.06
C THR A 66 10.08 0.36 -0.14
N ALA A 67 11.04 -0.50 0.11
CA ALA A 67 12.17 -0.14 0.98
C ALA A 67 13.23 -1.23 0.94
N MET A 68 13.58 -1.67 -0.27
CA MET A 68 14.59 -2.71 -0.43
C MET A 68 15.99 -2.14 -0.28
N ASN A 69 16.08 -0.83 -0.12
CA ASN A 69 17.37 -0.17 0.02
C ASN A 69 18.24 -0.42 -1.22
N PRO A 70 18.05 0.34 -2.27
CA PRO A 70 18.82 0.19 -3.53
C PRO A 70 20.18 0.88 -3.45
N PHE A 71 20.58 1.30 -2.25
CA PHE A 71 21.86 1.97 -2.04
C PHE A 71 22.75 1.13 -1.14
N GLY A 72 22.12 0.26 -0.35
CA GLY A 72 22.86 -0.61 0.56
C GLY A 72 23.25 0.13 1.83
N ILE A 73 22.26 0.69 2.52
CA ILE A 73 22.51 1.43 3.76
C ILE A 73 21.43 1.10 4.80
N PRO A 74 21.75 1.12 6.08
CA PRO A 74 20.75 0.83 7.15
C PRO A 74 19.37 1.40 6.83
N GLN A 75 18.36 0.53 6.84
CA GLN A 75 16.99 0.96 6.55
C GLN A 75 16.66 2.25 7.30
N ASP A 76 17.14 2.36 8.53
CA ASP A 76 16.88 3.55 9.34
C ASP A 76 17.33 4.81 8.60
N GLU A 77 18.48 4.72 7.93
CA GLU A 77 19.00 5.86 7.20
C GLU A 77 18.24 6.07 5.89
N TYR A 78 18.05 4.99 5.15
CA TYR A 78 17.34 5.06 3.88
C TYR A 78 16.03 5.82 4.04
N THR A 79 15.37 5.65 5.18
CA THR A 79 14.10 6.33 5.43
C THR A 79 14.30 7.82 5.62
N ARG A 80 15.40 8.20 6.27
CA ARG A 80 15.69 9.61 6.52
C ARG A 80 15.86 10.36 5.20
N LEU A 81 16.75 9.85 4.35
CA LEU A 81 17.00 10.49 3.06
C LEU A 81 15.72 10.51 2.22
N MET A 82 14.92 9.46 2.33
CA MET A 82 13.68 9.37 1.56
C MET A 82 12.56 10.16 2.24
N ALA A 83 12.74 10.45 3.53
CA ALA A 83 11.74 11.21 4.27
C ALA A 83 11.89 12.71 4.01
N ASN A 84 13.05 13.11 3.51
CA ASN A 84 13.30 14.51 3.22
C ASN A 84 14.44 14.67 2.21
N PRO A 85 14.25 14.17 1.01
CA PRO A 85 15.29 14.26 -0.06
C PRO A 85 15.37 15.66 -0.66
N ASP A 86 14.52 16.56 -0.17
CA ASP A 86 14.49 17.95 -0.67
C ASP A 86 15.39 18.83 0.20
N ASP A 87 15.93 18.25 1.27
CA ASP A 87 16.81 18.99 2.17
C ASP A 87 18.23 19.01 1.62
N PRO A 88 19.00 20.02 1.93
CA PRO A 88 20.42 20.13 1.44
C PRO A 88 21.33 19.10 2.10
N ASP A 89 20.85 18.51 3.19
CA ASP A 89 21.62 17.49 3.90
C ASP A 89 21.57 16.16 3.17
N ASN A 90 20.36 15.67 2.92
CA ASN A 90 20.19 14.41 2.23
C ASN A 90 20.69 14.48 0.79
N LYS A 91 20.27 15.51 0.08
CA LYS A 91 20.69 15.68 -1.32
C LYS A 91 22.20 15.51 -1.45
N LYS A 92 22.93 15.91 -0.42
CA LYS A 92 24.39 15.79 -0.44
C LYS A 92 24.81 14.35 -0.15
N ARG A 93 24.17 13.74 0.84
CA ARG A 93 24.49 12.36 1.20
C ARG A 93 24.19 11.42 0.04
N ILE A 94 23.07 11.65 -0.63
CA ILE A 94 22.67 10.81 -1.75
C ILE A 94 23.69 10.90 -2.89
N ALA A 95 24.38 12.04 -2.97
CA ALA A 95 25.38 12.24 -4.02
C ALA A 95 26.64 11.43 -3.73
N GLU A 96 26.91 11.20 -2.45
CA GLU A 96 28.10 10.44 -2.06
C GLU A 96 28.01 9.01 -2.59
N LEU A 97 26.84 8.39 -2.43
CA LEU A 97 26.65 7.03 -2.89
C LEU A 97 27.00 6.89 -4.37
N LEU A 98 26.72 7.94 -5.14
CA LEU A 98 27.02 7.93 -6.57
C LEU A 98 28.50 8.23 -6.82
N ASP A 99 29.01 9.27 -6.16
CA ASP A 99 30.40 9.65 -6.31
C ASP A 99 31.33 8.47 -6.04
N GLN A 100 31.09 7.78 -4.92
CA GLN A 100 31.89 6.65 -4.54
C GLN A 100 31.66 5.49 -5.51
N GLN A 101 30.42 5.33 -5.95
CA GLN A 101 30.08 4.25 -6.87
C GLN A 101 30.83 4.41 -8.20
N ALA A 102 31.07 5.66 -8.58
CA ALA A 102 31.76 5.94 -9.83
C ALA A 102 33.24 5.61 -9.71
N ILE A 103 33.77 5.69 -8.48
CA ILE A 103 35.17 5.40 -8.24
C ILE A 103 35.41 3.89 -8.17
N ASP A 104 34.49 3.18 -7.51
CA ASP A 104 34.61 1.74 -7.37
C ASP A 104 34.36 1.05 -8.71
N GLU A 105 33.39 1.56 -9.47
CA GLU A 105 33.06 0.98 -10.77
C GLU A 105 34.29 0.98 -11.69
N GLN A 106 35.15 1.98 -11.52
CA GLN A 106 36.34 2.08 -12.35
C GLN A 106 37.18 0.81 -12.23
N LEU A 107 37.17 0.20 -11.06
CA LEU A 107 37.94 -1.03 -10.83
C LEU A 107 37.30 -2.19 -11.58
N ARG A 108 35.97 -2.18 -11.67
CA ARG A 108 35.25 -3.24 -12.37
C ARG A 108 35.59 -3.24 -13.85
N ASN A 109 35.58 -2.06 -14.45
CA ASN A 109 35.89 -1.93 -15.88
C ASN A 109 37.34 -2.33 -16.14
N ALA A 110 38.24 -1.89 -15.26
CA ALA A 110 39.66 -2.22 -15.41
C ALA A 110 39.90 -3.69 -15.11
N ILE A 111 40.54 -4.38 -16.06
CA ILE A 111 40.83 -5.79 -15.89
C ILE A 111 42.01 -5.99 -14.93
N GLU A 112 41.88 -5.43 -13.73
CA GLU A 112 42.94 -5.55 -12.74
C GLU A 112 43.01 -6.98 -12.22
N TYR A 113 44.06 -7.27 -11.45
CA TYR A 113 44.24 -8.61 -10.89
C TYR A 113 43.04 -9.00 -10.03
N THR A 114 42.23 -9.93 -10.53
CA THR A 114 41.05 -10.37 -9.80
C THR A 114 41.46 -11.30 -8.65
N PRO A 115 40.70 -11.33 -7.57
CA PRO A 115 41.01 -12.21 -6.40
C PRO A 115 41.60 -13.56 -6.82
N GLU A 116 40.79 -14.36 -7.52
CA GLU A 116 41.24 -15.66 -7.97
C GLU A 116 42.38 -15.52 -8.98
N GLY A 1 5.84 11.37 -9.13
CA GLY A 1 7.03 11.30 -9.97
C GLY A 1 6.85 10.24 -11.07
N PRO A 2 5.95 10.47 -11.99
CA PRO A 2 5.69 9.52 -13.11
C PRO A 2 6.98 9.04 -13.78
N LEU A 3 7.13 7.73 -13.88
CA LEU A 3 8.31 7.16 -14.51
C LEU A 3 8.29 7.37 -16.02
N GLY A 4 7.40 6.66 -16.70
CA GLY A 4 7.27 6.78 -18.15
C GLY A 4 6.59 5.56 -18.74
N SER A 5 5.85 4.84 -17.90
CA SER A 5 5.15 3.64 -18.36
C SER A 5 4.18 3.14 -17.28
N ALA A 6 2.98 3.73 -17.25
CA ALA A 6 1.98 3.33 -16.27
C ALA A 6 1.70 1.84 -16.37
N THR A 7 2.25 1.08 -15.43
CA THR A 7 2.06 -0.36 -15.42
C THR A 7 0.58 -0.72 -15.43
N LEU A 8 -0.14 -0.25 -14.41
CA LEU A 8 -1.58 -0.52 -14.32
C LEU A 8 -2.25 0.49 -13.39
N SER A 9 -3.54 0.74 -13.62
CA SER A 9 -4.29 1.69 -12.80
C SER A 9 -4.91 0.97 -11.60
N ASP A 10 -5.66 1.72 -10.81
CA ASP A 10 -6.31 1.16 -9.63
C ASP A 10 -7.31 0.09 -10.05
N GLU A 11 -8.02 0.35 -11.14
CA GLU A 11 -9.01 -0.61 -11.63
C GLU A 11 -8.32 -1.81 -12.28
N ALA A 12 -7.23 -1.56 -13.00
CA ALA A 12 -6.49 -2.62 -13.65
C ALA A 12 -5.85 -3.55 -12.62
N PHE A 13 -5.32 -2.96 -11.56
CA PHE A 13 -4.67 -3.74 -10.50
C PHE A 13 -5.67 -4.69 -9.85
N ILE A 14 -6.90 -4.24 -9.72
CA ILE A 14 -7.94 -5.06 -9.11
C ILE A 14 -8.37 -6.18 -10.06
N GLU A 15 -8.27 -5.92 -11.36
CA GLU A 15 -8.64 -6.91 -12.36
C GLU A 15 -7.66 -8.08 -12.35
N GLN A 16 -6.41 -7.79 -12.02
CA GLN A 16 -5.38 -8.83 -11.98
C GLN A 16 -5.55 -9.69 -10.73
N PHE A 17 -5.87 -9.05 -9.62
CA PHE A 17 -6.06 -9.77 -8.37
C PHE A 17 -7.25 -10.70 -8.46
N ARG A 18 -8.27 -10.28 -9.21
CA ARG A 18 -9.48 -11.09 -9.38
C ARG A 18 -9.18 -12.33 -10.21
N GLN A 19 -8.57 -12.13 -11.37
CA GLN A 19 -8.24 -13.25 -12.26
C GLN A 19 -7.45 -14.32 -11.52
N GLU A 20 -6.72 -13.92 -10.50
CA GLU A 20 -5.91 -14.87 -9.73
C GLU A 20 -6.81 -15.83 -8.97
N LEU A 21 -7.83 -15.29 -8.30
CA LEU A 21 -8.76 -16.12 -7.53
C LEU A 21 -9.45 -17.13 -8.44
N LEU A 22 -9.64 -16.75 -9.70
CA LEU A 22 -10.30 -17.62 -10.67
C LEU A 22 -9.32 -18.67 -11.20
N ASN A 23 -8.07 -18.27 -11.38
CA ASN A 23 -7.04 -19.17 -11.89
C ASN A 23 -6.51 -20.08 -10.78
N ASN A 24 -6.48 -19.55 -9.55
CA ASN A 24 -6.00 -20.31 -8.41
C ASN A 24 -7.14 -20.72 -7.50
N GLN A 25 -7.57 -21.98 -7.62
CA GLN A 25 -8.67 -22.50 -6.82
C GLN A 25 -8.25 -22.63 -5.35
N MET A 26 -6.96 -22.84 -5.12
CA MET A 26 -6.46 -22.99 -3.76
C MET A 26 -6.39 -21.64 -3.05
N LEU A 27 -5.83 -20.65 -3.73
CA LEU A 27 -5.71 -19.31 -3.15
C LEU A 27 -7.09 -18.75 -2.80
N ARG A 28 -8.01 -18.81 -3.76
CA ARG A 28 -9.36 -18.31 -3.55
C ARG A 28 -10.02 -19.02 -2.36
N SER A 29 -9.94 -20.34 -2.35
CA SER A 29 -10.56 -21.13 -1.28
C SER A 29 -10.17 -20.59 0.09
N GLN A 30 -8.93 -20.15 0.24
CA GLN A 30 -8.46 -19.62 1.51
C GLN A 30 -9.19 -18.32 1.86
N LEU A 31 -9.64 -17.61 0.82
CA LEU A 31 -10.33 -16.34 1.02
C LEU A 31 -11.82 -16.57 1.34
N ILE A 32 -12.39 -17.65 0.81
CA ILE A 32 -13.80 -17.95 1.05
C ILE A 32 -14.04 -18.21 2.54
N LEU A 33 -13.01 -18.70 3.22
CA LEU A 33 -13.13 -18.98 4.66
C LEU A 33 -13.53 -17.72 5.42
N GLN A 34 -12.98 -16.58 5.01
CA GLN A 34 -13.27 -15.31 5.66
C GLN A 34 -14.48 -14.63 5.03
N ILE A 35 -14.58 -14.71 3.70
CA ILE A 35 -15.69 -14.09 2.97
C ILE A 35 -16.44 -15.15 2.15
N PRO A 36 -17.32 -15.90 2.77
CA PRO A 36 -18.11 -16.95 2.08
C PRO A 36 -18.75 -16.47 0.77
N GLY A 37 -19.26 -15.25 0.79
CA GLY A 37 -19.90 -14.69 -0.40
C GLY A 37 -18.88 -14.15 -1.40
N LEU A 38 -17.67 -14.71 -1.39
CA LEU A 38 -16.63 -14.26 -2.30
C LEU A 38 -16.85 -14.86 -3.69
N ASN A 39 -17.12 -16.15 -3.74
CA ASN A 39 -17.35 -16.84 -5.01
C ASN A 39 -18.40 -16.11 -5.83
N ASP A 40 -19.24 -15.34 -5.14
CA ASP A 40 -20.31 -14.59 -5.81
C ASP A 40 -19.76 -13.33 -6.47
N LEU A 41 -18.95 -12.58 -5.73
CA LEU A 41 -18.37 -11.36 -6.27
C LEU A 41 -17.35 -11.67 -7.36
N VAL A 42 -16.53 -12.69 -7.13
CA VAL A 42 -15.53 -13.08 -8.10
C VAL A 42 -16.17 -13.41 -9.45
N ASN A 43 -17.47 -13.70 -9.43
CA ASN A 43 -18.20 -14.03 -10.65
C ASN A 43 -18.65 -12.76 -11.38
N ASP A 44 -18.69 -11.65 -10.65
CA ASP A 44 -19.10 -10.36 -11.23
C ASP A 44 -17.88 -9.42 -11.31
N PRO A 45 -17.66 -8.73 -12.41
CA PRO A 45 -16.50 -7.81 -12.56
C PRO A 45 -16.72 -6.46 -11.87
N LEU A 46 -17.94 -5.95 -11.95
CA LEU A 46 -18.25 -4.64 -11.36
C LEU A 46 -18.31 -4.73 -9.83
N LEU A 47 -19.05 -5.71 -9.33
CA LEU A 47 -19.18 -5.88 -7.88
C LEU A 47 -17.83 -6.18 -7.24
N PHE A 48 -17.10 -7.14 -7.81
CA PHE A 48 -15.80 -7.50 -7.27
C PHE A 48 -14.94 -6.25 -7.09
N ARG A 49 -15.16 -5.26 -7.94
CA ARG A 49 -14.40 -4.02 -7.86
C ARG A 49 -14.94 -3.14 -6.74
N GLU A 50 -16.25 -2.90 -6.76
CA GLU A 50 -16.88 -2.06 -5.74
C GLU A 50 -16.70 -2.64 -4.34
N ARG A 51 -17.17 -3.87 -4.15
CA ARG A 51 -17.10 -4.53 -2.85
C ARG A 51 -15.65 -4.63 -2.34
N LEU A 52 -14.75 -5.15 -3.18
CA LEU A 52 -13.35 -5.32 -2.78
C LEU A 52 -12.45 -4.27 -3.43
N GLY A 53 -13.01 -3.09 -3.70
CA GLY A 53 -12.24 -2.02 -4.32
C GLY A 53 -11.15 -1.49 -3.39
N PRO A 54 -11.53 -0.84 -2.33
CA PRO A 54 -10.56 -0.25 -1.35
C PRO A 54 -9.72 -1.32 -0.63
N LEU A 55 -10.32 -2.47 -0.35
CA LEU A 55 -9.61 -3.53 0.35
C LEU A 55 -8.32 -3.90 -0.39
N ILE A 56 -8.43 -4.19 -1.68
CA ILE A 56 -7.28 -4.57 -2.48
C ILE A 56 -6.30 -3.40 -2.63
N LEU A 57 -6.83 -2.19 -2.69
CA LEU A 57 -5.97 -1.01 -2.84
C LEU A 57 -5.24 -0.68 -1.55
N GLN A 58 -5.91 -0.88 -0.42
CA GLN A 58 -5.30 -0.59 0.88
C GLN A 58 -3.97 -1.33 1.01
N ARG A 59 -3.93 -2.57 0.57
CA ARG A 59 -2.71 -3.37 0.65
C ARG A 59 -1.64 -2.80 -0.28
N ARG A 60 -2.01 -2.58 -1.54
CA ARG A 60 -1.07 -2.04 -2.52
C ARG A 60 -0.44 -0.75 -2.01
N TYR A 61 -1.26 0.13 -1.46
CA TYR A 61 -0.77 1.40 -0.94
C TYR A 61 -0.16 1.22 0.44
N GLY A 62 -0.91 1.61 1.47
CA GLY A 62 -0.43 1.49 2.84
C GLY A 62 0.56 2.60 3.18
N GLY A 63 0.52 3.07 4.42
CA GLY A 63 1.41 4.13 4.86
C GLY A 63 1.46 5.27 3.84
N TYR A 64 2.66 5.65 3.44
CA TYR A 64 2.83 6.72 2.46
C TYR A 64 4.23 6.67 1.85
N ASN A 65 4.95 5.58 2.11
CA ASN A 65 6.29 5.41 1.57
C ASN A 65 7.17 6.60 1.94
N THR A 66 7.17 7.62 1.08
CA THR A 66 7.97 8.82 1.32
C THR A 66 7.65 9.40 2.69
N ALA A 67 8.43 10.39 3.12
CA ALA A 67 8.22 11.03 4.40
C ALA A 67 9.06 12.30 4.51
N MET A 68 8.43 13.39 4.93
CA MET A 68 9.13 14.66 5.07
C MET A 68 10.17 14.58 6.18
N ASN A 69 11.44 14.69 5.80
CA ASN A 69 12.53 14.63 6.77
C ASN A 69 12.45 15.83 7.73
N PRO A 70 12.92 15.69 8.94
CA PRO A 70 12.89 16.80 9.94
C PRO A 70 13.90 17.90 9.60
N PHE A 71 14.94 17.53 8.85
CA PHE A 71 15.96 18.50 8.45
C PHE A 71 15.66 19.06 7.07
N GLY A 72 14.88 18.32 6.29
CA GLY A 72 14.51 18.74 4.95
C GLY A 72 15.69 18.66 4.00
N ILE A 73 16.23 17.46 3.81
CA ILE A 73 17.37 17.26 2.92
C ILE A 73 17.19 15.97 2.12
N PRO A 74 17.74 15.89 0.92
CA PRO A 74 17.61 14.67 0.07
C PRO A 74 17.66 13.39 0.89
N GLN A 75 16.72 12.48 0.64
CA GLN A 75 16.68 11.22 1.35
C GLN A 75 18.04 10.55 1.35
N ASP A 76 18.74 10.63 0.22
CA ASP A 76 20.06 10.03 0.09
C ASP A 76 21.03 10.66 1.08
N GLU A 77 20.92 11.97 1.27
CA GLU A 77 21.80 12.68 2.19
C GLU A 77 21.45 12.34 3.64
N TYR A 78 20.16 12.41 3.96
CA TYR A 78 19.71 12.13 5.31
C TYR A 78 20.29 10.81 5.82
N THR A 79 20.42 9.84 4.92
CA THR A 79 20.98 8.54 5.29
C THR A 79 22.47 8.64 5.61
N ARG A 80 23.17 9.45 4.83
CA ARG A 80 24.61 9.62 5.03
C ARG A 80 24.91 10.16 6.42
N LEU A 81 24.33 11.31 6.75
CA LEU A 81 24.55 11.92 8.06
C LEU A 81 24.20 10.94 9.18
N MET A 82 22.98 10.42 9.14
CA MET A 82 22.55 9.47 10.16
C MET A 82 23.44 8.22 10.18
N ALA A 83 23.75 7.71 9.00
CA ALA A 83 24.60 6.52 8.89
C ALA A 83 26.02 6.82 9.35
N ASN A 84 26.43 8.08 9.23
CA ASN A 84 27.78 8.48 9.64
C ASN A 84 27.84 9.98 9.91
N PRO A 85 27.30 10.40 11.03
CA PRO A 85 27.29 11.84 11.41
C PRO A 85 28.62 12.27 12.04
N ASP A 86 29.54 11.32 12.16
CA ASP A 86 30.86 11.59 12.75
C ASP A 86 31.83 12.08 11.67
N ASP A 87 31.37 12.10 10.43
CA ASP A 87 32.22 12.53 9.33
C ASP A 87 32.57 14.03 9.49
N PRO A 88 33.84 14.39 9.43
CA PRO A 88 34.25 15.82 9.59
C PRO A 88 33.30 16.79 8.87
N ASP A 89 32.76 16.35 7.74
CA ASP A 89 31.86 17.18 6.96
C ASP A 89 30.46 17.21 7.59
N ASN A 90 29.91 16.02 7.84
CA ASN A 90 28.58 15.92 8.43
C ASN A 90 28.49 16.73 9.72
N LYS A 91 29.61 16.86 10.42
CA LYS A 91 29.63 17.61 11.66
C LYS A 91 29.22 19.06 11.42
N LYS A 92 29.77 19.66 10.37
CA LYS A 92 29.46 21.04 10.04
C LYS A 92 28.11 21.12 9.35
N ARG A 93 27.80 20.13 8.53
CA ARG A 93 26.53 20.10 7.80
C ARG A 93 25.36 20.12 8.79
N ILE A 94 25.42 19.25 9.78
CA ILE A 94 24.35 19.17 10.79
C ILE A 94 24.30 20.44 11.62
N ALA A 95 25.44 21.10 11.77
CA ALA A 95 25.51 22.34 12.55
C ALA A 95 24.87 23.49 11.78
N GLU A 96 24.87 23.38 10.46
CA GLU A 96 24.29 24.43 9.61
C GLU A 96 22.77 24.40 9.68
N LEU A 97 22.20 23.20 9.64
CA LEU A 97 20.75 23.05 9.68
C LEU A 97 20.17 23.75 10.89
N LEU A 98 20.95 23.80 11.97
CA LEU A 98 20.50 24.45 13.20
C LEU A 98 20.67 25.97 13.09
N ASP A 99 21.69 26.39 12.36
CA ASP A 99 21.95 27.82 12.17
C ASP A 99 20.79 28.49 11.43
N GLN A 100 20.24 27.78 10.46
CA GLN A 100 19.13 28.33 9.67
C GLN A 100 18.02 28.83 10.59
N GLN A 101 17.74 28.06 11.65
CA GLN A 101 16.70 28.45 12.59
C GLN A 101 17.12 29.67 13.39
N ALA A 102 18.42 29.76 13.69
CA ALA A 102 18.94 30.89 14.46
C ALA A 102 18.87 32.18 13.63
N ILE A 103 19.35 32.10 12.38
CA ILE A 103 19.35 33.26 11.51
C ILE A 103 17.94 33.83 11.39
N ASP A 104 16.96 32.96 11.14
CA ASP A 104 15.58 33.39 11.00
C ASP A 104 15.14 34.18 12.23
N GLU A 105 15.64 33.81 13.39
CA GLU A 105 15.29 34.49 14.64
C GLU A 105 15.62 35.97 14.54
N GLN A 106 16.68 36.28 13.80
CA GLN A 106 17.10 37.68 13.65
C GLN A 106 16.19 38.40 12.67
N LEU A 107 15.86 37.73 11.57
CA LEU A 107 15.00 38.32 10.56
C LEU A 107 13.61 38.61 11.14
N ARG A 108 13.19 37.78 12.09
CA ARG A 108 11.88 37.96 12.72
C ARG A 108 11.88 39.21 13.60
N ASN A 109 13.04 39.52 14.18
CA ASN A 109 13.16 40.69 15.04
C ASN A 109 12.99 41.97 14.24
N ALA A 110 13.30 41.89 12.95
CA ALA A 110 13.19 43.06 12.07
C ALA A 110 11.72 43.41 11.84
N ILE A 111 11.10 42.74 10.86
CA ILE A 111 9.71 43.00 10.55
C ILE A 111 9.15 41.90 9.65
N GLU A 112 7.90 41.50 9.91
CA GLU A 112 7.27 40.46 9.11
C GLU A 112 7.17 40.88 7.65
N TYR A 113 6.96 39.90 6.77
CA TYR A 113 6.85 40.17 5.35
C TYR A 113 5.47 40.73 5.00
N THR A 114 5.03 41.71 5.78
CA THR A 114 3.72 42.32 5.55
C THR A 114 3.58 43.62 6.32
N PRO A 115 4.25 44.66 5.87
CA PRO A 115 4.22 45.99 6.52
C PRO A 115 2.79 46.45 6.82
N GLU A 116 2.65 47.69 7.28
CA GLU A 116 1.34 48.24 7.61
C GLU A 116 0.55 48.53 6.33
N GLY A 1 8.80 14.45 -12.57
CA GLY A 1 7.61 14.15 -11.78
C GLY A 1 6.84 12.97 -12.37
N PRO A 2 7.48 11.84 -12.49
CA PRO A 2 6.85 10.61 -13.04
C PRO A 2 5.84 10.00 -12.06
N LEU A 3 5.52 10.74 -11.01
CA LEU A 3 4.57 10.26 -10.01
C LEU A 3 3.14 10.35 -10.55
N GLY A 4 2.49 9.19 -10.68
CA GLY A 4 1.12 9.15 -11.17
C GLY A 4 0.57 7.73 -11.12
N SER A 5 1.13 6.85 -11.94
CA SER A 5 0.68 5.47 -11.98
C SER A 5 1.74 4.58 -12.64
N ALA A 6 2.40 3.74 -11.83
CA ALA A 6 3.42 2.85 -12.35
C ALA A 6 2.92 2.14 -13.61
N THR A 7 1.89 1.33 -13.45
CA THR A 7 1.33 0.59 -14.58
C THR A 7 -0.08 0.10 -14.25
N LEU A 8 -0.18 -0.81 -13.29
CA LEU A 8 -1.48 -1.35 -12.91
C LEU A 8 -2.25 -0.35 -12.05
N SER A 9 -3.13 0.41 -12.69
CA SER A 9 -3.92 1.40 -11.97
C SER A 9 -4.66 0.74 -10.82
N ASP A 10 -5.34 1.55 -10.02
CA ASP A 10 -6.09 1.02 -8.89
C ASP A 10 -7.14 0.02 -9.38
N GLU A 11 -7.77 0.36 -10.50
CA GLU A 11 -8.79 -0.51 -11.08
C GLU A 11 -8.16 -1.72 -11.76
N ALA A 12 -7.19 -1.46 -12.64
CA ALA A 12 -6.52 -2.53 -13.36
C ALA A 12 -5.92 -3.56 -12.40
N PHE A 13 -5.28 -3.08 -11.35
CA PHE A 13 -4.67 -3.96 -10.36
C PHE A 13 -5.72 -4.93 -9.79
N ILE A 14 -6.92 -4.42 -9.58
CA ILE A 14 -8.01 -5.24 -9.04
C ILE A 14 -8.50 -6.24 -10.08
N GLU A 15 -8.41 -5.85 -11.35
CA GLU A 15 -8.85 -6.71 -12.43
C GLU A 15 -7.96 -7.95 -12.55
N GLN A 16 -6.66 -7.74 -12.31
CA GLN A 16 -5.70 -8.85 -12.39
C GLN A 16 -5.81 -9.73 -11.15
N PHE A 17 -6.34 -9.15 -10.08
CA PHE A 17 -6.49 -9.88 -8.82
C PHE A 17 -7.73 -10.78 -8.87
N ARG A 18 -8.76 -10.32 -9.57
CA ARG A 18 -10.00 -11.09 -9.69
C ARG A 18 -9.80 -12.32 -10.56
N GLN A 19 -9.31 -12.11 -11.78
CA GLN A 19 -9.10 -13.21 -12.73
C GLN A 19 -8.14 -14.27 -12.16
N GLU A 20 -7.25 -13.86 -11.27
CA GLU A 20 -6.31 -14.80 -10.68
C GLU A 20 -7.04 -15.73 -9.71
N LEU A 21 -7.97 -15.15 -8.94
CA LEU A 21 -8.72 -15.94 -7.96
C LEU A 21 -9.42 -17.13 -8.63
N LEU A 22 -9.96 -16.93 -9.84
CA LEU A 22 -10.62 -18.03 -10.53
C LEU A 22 -9.60 -19.11 -10.91
N ASN A 23 -8.40 -18.67 -11.26
CA ASN A 23 -7.34 -19.59 -11.63
C ASN A 23 -6.72 -20.24 -10.40
N ASN A 24 -6.63 -19.48 -9.31
CA ASN A 24 -6.06 -19.99 -8.06
C ASN A 24 -7.16 -20.51 -7.14
N GLN A 25 -7.49 -21.79 -7.29
CA GLN A 25 -8.52 -22.40 -6.48
C GLN A 25 -8.06 -22.54 -5.03
N MET A 26 -6.77 -22.78 -4.84
CA MET A 26 -6.22 -22.93 -3.50
C MET A 26 -6.22 -21.61 -2.75
N LEU A 27 -5.76 -20.55 -3.43
CA LEU A 27 -5.71 -19.23 -2.82
C LEU A 27 -7.12 -18.72 -2.51
N ARG A 28 -7.99 -18.77 -3.52
CA ARG A 28 -9.37 -18.31 -3.33
C ARG A 28 -10.02 -19.02 -2.15
N SER A 29 -9.71 -20.29 -1.99
CA SER A 29 -10.28 -21.08 -0.90
C SER A 29 -9.86 -20.53 0.47
N GLN A 30 -8.66 -19.96 0.54
CA GLN A 30 -8.17 -19.41 1.79
C GLN A 30 -8.90 -18.12 2.16
N LEU A 31 -9.30 -17.37 1.15
CA LEU A 31 -10.00 -16.11 1.38
C LEU A 31 -11.51 -16.34 1.55
N ILE A 32 -11.99 -17.47 1.05
CA ILE A 32 -13.42 -17.78 1.16
C ILE A 32 -13.79 -18.08 2.61
N LEU A 33 -12.84 -18.59 3.38
CA LEU A 33 -13.08 -18.91 4.78
C LEU A 33 -13.64 -17.71 5.53
N GLN A 34 -13.11 -16.52 5.25
CA GLN A 34 -13.57 -15.30 5.91
C GLN A 34 -14.80 -14.74 5.21
N ILE A 35 -14.75 -14.66 3.88
CA ILE A 35 -15.86 -14.14 3.09
C ILE A 35 -16.51 -15.28 2.28
N PRO A 36 -17.70 -15.72 2.61
CA PRO A 36 -18.36 -16.83 1.87
C PRO A 36 -18.93 -16.39 0.52
N GLY A 37 -19.20 -15.09 0.38
CA GLY A 37 -19.75 -14.56 -0.87
C GLY A 37 -18.66 -14.02 -1.79
N LEU A 38 -17.45 -14.56 -1.66
CA LEU A 38 -16.33 -14.12 -2.50
C LEU A 38 -16.43 -14.76 -3.88
N ASN A 39 -16.72 -16.06 -3.90
CA ASN A 39 -16.83 -16.79 -5.14
C ASN A 39 -17.96 -16.24 -6.01
N ASP A 40 -18.92 -15.59 -5.37
CA ASP A 40 -20.06 -15.02 -6.09
C ASP A 40 -19.70 -13.70 -6.75
N LEU A 41 -19.04 -12.82 -5.99
CA LEU A 41 -18.65 -11.52 -6.50
C LEU A 41 -17.54 -11.64 -7.53
N VAL A 42 -16.56 -12.48 -7.24
CA VAL A 42 -15.43 -12.68 -8.15
C VAL A 42 -15.93 -13.05 -9.55
N ASN A 43 -17.22 -13.35 -9.65
CA ASN A 43 -17.82 -13.73 -10.92
C ASN A 43 -18.19 -12.49 -11.73
N ASP A 44 -18.16 -11.32 -11.09
CA ASP A 44 -18.49 -10.06 -11.75
C ASP A 44 -17.41 -9.02 -11.46
N PRO A 45 -16.93 -8.29 -12.45
CA PRO A 45 -15.86 -7.26 -12.23
C PRO A 45 -16.38 -6.00 -11.56
N LEU A 46 -17.53 -5.50 -12.01
CA LEU A 46 -18.12 -4.29 -11.44
C LEU A 46 -18.36 -4.47 -9.94
N LEU A 47 -19.01 -5.56 -9.56
CA LEU A 47 -19.30 -5.82 -8.16
C LEU A 47 -18.02 -6.15 -7.39
N PHE A 48 -17.24 -7.09 -7.93
CA PHE A 48 -16.00 -7.48 -7.28
C PHE A 48 -15.10 -6.26 -7.06
N ARG A 49 -15.17 -5.31 -7.98
CA ARG A 49 -14.36 -4.11 -7.87
C ARG A 49 -14.92 -3.19 -6.80
N GLU A 50 -16.23 -2.99 -6.83
CA GLU A 50 -16.88 -2.12 -5.86
C GLU A 50 -16.82 -2.69 -4.44
N ARG A 51 -17.34 -3.90 -4.27
CA ARG A 51 -17.36 -4.54 -2.96
C ARG A 51 -15.97 -4.79 -2.39
N LEU A 52 -15.09 -5.40 -3.19
CA LEU A 52 -13.73 -5.71 -2.73
C LEU A 52 -12.69 -4.77 -3.31
N GLY A 53 -13.06 -3.50 -3.49
CA GLY A 53 -12.12 -2.51 -4.03
C GLY A 53 -11.21 -1.96 -2.94
N PRO A 54 -11.67 -1.00 -2.18
CA PRO A 54 -10.87 -0.37 -1.09
C PRO A 54 -10.03 -1.40 -0.30
N LEU A 55 -10.45 -2.67 -0.35
CA LEU A 55 -9.73 -3.72 0.37
C LEU A 55 -8.43 -4.10 -0.35
N ILE A 56 -8.54 -4.42 -1.63
CA ILE A 56 -7.38 -4.82 -2.41
C ILE A 56 -6.37 -3.68 -2.54
N LEU A 57 -6.87 -2.45 -2.58
CA LEU A 57 -6.00 -1.29 -2.71
C LEU A 57 -5.11 -1.12 -1.48
N GLN A 58 -5.56 -1.62 -0.34
CA GLN A 58 -4.81 -1.49 0.89
C GLN A 58 -3.37 -2.00 0.71
N ARG A 59 -3.21 -3.02 -0.12
CA ARG A 59 -1.88 -3.58 -0.38
C ARG A 59 -1.05 -2.63 -1.23
N ARG A 60 -1.59 -2.26 -2.38
CA ARG A 60 -0.88 -1.36 -3.29
C ARG A 60 -0.47 -0.07 -2.56
N TYR A 61 -1.45 0.59 -1.96
CA TYR A 61 -1.18 1.84 -1.24
C TYR A 61 -0.55 1.54 0.11
N GLY A 62 -0.47 0.25 0.46
CA GLY A 62 0.11 -0.16 1.74
C GLY A 62 1.63 -0.03 1.70
N GLY A 63 2.28 -0.56 2.73
CA GLY A 63 3.73 -0.49 2.81
C GLY A 63 4.27 -1.51 3.80
N TYR A 64 5.45 -1.25 4.34
CA TYR A 64 6.06 -2.15 5.31
C TYR A 64 5.41 -2.00 6.68
N ASN A 65 4.13 -1.62 6.68
CA ASN A 65 3.40 -1.44 7.92
C ASN A 65 2.95 -2.79 8.48
N THR A 66 2.50 -3.66 7.58
CA THR A 66 2.04 -4.99 7.99
C THR A 66 3.20 -5.82 8.54
N ALA A 67 4.40 -5.24 8.52
CA ALA A 67 5.58 -5.93 9.02
C ALA A 67 5.34 -6.47 10.42
N MET A 68 4.94 -5.60 11.33
CA MET A 68 4.67 -5.99 12.71
C MET A 68 5.92 -6.63 13.32
N ASN A 69 5.75 -7.78 13.96
CA ASN A 69 6.87 -8.47 14.58
C ASN A 69 7.53 -7.58 15.65
N PRO A 70 7.00 -7.59 16.85
CA PRO A 70 7.55 -6.76 17.97
C PRO A 70 9.06 -6.91 18.13
N PHE A 71 9.65 -7.83 17.37
CA PHE A 71 11.09 -8.06 17.43
C PHE A 71 11.82 -7.21 16.39
N GLY A 72 11.10 -6.81 15.34
CA GLY A 72 11.68 -5.98 14.29
C GLY A 72 12.39 -6.83 13.23
N ILE A 73 11.67 -7.80 12.67
CA ILE A 73 12.23 -8.67 11.64
C ILE A 73 11.19 -8.93 10.54
N PRO A 74 11.60 -9.18 9.32
CA PRO A 74 10.65 -9.44 8.20
C PRO A 74 9.81 -10.69 8.46
N GLN A 75 8.53 -10.61 8.12
CA GLN A 75 7.61 -11.73 8.32
C GLN A 75 8.26 -13.05 7.90
N ASP A 76 9.06 -13.00 6.84
CA ASP A 76 9.75 -14.20 6.36
C ASP A 76 10.46 -14.93 7.49
N GLU A 77 11.08 -14.16 8.38
CA GLU A 77 11.80 -14.74 9.51
C GLU A 77 10.87 -15.05 10.66
N TYR A 78 10.09 -14.04 11.06
CA TYR A 78 9.14 -14.21 12.17
C TYR A 78 8.31 -15.48 12.00
N THR A 79 7.96 -15.79 10.76
CA THR A 79 7.16 -16.98 10.47
C THR A 79 7.96 -18.25 10.76
N ARG A 80 9.26 -18.22 10.46
CA ARG A 80 10.11 -19.37 10.68
C ARG A 80 10.38 -19.56 12.18
N LEU A 81 10.47 -18.45 12.90
CA LEU A 81 10.74 -18.51 14.34
C LEU A 81 9.54 -19.11 15.08
N MET A 82 8.37 -18.50 14.91
CA MET A 82 7.17 -18.98 15.57
C MET A 82 6.78 -20.37 15.06
N ALA A 83 7.15 -20.67 13.83
CA ALA A 83 6.84 -21.98 13.24
C ALA A 83 7.73 -23.06 13.82
N ASN A 84 8.87 -22.66 14.38
CA ASN A 84 9.81 -23.61 14.97
C ASN A 84 10.64 -22.95 16.07
N PRO A 85 10.04 -22.62 17.17
CA PRO A 85 10.74 -21.95 18.30
C PRO A 85 11.50 -22.97 19.16
N ASP A 86 11.27 -24.25 18.90
CA ASP A 86 11.95 -25.31 19.65
C ASP A 86 13.34 -25.57 19.07
N ASP A 87 13.62 -24.99 17.91
CA ASP A 87 14.92 -25.15 17.27
C ASP A 87 16.03 -24.72 18.23
N PRO A 88 16.86 -25.63 18.70
CA PRO A 88 17.97 -25.27 19.64
C PRO A 88 18.72 -24.01 19.19
N ASP A 89 18.70 -23.77 17.89
CA ASP A 89 19.39 -22.60 17.34
C ASP A 89 18.58 -21.33 17.58
N ASN A 90 17.29 -21.37 17.28
CA ASN A 90 16.43 -20.22 17.46
C ASN A 90 16.50 -19.71 18.91
N LYS A 91 16.39 -20.62 19.86
CA LYS A 91 16.44 -20.25 21.27
C LYS A 91 17.61 -19.30 21.54
N LYS A 92 18.69 -19.48 20.80
CA LYS A 92 19.87 -18.63 20.96
C LYS A 92 19.67 -17.31 20.24
N ARG A 93 19.11 -17.37 19.04
CA ARG A 93 18.86 -16.17 18.25
C ARG A 93 17.83 -15.27 18.93
N ILE A 94 16.71 -15.86 19.31
CA ILE A 94 15.65 -15.11 19.97
C ILE A 94 16.19 -14.38 21.20
N ALA A 95 17.25 -14.92 21.80
CA ALA A 95 17.84 -14.31 22.97
C ALA A 95 18.60 -13.05 22.60
N GLU A 96 19.18 -13.02 21.41
CA GLU A 96 19.94 -11.86 20.96
C GLU A 96 19.04 -10.62 20.92
N LEU A 97 17.83 -10.80 20.40
CA LEU A 97 16.88 -9.68 20.30
C LEU A 97 16.69 -9.03 21.68
N LEU A 98 16.72 -9.85 22.72
CA LEU A 98 16.54 -9.34 24.08
C LEU A 98 17.83 -8.72 24.60
N ASP A 99 18.96 -9.25 24.14
CA ASP A 99 20.26 -8.74 24.58
C ASP A 99 20.43 -7.28 24.15
N GLN A 100 20.30 -7.03 22.85
CA GLN A 100 20.45 -5.68 22.33
C GLN A 100 19.43 -4.74 22.98
N GLN A 101 18.25 -5.28 23.28
CA GLN A 101 17.19 -4.47 23.90
C GLN A 101 17.56 -4.14 25.34
N ALA A 102 18.21 -5.08 26.01
CA ALA A 102 18.61 -4.87 27.40
C ALA A 102 19.83 -3.96 27.48
N ILE A 103 20.78 -4.18 26.58
CA ILE A 103 22.00 -3.38 26.55
C ILE A 103 21.69 -1.94 26.14
N ASP A 104 20.87 -1.80 25.10
CA ASP A 104 20.50 -0.47 24.61
C ASP A 104 19.68 0.28 25.67
N GLU A 105 18.98 -0.46 26.50
CA GLU A 105 18.16 0.15 27.54
C GLU A 105 19.01 1.04 28.44
N GLN A 106 20.09 0.46 28.97
CA GLN A 106 20.99 1.21 29.85
C GLN A 106 21.41 2.52 29.20
N LEU A 107 21.64 2.49 27.90
CA LEU A 107 22.04 3.68 27.17
C LEU A 107 20.87 4.65 27.01
N ARG A 108 19.68 4.09 26.84
CA ARG A 108 18.48 4.90 26.68
C ARG A 108 18.25 5.77 27.92
N ASN A 109 18.62 5.23 29.08
CA ASN A 109 18.44 5.96 30.32
C ASN A 109 19.43 7.13 30.40
N ALA A 110 20.60 6.94 29.79
CA ALA A 110 21.62 7.98 29.80
C ALA A 110 21.20 9.16 28.93
N ILE A 111 22.17 9.73 28.21
CA ILE A 111 21.89 10.86 27.34
C ILE A 111 21.15 11.96 28.11
N GLU A 112 21.89 12.98 28.53
CA GLU A 112 21.29 14.08 29.27
C GLU A 112 22.21 15.31 29.23
N TYR A 113 21.78 16.38 29.89
CA TYR A 113 22.58 17.61 29.91
C TYR A 113 22.10 18.52 31.04
N THR A 114 22.89 18.59 32.11
CA THR A 114 22.54 19.44 33.25
C THR A 114 23.74 19.63 34.16
N PRO A 115 24.76 20.30 33.69
CA PRO A 115 26.00 20.55 34.49
C PRO A 115 25.67 21.13 35.88
N GLU A 116 26.42 20.68 36.88
CA GLU A 116 26.21 21.15 38.24
C GLU A 116 26.85 22.52 38.44
N GLY A 1 10.93 2.80 -27.03
CA GLY A 1 10.46 1.71 -26.17
C GLY A 1 9.19 2.10 -25.43
N PRO A 2 8.11 2.26 -26.13
CA PRO A 2 6.80 2.64 -25.54
C PRO A 2 6.45 1.79 -24.31
N LEU A 3 5.94 2.42 -23.27
CA LEU A 3 5.57 1.71 -22.05
C LEU A 3 4.23 1.01 -22.23
N GLY A 4 4.02 0.43 -23.41
CA GLY A 4 2.78 -0.27 -23.69
C GLY A 4 2.56 -1.41 -22.70
N SER A 5 1.35 -1.48 -22.13
CA SER A 5 1.02 -2.52 -21.17
C SER A 5 2.10 -2.63 -20.11
N ALA A 6 2.07 -1.72 -19.15
CA ALA A 6 3.04 -1.71 -18.07
C ALA A 6 2.67 -0.70 -17.00
N THR A 7 1.40 -0.68 -16.62
CA THR A 7 0.92 0.25 -15.60
C THR A 7 -0.44 -0.18 -15.08
N LEU A 8 -0.44 -0.95 -13.99
CA LEU A 8 -1.68 -1.43 -13.40
C LEU A 8 -2.33 -0.34 -12.56
N SER A 9 -3.36 0.30 -13.11
CA SER A 9 -4.06 1.36 -12.40
C SER A 9 -4.85 0.77 -11.23
N ASP A 10 -5.61 1.61 -10.54
CA ASP A 10 -6.40 1.15 -9.41
C ASP A 10 -7.38 0.07 -9.84
N GLU A 11 -8.09 0.35 -10.93
CA GLU A 11 -9.07 -0.61 -11.45
C GLU A 11 -8.37 -1.77 -12.14
N ALA A 12 -7.38 -1.45 -12.97
CA ALA A 12 -6.63 -2.47 -13.70
C ALA A 12 -6.02 -3.48 -12.73
N PHE A 13 -5.38 -2.98 -11.68
CA PHE A 13 -4.76 -3.86 -10.70
C PHE A 13 -5.77 -4.82 -10.10
N ILE A 14 -6.99 -4.32 -9.89
CA ILE A 14 -8.05 -5.15 -9.32
C ILE A 14 -8.56 -6.15 -10.34
N GLU A 15 -8.51 -5.79 -11.61
CA GLU A 15 -8.97 -6.67 -12.67
C GLU A 15 -8.08 -7.91 -12.77
N GLN A 16 -6.81 -7.73 -12.44
CA GLN A 16 -5.86 -8.85 -12.49
C GLN A 16 -6.01 -9.74 -11.27
N PHE A 17 -6.28 -9.12 -10.12
CA PHE A 17 -6.44 -9.87 -8.88
C PHE A 17 -7.61 -10.85 -8.99
N ARG A 18 -8.61 -10.47 -9.77
CA ARG A 18 -9.78 -11.31 -9.99
C ARG A 18 -9.35 -12.62 -10.66
N GLN A 19 -8.64 -12.50 -11.77
CA GLN A 19 -8.18 -13.66 -12.51
C GLN A 19 -7.36 -14.62 -11.63
N GLU A 20 -6.64 -14.07 -10.66
CA GLU A 20 -5.82 -14.91 -9.78
C GLU A 20 -6.71 -15.88 -9.01
N LEU A 21 -7.74 -15.36 -8.35
CA LEU A 21 -8.64 -16.20 -7.58
C LEU A 21 -9.40 -17.17 -8.50
N LEU A 22 -9.87 -16.66 -9.64
CA LEU A 22 -10.61 -17.50 -10.58
C LEU A 22 -9.70 -18.60 -11.13
N ASN A 23 -8.42 -18.29 -11.29
CA ASN A 23 -7.46 -19.26 -11.83
C ASN A 23 -6.85 -20.09 -10.70
N ASN A 24 -6.76 -19.50 -9.51
CA ASN A 24 -6.19 -20.20 -8.35
C ASN A 24 -7.29 -20.70 -7.42
N GLN A 25 -7.56 -22.00 -7.49
CA GLN A 25 -8.60 -22.60 -6.65
C GLN A 25 -8.17 -22.63 -5.19
N MET A 26 -6.88 -22.86 -4.96
CA MET A 26 -6.35 -22.93 -3.60
C MET A 26 -6.35 -21.55 -2.94
N LEU A 27 -5.77 -20.57 -3.63
CA LEU A 27 -5.70 -19.21 -3.10
C LEU A 27 -7.11 -18.73 -2.70
N ARG A 28 -8.04 -18.84 -3.64
CA ARG A 28 -9.42 -18.42 -3.38
C ARG A 28 -9.97 -19.10 -2.13
N SER A 29 -9.79 -20.41 -2.04
CA SER A 29 -10.29 -21.17 -0.89
C SER A 29 -9.90 -20.52 0.43
N GLN A 30 -8.68 -20.00 0.51
CA GLN A 30 -8.20 -19.37 1.72
C GLN A 30 -9.00 -18.11 2.05
N LEU A 31 -9.49 -17.44 1.01
CA LEU A 31 -10.27 -16.22 1.19
C LEU A 31 -11.75 -16.54 1.41
N ILE A 32 -12.20 -17.68 0.90
CA ILE A 32 -13.59 -18.08 1.06
C ILE A 32 -13.98 -18.16 2.53
N LEU A 33 -13.07 -18.68 3.35
CA LEU A 33 -13.33 -18.80 4.79
C LEU A 33 -13.50 -17.43 5.43
N GLN A 34 -12.88 -16.41 4.82
CA GLN A 34 -12.98 -15.05 5.36
C GLN A 34 -14.17 -14.31 4.75
N ILE A 35 -14.42 -14.54 3.46
CA ILE A 35 -15.52 -13.89 2.76
C ILE A 35 -16.28 -14.91 1.90
N PRO A 36 -17.14 -15.69 2.50
CA PRO A 36 -17.93 -16.71 1.75
C PRO A 36 -18.54 -16.17 0.47
N GLY A 37 -19.08 -14.95 0.54
CA GLY A 37 -19.71 -14.34 -0.63
C GLY A 37 -18.69 -14.09 -1.74
N LEU A 38 -17.41 -14.25 -1.41
CA LEU A 38 -16.35 -14.03 -2.39
C LEU A 38 -16.71 -14.68 -3.73
N ASN A 39 -17.22 -15.90 -3.67
CA ASN A 39 -17.59 -16.62 -4.88
C ASN A 39 -18.53 -15.78 -5.73
N ASP A 40 -19.38 -14.99 -5.07
CA ASP A 40 -20.33 -14.14 -5.78
C ASP A 40 -19.65 -12.86 -6.30
N LEU A 41 -18.74 -12.33 -5.49
CA LEU A 41 -18.04 -11.10 -5.87
C LEU A 41 -17.10 -11.33 -7.05
N VAL A 42 -16.29 -12.37 -6.97
CA VAL A 42 -15.34 -12.67 -8.03
C VAL A 42 -16.06 -13.17 -9.29
N ASN A 43 -17.34 -13.52 -9.13
CA ASN A 43 -18.13 -14.01 -10.26
C ASN A 43 -18.53 -12.86 -11.18
N ASP A 44 -18.57 -11.65 -10.62
CA ASP A 44 -18.94 -10.46 -11.40
C ASP A 44 -17.69 -9.58 -11.59
N PRO A 45 -17.63 -8.80 -12.65
CA PRO A 45 -16.45 -7.92 -12.92
C PRO A 45 -16.47 -6.64 -12.09
N LEU A 46 -17.61 -5.95 -12.09
CA LEU A 46 -17.74 -4.70 -11.37
C LEU A 46 -17.91 -4.92 -9.86
N LEU A 47 -18.87 -5.78 -9.51
CA LEU A 47 -19.14 -6.05 -8.10
C LEU A 47 -17.83 -6.37 -7.38
N PHE A 48 -16.94 -7.07 -8.08
CA PHE A 48 -15.65 -7.44 -7.51
C PHE A 48 -14.85 -6.19 -7.19
N ARG A 49 -15.05 -5.14 -7.98
CA ARG A 49 -14.34 -3.89 -7.77
C ARG A 49 -14.97 -3.08 -6.64
N GLU A 50 -16.26 -2.82 -6.75
CA GLU A 50 -16.97 -2.03 -5.75
C GLU A 50 -16.84 -2.63 -4.35
N ARG A 51 -17.25 -3.89 -4.20
CA ARG A 51 -17.20 -4.56 -2.90
C ARG A 51 -15.77 -4.74 -2.38
N LEU A 52 -14.88 -5.30 -3.21
CA LEU A 52 -13.50 -5.55 -2.79
C LEU A 52 -12.52 -4.55 -3.40
N GLY A 53 -12.96 -3.33 -3.64
CA GLY A 53 -12.07 -2.32 -4.21
C GLY A 53 -11.08 -1.81 -3.17
N PRO A 54 -11.56 -1.31 -2.06
CA PRO A 54 -10.69 -0.78 -0.97
C PRO A 54 -9.76 -1.85 -0.40
N LEU A 55 -10.27 -3.06 -0.21
CA LEU A 55 -9.48 -4.14 0.35
C LEU A 55 -8.20 -4.36 -0.45
N ILE A 56 -8.35 -4.52 -1.76
CA ILE A 56 -7.19 -4.76 -2.63
C ILE A 56 -6.28 -3.54 -2.71
N LEU A 57 -6.87 -2.35 -2.71
CA LEU A 57 -6.09 -1.12 -2.79
C LEU A 57 -5.33 -0.86 -1.51
N GLN A 58 -5.96 -1.16 -0.37
CA GLN A 58 -5.31 -0.94 0.93
C GLN A 58 -3.94 -1.62 0.96
N ARG A 59 -3.84 -2.75 0.29
CA ARG A 59 -2.59 -3.50 0.26
C ARG A 59 -1.47 -2.63 -0.34
N ARG A 60 -1.64 -2.24 -1.60
CA ARG A 60 -0.65 -1.42 -2.28
C ARG A 60 -0.32 -0.18 -1.46
N TYR A 61 -1.36 0.49 -0.95
CA TYR A 61 -1.16 1.70 -0.16
C TYR A 61 -0.76 1.34 1.27
N GLY A 62 0.00 2.23 1.90
CA GLY A 62 0.45 1.99 3.28
C GLY A 62 1.67 2.85 3.59
N GLY A 63 1.46 4.15 3.73
CA GLY A 63 2.54 5.07 4.03
C GLY A 63 2.03 6.51 4.14
N TYR A 64 2.43 7.19 5.20
CA TYR A 64 2.01 8.58 5.41
C TYR A 64 2.80 9.51 4.50
N ASN A 65 2.64 10.82 4.73
CA ASN A 65 3.34 11.81 3.92
C ASN A 65 3.25 13.19 4.56
N THR A 66 3.90 13.35 5.71
CA THR A 66 3.89 14.62 6.45
C THR A 66 2.56 15.34 6.30
N ALA A 67 1.47 14.58 6.31
CA ALA A 67 0.15 15.18 6.18
C ALA A 67 -0.21 15.97 7.44
N MET A 68 -1.33 16.69 7.38
CA MET A 68 -1.77 17.49 8.52
C MET A 68 -2.42 16.61 9.58
N ASN A 69 -1.62 16.16 10.54
CA ASN A 69 -2.13 15.31 11.61
C ASN A 69 -3.35 15.96 12.26
N PRO A 70 -4.26 15.18 12.80
CA PRO A 70 -5.49 15.73 13.45
C PRO A 70 -5.17 16.40 14.79
N PHE A 71 -4.33 15.76 15.59
CA PHE A 71 -3.95 16.31 16.89
C PHE A 71 -2.92 17.41 16.72
N GLY A 72 -2.64 17.78 15.47
CA GLY A 72 -1.68 18.84 15.19
C GLY A 72 -0.30 18.49 15.75
N ILE A 73 0.21 17.31 15.38
CA ILE A 73 1.53 16.86 15.84
C ILE A 73 2.28 16.19 14.69
N PRO A 74 3.58 16.28 14.66
CA PRO A 74 4.40 15.66 13.56
C PRO A 74 4.24 14.13 13.54
N GLN A 75 4.11 13.58 12.34
CA GLN A 75 3.95 12.14 12.18
C GLN A 75 4.90 11.38 13.10
N ASP A 76 6.08 11.94 13.33
CA ASP A 76 7.07 11.30 14.19
C ASP A 76 6.45 10.91 15.53
N GLU A 77 5.70 11.83 16.13
CA GLU A 77 5.07 11.57 17.42
C GLU A 77 3.85 10.67 17.24
N TYR A 78 3.01 11.00 16.28
CA TYR A 78 1.80 10.22 16.01
C TYR A 78 2.11 8.73 15.94
N THR A 79 3.28 8.39 15.41
CA THR A 79 3.68 6.99 15.28
C THR A 79 3.98 6.38 16.65
N ARG A 80 4.53 7.19 17.54
CA ARG A 80 4.87 6.72 18.88
C ARG A 80 3.60 6.39 19.68
N LEU A 81 2.70 7.36 19.79
CA LEU A 81 1.47 7.17 20.53
C LEU A 81 0.70 5.96 19.99
N MET A 82 0.54 5.91 18.67
CA MET A 82 -0.18 4.80 18.04
C MET A 82 0.61 3.50 18.17
N ALA A 83 1.92 3.61 18.23
CA ALA A 83 2.77 2.43 18.36
C ALA A 83 2.73 1.87 19.77
N ASN A 84 2.36 2.73 20.73
CA ASN A 84 2.28 2.32 22.12
C ASN A 84 1.40 3.27 22.93
N PRO A 85 0.13 3.31 22.63
CA PRO A 85 -0.83 4.21 23.34
C PRO A 85 -1.22 3.65 24.71
N ASP A 86 -0.61 2.53 25.09
CA ASP A 86 -0.90 1.89 26.38
C ASP A 86 0.19 2.21 27.39
N ASP A 87 1.20 2.96 26.97
CA ASP A 87 2.30 3.33 27.85
C ASP A 87 1.89 4.47 28.78
N PRO A 88 2.18 4.40 30.07
CA PRO A 88 1.82 5.48 31.04
C PRO A 88 2.02 6.88 30.46
N ASP A 89 3.05 7.03 29.64
CA ASP A 89 3.35 8.32 29.03
C ASP A 89 2.41 8.60 27.86
N ASN A 90 2.36 7.66 26.92
CA ASN A 90 1.52 7.82 25.74
C ASN A 90 0.05 7.92 26.15
N LYS A 91 -0.30 7.29 27.27
CA LYS A 91 -1.68 7.32 27.75
C LYS A 91 -2.06 8.73 28.14
N LYS A 92 -1.20 9.39 28.91
CA LYS A 92 -1.47 10.75 29.35
C LYS A 92 -1.28 11.72 28.20
N ARG A 93 -0.26 11.46 27.38
CA ARG A 93 0.02 12.33 26.24
C ARG A 93 -1.22 12.52 25.39
N ILE A 94 -1.84 11.43 24.98
CA ILE A 94 -3.05 11.49 24.17
C ILE A 94 -4.12 12.33 24.86
N ALA A 95 -4.37 12.03 26.13
CA ALA A 95 -5.38 12.76 26.90
C ALA A 95 -5.23 14.26 26.70
N GLU A 96 -3.99 14.74 26.68
CA GLU A 96 -3.74 16.17 26.49
C GLU A 96 -4.26 16.64 25.14
N LEU A 97 -4.00 15.86 24.11
CA LEU A 97 -4.44 16.20 22.76
C LEU A 97 -5.95 16.47 22.74
N LEU A 98 -6.70 15.66 23.49
CA LEU A 98 -8.14 15.81 23.55
C LEU A 98 -8.52 16.94 24.50
N ASP A 99 -7.68 17.16 25.51
CA ASP A 99 -7.94 18.23 26.48
C ASP A 99 -8.01 19.58 25.80
N GLN A 100 -6.98 19.90 25.02
CA GLN A 100 -6.93 21.17 24.31
C GLN A 100 -8.22 21.41 23.52
N GLN A 101 -8.58 20.44 22.69
CA GLN A 101 -9.79 20.55 21.89
C GLN A 101 -11.03 20.64 22.77
N ALA A 102 -11.06 19.84 23.83
CA ALA A 102 -12.19 19.85 24.74
C ALA A 102 -12.46 21.25 25.26
N ILE A 103 -11.38 21.98 25.56
CA ILE A 103 -11.51 23.35 26.05
C ILE A 103 -12.00 24.28 24.96
N ASP A 104 -11.29 24.28 23.83
CA ASP A 104 -11.65 25.12 22.70
C ASP A 104 -13.03 24.74 22.15
N GLU A 105 -13.39 23.47 22.32
CA GLU A 105 -14.68 22.98 21.83
C GLU A 105 -15.82 23.78 22.45
N GLN A 106 -15.62 24.23 23.68
CA GLN A 106 -16.65 25.00 24.37
C GLN A 106 -16.84 26.36 23.70
N LEU A 107 -15.75 27.07 23.48
CA LEU A 107 -15.80 28.38 22.85
C LEU A 107 -16.21 28.24 21.38
N ARG A 108 -15.64 27.25 20.71
CA ARG A 108 -15.96 27.02 19.29
C ARG A 108 -17.43 26.67 19.13
N ASN A 109 -17.93 25.79 19.99
CA ASN A 109 -19.32 25.38 19.93
C ASN A 109 -20.24 26.56 20.25
N ALA A 110 -19.77 27.46 21.10
CA ALA A 110 -20.56 28.63 21.49
C ALA A 110 -20.54 29.67 20.38
N ILE A 111 -20.07 29.28 19.20
CA ILE A 111 -20.00 30.19 18.08
C ILE A 111 -19.22 31.45 18.44
N GLU A 112 -19.92 32.41 19.05
CA GLU A 112 -19.28 33.66 19.46
C GLU A 112 -18.72 34.39 18.24
N TYR A 113 -17.61 33.89 17.71
CA TYR A 113 -16.98 34.51 16.55
C TYR A 113 -15.85 33.63 16.02
N THR A 114 -16.13 32.89 14.96
CA THR A 114 -15.13 32.02 14.36
C THR A 114 -15.56 31.56 12.97
N PRO A 115 -15.83 32.49 12.09
CA PRO A 115 -16.27 32.18 10.70
C PRO A 115 -15.13 31.62 9.84
N GLU A 116 -14.80 30.36 10.06
CA GLU A 116 -13.72 29.72 9.31
C GLU A 116 -14.17 29.42 7.88
#